data_2L4A
#
_entry.id   2L4A
#
_entity_poly.entity_id   1
_entity_poly.type   'polypeptide(L)'
_entity_poly.pdbx_seq_one_letter_code
;MVDSKKRPGKDLDRIDRNILNELQKDGRISNVELSKRVGLSPTPCLERVRRLERQGFIQGYTALLN
;
_entity_poly.pdbx_strand_id   A
#
# COMPACT_ATOMS: atom_id res chain seq x y z
N MET A 1 -10.36 10.47 -12.69
CA MET A 1 -11.78 10.01 -12.73
C MET A 1 -12.12 9.21 -11.45
N VAL A 2 -11.14 8.59 -10.83
CA VAL A 2 -11.43 7.82 -9.58
C VAL A 2 -10.14 7.32 -8.91
N ASP A 3 -10.25 6.39 -7.99
CA ASP A 3 -9.05 5.85 -7.29
C ASP A 3 -8.32 6.96 -6.53
N SER A 4 -7.61 7.80 -7.23
CA SER A 4 -6.87 8.92 -6.56
C SER A 4 -5.63 8.42 -5.83
N LYS A 5 -5.24 7.18 -6.05
CA LYS A 5 -4.02 6.68 -5.37
C LYS A 5 -2.78 7.01 -6.21
N LYS A 6 -2.79 8.14 -6.87
CA LYS A 6 -1.62 8.53 -7.71
C LYS A 6 -0.34 8.46 -6.89
N ARG A 7 -0.24 9.27 -5.89
CA ARG A 7 1.00 9.27 -5.06
C ARG A 7 2.21 9.35 -6.01
N PRO A 8 3.36 8.87 -5.61
CA PRO A 8 4.52 8.95 -6.51
C PRO A 8 4.38 7.89 -7.62
N GLY A 9 3.31 7.95 -8.38
CA GLY A 9 3.10 6.98 -9.48
C GLY A 9 4.25 7.07 -10.47
N LYS A 10 4.55 8.25 -10.93
CA LYS A 10 5.68 8.42 -11.90
C LYS A 10 6.87 7.60 -11.42
N ASP A 11 6.93 7.38 -10.14
CA ASP A 11 8.04 6.58 -9.56
C ASP A 11 7.51 5.75 -8.39
N LEU A 12 6.74 4.75 -8.70
CA LEU A 12 6.14 3.90 -7.62
C LEU A 12 6.37 2.41 -7.93
N ASP A 13 6.82 1.66 -6.96
CA ASP A 13 7.05 0.20 -7.20
C ASP A 13 5.72 -0.52 -7.35
N ARG A 14 5.66 -1.45 -8.26
CA ARG A 14 4.40 -2.18 -8.48
C ARG A 14 3.79 -2.63 -7.15
N ILE A 15 4.62 -2.92 -6.18
CA ILE A 15 4.08 -3.38 -4.87
C ILE A 15 3.38 -2.25 -4.11
N ASP A 16 3.88 -1.05 -4.20
CA ASP A 16 3.23 0.06 -3.46
C ASP A 16 1.92 0.50 -4.14
N ARG A 17 1.97 0.83 -5.41
CA ARG A 17 0.71 1.29 -6.08
C ARG A 17 -0.38 0.23 -5.97
N ASN A 18 -0.07 -0.99 -6.23
CA ASN A 18 -1.10 -2.04 -6.13
C ASN A 18 -1.52 -2.17 -4.67
N ILE A 19 -0.60 -1.94 -3.77
CA ILE A 19 -0.95 -2.03 -2.33
C ILE A 19 -1.87 -0.85 -1.99
N LEU A 20 -1.61 0.30 -2.56
CA LEU A 20 -2.50 1.47 -2.28
C LEU A 20 -3.86 1.20 -2.88
N ASN A 21 -3.89 0.60 -4.05
CA ASN A 21 -5.18 0.28 -4.70
C ASN A 21 -5.92 -0.76 -3.85
N GLU A 22 -5.18 -1.60 -3.18
CA GLU A 22 -5.83 -2.63 -2.32
C GLU A 22 -6.26 -1.99 -1.01
N LEU A 23 -5.51 -1.02 -0.54
CA LEU A 23 -5.89 -0.36 0.73
C LEU A 23 -7.16 0.46 0.48
N GLN A 24 -7.23 1.13 -0.63
CA GLN A 24 -8.45 1.92 -0.94
C GLN A 24 -9.64 0.97 -1.10
N LYS A 25 -9.41 -0.17 -1.70
CA LYS A 25 -10.51 -1.15 -1.85
C LYS A 25 -10.71 -1.86 -0.53
N ASP A 26 -9.71 -1.83 0.30
CA ASP A 26 -9.84 -2.48 1.62
C ASP A 26 -9.14 -1.63 2.68
N GLY A 27 -9.83 -0.72 3.30
CA GLY A 27 -9.20 0.15 4.33
C GLY A 27 -9.15 -0.57 5.68
N ARG A 28 -9.36 -1.86 5.69
CA ARG A 28 -9.32 -2.61 6.98
C ARG A 28 -8.42 -3.83 6.84
N ILE A 29 -7.44 -3.78 5.97
CA ILE A 29 -6.53 -4.94 5.78
C ILE A 29 -5.17 -4.64 6.41
N SER A 30 -4.62 -5.61 7.08
CA SER A 30 -3.31 -5.39 7.74
C SER A 30 -2.18 -5.48 6.70
N ASN A 31 -1.22 -6.35 6.90
CA ASN A 31 -0.11 -6.48 5.91
C ASN A 31 -0.03 -7.91 5.39
N VAL A 32 -0.13 -8.89 6.25
CA VAL A 32 -0.08 -10.30 5.75
C VAL A 32 -0.97 -10.42 4.51
N GLU A 33 -2.21 -10.05 4.64
CA GLU A 33 -3.09 -10.10 3.45
C GLU A 33 -2.55 -9.08 2.45
N LEU A 34 -2.25 -7.89 2.93
CA LEU A 34 -1.69 -6.86 2.03
C LEU A 34 -0.45 -7.41 1.30
N SER A 35 0.12 -8.46 1.83
CA SER A 35 1.32 -9.07 1.19
C SER A 35 0.90 -10.10 0.13
N LYS A 36 -0.21 -10.75 0.31
CA LYS A 36 -0.66 -11.78 -0.67
C LYS A 36 -1.47 -11.19 -1.83
N ARG A 37 -2.22 -10.14 -1.62
CA ARG A 37 -3.03 -9.57 -2.73
C ARG A 37 -2.14 -8.95 -3.79
N VAL A 38 -0.93 -8.67 -3.43
CA VAL A 38 0.00 -8.07 -4.42
C VAL A 38 1.01 -9.12 -4.90
N GLY A 39 1.04 -10.24 -4.26
CA GLY A 39 1.95 -11.33 -4.69
C GLY A 39 3.34 -11.19 -4.05
N LEU A 40 3.40 -10.83 -2.79
CA LEU A 40 4.74 -10.71 -2.13
C LEU A 40 4.66 -11.10 -0.67
N SER A 41 5.78 -11.20 -0.02
CA SER A 41 5.76 -11.52 1.42
C SER A 41 5.37 -10.27 2.15
N PRO A 42 4.89 -10.46 3.33
CA PRO A 42 4.45 -9.31 4.11
C PRO A 42 5.63 -8.55 4.70
N THR A 43 6.60 -9.22 5.25
CA THR A 43 7.78 -8.50 5.83
C THR A 43 8.16 -7.35 4.88
N PRO A 44 8.34 -7.67 3.64
CA PRO A 44 8.67 -6.64 2.63
C PRO A 44 7.41 -5.89 2.20
N CYS A 45 6.28 -6.57 2.07
CA CYS A 45 5.03 -5.85 1.68
C CYS A 45 4.98 -4.56 2.46
N LEU A 46 5.22 -4.66 3.73
CA LEU A 46 5.26 -3.46 4.58
C LEU A 46 6.38 -2.58 4.06
N GLU A 47 7.56 -3.13 3.92
CA GLU A 47 8.68 -2.31 3.38
C GLU A 47 8.16 -1.51 2.18
N ARG A 48 7.29 -2.14 1.41
CA ARG A 48 6.70 -1.44 0.22
C ARG A 48 5.67 -0.43 0.73
N VAL A 49 4.84 -0.83 1.64
CA VAL A 49 3.81 0.10 2.20
C VAL A 49 4.50 1.23 2.97
N ARG A 50 5.53 0.89 3.69
CA ARG A 50 6.26 1.94 4.47
C ARG A 50 6.70 3.02 3.53
N ARG A 51 7.24 2.63 2.43
CA ARG A 51 7.65 3.63 1.41
C ARG A 51 6.43 4.51 1.12
N LEU A 52 5.29 3.90 1.05
CA LEU A 52 4.04 4.69 0.81
C LEU A 52 3.68 5.48 2.07
N GLU A 53 4.20 5.07 3.19
CA GLU A 53 3.92 5.79 4.47
C GLU A 53 4.72 7.09 4.52
N ARG A 54 6.00 7.01 4.28
CA ARG A 54 6.85 8.24 4.32
C ARG A 54 6.27 9.31 3.41
N GLN A 55 5.61 8.92 2.35
CA GLN A 55 5.01 9.94 1.43
C GLN A 55 3.65 10.39 1.95
N GLY A 56 3.33 10.02 3.16
CA GLY A 56 2.01 10.43 3.75
C GLY A 56 0.87 9.79 2.96
N PHE A 57 0.94 8.52 2.71
CA PHE A 57 -0.15 7.85 1.94
C PHE A 57 -0.64 6.60 2.70
N ILE A 58 -0.17 6.41 3.90
CA ILE A 58 -0.61 5.22 4.70
C ILE A 58 -0.91 5.67 6.13
N GLN A 59 -1.53 6.81 6.27
CA GLN A 59 -1.90 7.30 7.63
C GLN A 59 -3.32 6.84 7.97
N GLY A 60 -3.97 6.22 7.02
CA GLY A 60 -5.35 5.72 7.25
C GLY A 60 -5.47 4.32 6.65
N TYR A 61 -4.88 4.12 5.49
CA TYR A 61 -4.92 2.77 4.85
C TYR A 61 -4.33 1.74 5.80
N THR A 62 -3.18 1.18 5.49
CA THR A 62 -2.61 0.18 6.42
C THR A 62 -1.75 0.87 7.45
N ALA A 63 -1.97 2.14 7.65
CA ALA A 63 -1.17 2.89 8.65
C ALA A 63 -0.96 1.99 9.88
N LEU A 64 -1.92 1.14 10.13
CA LEU A 64 -1.84 0.19 11.28
C LEU A 64 -0.56 -0.63 11.23
N LEU A 65 -0.12 -0.91 10.05
CA LEU A 65 1.12 -1.72 9.87
C LEU A 65 2.20 -1.32 10.87
N ASN A 66 2.14 -0.13 11.36
CA ASN A 66 3.16 0.33 12.35
C ASN A 66 2.90 -0.32 13.71
N MET A 1 -7.27 9.15 -1.45
CA MET A 1 -7.66 10.29 -2.35
C MET A 1 -9.08 10.07 -2.89
N VAL A 2 -9.45 10.82 -3.89
CA VAL A 2 -10.82 10.65 -4.46
C VAL A 2 -10.86 9.50 -5.46
N ASP A 3 -10.93 8.28 -4.97
CA ASP A 3 -10.97 7.11 -5.89
C ASP A 3 -9.93 7.27 -7.01
N SER A 4 -8.72 6.86 -6.76
CA SER A 4 -7.67 6.99 -7.81
C SER A 4 -6.60 5.91 -7.63
N LYS A 5 -6.28 5.57 -6.42
CA LYS A 5 -5.25 4.51 -6.17
C LYS A 5 -3.88 5.01 -6.62
N LYS A 6 -3.51 6.19 -6.22
CA LYS A 6 -2.17 6.73 -6.62
C LYS A 6 -1.77 7.86 -5.68
N ARG A 7 -1.29 7.55 -4.50
CA ARG A 7 -0.88 8.61 -3.54
C ARG A 7 0.41 9.29 -4.01
N PRO A 8 1.43 8.48 -4.17
CA PRO A 8 2.74 9.01 -4.61
C PRO A 8 2.68 9.46 -6.07
N GLY A 9 2.15 8.63 -6.94
CA GLY A 9 2.06 9.01 -8.38
C GLY A 9 3.46 8.97 -9.01
N LYS A 10 3.54 9.10 -10.30
CA LYS A 10 4.87 9.07 -10.97
C LYS A 10 5.66 7.83 -10.54
N ASP A 11 6.94 7.96 -10.35
CA ASP A 11 7.75 6.78 -9.92
C ASP A 11 7.01 6.01 -8.82
N LEU A 12 6.50 4.86 -9.14
CA LEU A 12 5.76 4.06 -8.11
C LEU A 12 6.12 2.58 -8.21
N ASP A 13 6.46 1.96 -7.13
CA ASP A 13 6.81 0.51 -7.16
C ASP A 13 5.55 -0.33 -7.40
N ARG A 14 5.60 -1.23 -8.33
CA ARG A 14 4.39 -2.06 -8.61
C ARG A 14 3.76 -2.54 -7.30
N ILE A 15 4.57 -2.81 -6.30
CA ILE A 15 4.02 -3.29 -5.01
C ILE A 15 3.33 -2.14 -4.25
N ASP A 16 3.67 -0.92 -4.59
CA ASP A 16 3.02 0.23 -3.89
C ASP A 16 1.69 0.58 -4.57
N ARG A 17 1.72 0.91 -5.82
CA ARG A 17 0.46 1.25 -6.53
C ARG A 17 -0.56 0.13 -6.37
N ASN A 18 -0.11 -1.09 -6.45
CA ASN A 18 -1.05 -2.22 -6.27
C ASN A 18 -1.49 -2.28 -4.81
N ILE A 19 -0.59 -2.06 -3.90
CA ILE A 19 -0.98 -2.07 -2.47
C ILE A 19 -1.87 -0.87 -2.18
N LEU A 20 -1.63 0.23 -2.86
CA LEU A 20 -2.50 1.42 -2.64
C LEU A 20 -3.88 1.15 -3.20
N ASN A 21 -3.97 0.43 -4.29
CA ASN A 21 -5.29 0.09 -4.85
C ASN A 21 -6.02 -0.85 -3.89
N GLU A 22 -5.29 -1.74 -3.26
CA GLU A 22 -5.92 -2.66 -2.28
C GLU A 22 -6.37 -1.88 -1.04
N LEU A 23 -5.57 -0.93 -0.62
CA LEU A 23 -5.95 -0.13 0.56
C LEU A 23 -7.21 0.68 0.25
N GLN A 24 -7.45 0.95 -1.01
CA GLN A 24 -8.67 1.72 -1.39
C GLN A 24 -9.90 0.80 -1.31
N LYS A 25 -9.76 -0.43 -1.71
CA LYS A 25 -10.90 -1.37 -1.65
C LYS A 25 -11.00 -1.98 -0.26
N ASP A 26 -9.91 -2.02 0.45
CA ASP A 26 -9.94 -2.59 1.82
C ASP A 26 -9.19 -1.67 2.79
N GLY A 27 -9.88 -0.73 3.39
CA GLY A 27 -9.20 0.20 4.34
C GLY A 27 -9.04 -0.48 5.70
N ARG A 28 -9.32 -1.75 5.79
CA ARG A 28 -9.17 -2.46 7.09
C ARG A 28 -8.21 -3.64 6.95
N ILE A 29 -7.14 -3.47 6.20
CA ILE A 29 -6.17 -4.58 6.03
C ILE A 29 -4.81 -4.18 6.59
N SER A 30 -4.14 -5.09 7.25
CA SER A 30 -2.81 -4.76 7.82
C SER A 30 -1.71 -4.99 6.78
N ASN A 31 -0.92 -6.02 6.95
CA ASN A 31 0.18 -6.29 5.97
C ASN A 31 0.11 -7.74 5.50
N VAL A 32 -0.06 -8.68 6.39
CA VAL A 32 -0.14 -10.10 5.96
C VAL A 32 -1.09 -10.20 4.77
N GLU A 33 -2.32 -9.83 4.96
CA GLU A 33 -3.28 -9.86 3.82
C GLU A 33 -2.82 -8.86 2.76
N LEU A 34 -2.14 -7.82 3.17
CA LEU A 34 -1.62 -6.82 2.21
C LEU A 34 -0.42 -7.38 1.47
N SER A 35 0.14 -8.44 1.98
CA SER A 35 1.33 -9.05 1.32
C SER A 35 0.91 -10.04 0.23
N LYS A 36 -0.07 -10.86 0.51
CA LYS A 36 -0.52 -11.86 -0.50
C LYS A 36 -1.49 -11.23 -1.51
N ARG A 37 -2.11 -10.14 -1.15
CA ARG A 37 -3.08 -9.50 -2.10
C ARG A 37 -2.33 -8.85 -3.25
N VAL A 38 -1.08 -8.61 -3.08
CA VAL A 38 -0.27 -8.00 -4.18
C VAL A 38 0.70 -9.02 -4.74
N GLY A 39 0.83 -10.14 -4.10
CA GLY A 39 1.74 -11.20 -4.61
C GLY A 39 3.15 -11.05 -4.01
N LEU A 40 3.23 -10.72 -2.75
CA LEU A 40 4.58 -10.59 -2.11
C LEU A 40 4.51 -10.93 -0.63
N SER A 41 5.62 -11.25 -0.04
CA SER A 41 5.62 -11.53 1.41
C SER A 41 5.32 -10.26 2.16
N PRO A 42 4.82 -10.43 3.35
CA PRO A 42 4.45 -9.27 4.15
C PRO A 42 5.70 -8.55 4.65
N THR A 43 6.63 -9.26 5.22
CA THR A 43 7.88 -8.60 5.71
C THR A 43 8.27 -7.47 4.76
N PRO A 44 8.41 -7.81 3.50
CA PRO A 44 8.75 -6.80 2.47
C PRO A 44 7.51 -5.97 2.14
N CYS A 45 6.37 -6.60 2.01
CA CYS A 45 5.13 -5.82 1.72
C CYS A 45 5.17 -4.53 2.52
N LEU A 46 5.37 -4.64 3.80
CA LEU A 46 5.50 -3.43 4.63
C LEU A 46 6.60 -2.56 4.05
N GLU A 47 7.73 -3.14 3.78
CA GLU A 47 8.83 -2.37 3.15
C GLU A 47 8.25 -1.53 2.00
N ARG A 48 7.43 -2.13 1.19
CA ARG A 48 6.81 -1.39 0.06
C ARG A 48 5.81 -0.36 0.60
N VAL A 49 4.90 -0.80 1.44
CA VAL A 49 3.91 0.14 2.02
C VAL A 49 4.60 1.18 2.90
N ARG A 50 5.30 0.75 3.92
CA ARG A 50 5.99 1.73 4.80
C ARG A 50 6.60 2.84 3.96
N ARG A 51 7.25 2.48 2.89
CA ARG A 51 7.83 3.52 2.01
C ARG A 51 6.74 4.52 1.65
N LEU A 52 5.59 4.03 1.27
CA LEU A 52 4.46 4.94 0.95
C LEU A 52 4.07 5.73 2.20
N GLU A 53 4.29 5.17 3.35
CA GLU A 53 3.93 5.88 4.62
C GLU A 53 4.81 7.11 4.80
N ARG A 54 6.10 6.94 4.81
CA ARG A 54 7.02 8.11 4.98
C ARG A 54 6.58 9.27 4.09
N GLN A 55 5.89 8.98 3.02
CA GLN A 55 5.43 10.07 2.11
C GLN A 55 4.00 10.48 2.46
N GLY A 56 3.44 9.92 3.49
CA GLY A 56 2.05 10.28 3.88
C GLY A 56 1.05 9.64 2.92
N PHE A 57 1.24 8.38 2.61
CA PHE A 57 0.29 7.69 1.69
C PHE A 57 -0.41 6.54 2.42
N ILE A 58 -0.10 6.36 3.67
CA ILE A 58 -0.75 5.25 4.44
C ILE A 58 -1.13 5.73 5.84
N GLN A 59 -1.84 6.81 5.94
CA GLN A 59 -2.25 7.32 7.28
C GLN A 59 -3.65 6.79 7.62
N GLY A 60 -4.37 6.34 6.63
CA GLY A 60 -5.72 5.80 6.88
C GLY A 60 -5.78 4.35 6.38
N TYR A 61 -5.13 4.07 5.28
CA TYR A 61 -5.11 2.68 4.75
C TYR A 61 -4.55 1.72 5.79
N THR A 62 -3.43 1.10 5.51
CA THR A 62 -2.84 0.18 6.51
C THR A 62 -1.89 0.95 7.40
N ALA A 63 -2.12 2.23 7.57
CA ALA A 63 -1.22 3.04 8.43
C ALA A 63 -0.81 2.22 9.66
N LEU A 64 -1.65 1.31 10.08
CA LEU A 64 -1.32 0.47 11.26
C LEU A 64 0.00 -0.26 11.04
N LEU A 65 0.25 -0.62 9.82
CA LEU A 65 1.52 -1.35 9.50
C LEU A 65 2.74 -0.44 9.72
N ASN A 66 2.50 0.81 10.03
CA ASN A 66 3.65 1.74 10.25
C ASN A 66 4.48 1.28 11.45
N MET A 1 -7.81 16.45 -3.92
CA MET A 1 -8.62 15.22 -4.16
C MET A 1 -8.75 14.97 -5.66
N VAL A 2 -7.65 14.90 -6.37
CA VAL A 2 -7.72 14.65 -7.84
C VAL A 2 -6.76 13.53 -8.23
N ASP A 3 -6.19 12.85 -7.27
CA ASP A 3 -5.25 11.74 -7.59
C ASP A 3 -5.36 10.64 -6.54
N SER A 4 -6.55 10.26 -6.18
CA SER A 4 -6.72 9.18 -5.17
C SER A 4 -5.81 7.99 -5.49
N LYS A 5 -5.76 7.01 -4.64
CA LYS A 5 -4.89 5.83 -4.90
C LYS A 5 -3.44 6.29 -5.13
N LYS A 6 -2.75 5.69 -6.07
CA LYS A 6 -1.34 6.09 -6.32
C LYS A 6 -1.16 7.59 -6.13
N ARG A 7 -0.68 7.99 -4.98
CA ARG A 7 -0.50 9.46 -4.72
C ARG A 7 0.63 10.01 -5.58
N PRO A 8 1.81 9.48 -5.39
CA PRO A 8 2.98 9.93 -6.15
C PRO A 8 2.90 9.42 -7.60
N GLY A 9 2.38 8.24 -7.80
CA GLY A 9 2.29 7.71 -9.19
C GLY A 9 3.68 7.68 -9.83
N LYS A 10 3.79 8.08 -11.06
CA LYS A 10 5.12 8.07 -11.73
C LYS A 10 5.89 6.80 -11.38
N ASP A 11 7.18 6.91 -11.17
CA ASP A 11 7.98 5.70 -10.80
C ASP A 11 7.43 5.07 -9.52
N LEU A 12 6.66 4.03 -9.65
CA LEU A 12 6.09 3.37 -8.44
C LEU A 12 6.17 1.85 -8.58
N ASP A 13 6.81 1.19 -7.65
CA ASP A 13 6.90 -0.30 -7.73
C ASP A 13 5.50 -0.91 -7.72
N ARG A 14 5.26 -1.86 -8.58
CA ARG A 14 3.91 -2.47 -8.62
C ARG A 14 3.44 -2.86 -7.22
N ILE A 15 4.37 -3.00 -6.30
CA ILE A 15 3.99 -3.37 -4.90
C ILE A 15 3.34 -2.18 -4.19
N ASP A 16 3.92 -1.02 -4.31
CA ASP A 16 3.33 0.17 -3.64
C ASP A 16 2.04 0.58 -4.33
N ARG A 17 1.97 0.44 -5.62
CA ARG A 17 0.73 0.82 -6.34
C ARG A 17 -0.39 -0.15 -6.01
N ASN A 18 -0.25 -1.38 -6.39
CA ASN A 18 -1.30 -2.38 -6.07
C ASN A 18 -1.61 -2.34 -4.58
N ILE A 19 -0.65 -1.93 -3.79
CA ILE A 19 -0.90 -1.85 -2.34
C ILE A 19 -1.86 -0.69 -2.05
N LEU A 20 -1.61 0.45 -2.64
CA LEU A 20 -2.55 1.60 -2.41
C LEU A 20 -3.91 1.25 -2.99
N ASN A 21 -3.94 0.49 -4.06
CA ASN A 21 -5.25 0.09 -4.65
C ASN A 21 -5.94 -0.91 -3.71
N GLU A 22 -5.16 -1.66 -2.97
CA GLU A 22 -5.76 -2.64 -2.03
C GLU A 22 -6.25 -1.93 -0.78
N LEU A 23 -5.56 -0.91 -0.35
CA LEU A 23 -6.01 -0.17 0.86
C LEU A 23 -7.30 0.59 0.55
N GLN A 24 -7.41 1.09 -0.66
CA GLN A 24 -8.65 1.82 -1.05
C GLN A 24 -9.79 0.82 -1.28
N LYS A 25 -9.49 -0.33 -1.83
CA LYS A 25 -10.55 -1.34 -2.06
C LYS A 25 -10.90 -2.03 -0.76
N ASP A 26 -9.92 -2.27 0.07
CA ASP A 26 -10.19 -2.93 1.37
C ASP A 26 -9.72 -2.05 2.53
N GLY A 27 -10.47 -1.02 2.84
CA GLY A 27 -10.08 -0.12 3.96
C GLY A 27 -10.16 -0.88 5.29
N ARG A 28 -9.45 -1.97 5.41
CA ARG A 28 -9.50 -2.75 6.67
C ARG A 28 -8.48 -3.89 6.62
N ILE A 29 -7.33 -3.64 6.03
CA ILE A 29 -6.30 -4.70 5.94
C ILE A 29 -4.99 -4.22 6.56
N SER A 30 -4.18 -5.14 7.04
CA SER A 30 -2.90 -4.72 7.67
C SER A 30 -1.73 -4.92 6.68
N ASN A 31 -1.08 -6.05 6.74
CA ASN A 31 0.06 -6.29 5.80
C ASN A 31 0.02 -7.73 5.28
N VAL A 32 -0.18 -8.69 6.14
CA VAL A 32 -0.25 -10.10 5.67
C VAL A 32 -1.11 -10.18 4.42
N GLU A 33 -2.38 -9.88 4.54
CA GLU A 33 -3.25 -9.89 3.35
C GLU A 33 -2.74 -8.84 2.36
N LEU A 34 -2.10 -7.82 2.86
CA LEU A 34 -1.53 -6.77 1.97
C LEU A 34 -0.30 -7.32 1.26
N SER A 35 0.24 -8.41 1.75
CA SER A 35 1.45 -9.01 1.13
C SER A 35 1.05 -10.01 0.03
N LYS A 36 -0.02 -10.73 0.24
CA LYS A 36 -0.43 -11.76 -0.77
C LYS A 36 -1.26 -11.12 -1.89
N ARG A 37 -2.27 -10.35 -1.55
CA ARG A 37 -3.11 -9.72 -2.60
C ARG A 37 -2.24 -8.92 -3.56
N VAL A 38 -1.05 -8.62 -3.16
CA VAL A 38 -0.13 -7.84 -4.04
C VAL A 38 0.86 -8.79 -4.72
N GLY A 39 1.07 -9.94 -4.15
CA GLY A 39 1.99 -10.93 -4.78
C GLY A 39 3.40 -10.81 -4.15
N LEU A 40 3.48 -10.60 -2.87
CA LEU A 40 4.83 -10.50 -2.23
C LEU A 40 4.77 -10.90 -0.76
N SER A 41 5.89 -11.12 -0.15
CA SER A 41 5.90 -11.46 1.29
C SER A 41 5.46 -10.24 2.07
N PRO A 42 4.94 -10.49 3.23
CA PRO A 42 4.45 -9.38 4.06
C PRO A 42 5.62 -8.61 4.67
N THR A 43 6.60 -9.30 5.21
CA THR A 43 7.76 -8.58 5.81
C THR A 43 8.14 -7.39 4.91
N PRO A 44 8.38 -7.68 3.67
CA PRO A 44 8.72 -6.61 2.70
C PRO A 44 7.45 -5.84 2.31
N CYS A 45 6.35 -6.52 2.13
CA CYS A 45 5.09 -5.81 1.78
C CYS A 45 5.03 -4.52 2.58
N LEU A 46 5.28 -4.61 3.85
CA LEU A 46 5.31 -3.40 4.68
C LEU A 46 6.43 -2.50 4.18
N GLU A 47 7.60 -3.05 4.02
CA GLU A 47 8.71 -2.23 3.49
C GLU A 47 8.22 -1.45 2.27
N ARG A 48 7.39 -2.09 1.47
CA ARG A 48 6.82 -1.38 0.28
C ARG A 48 5.82 -0.32 0.75
N VAL A 49 4.82 -0.74 1.47
CA VAL A 49 3.83 0.24 2.01
C VAL A 49 4.58 1.33 2.79
N ARG A 50 5.43 0.93 3.69
CA ARG A 50 6.21 1.93 4.47
C ARG A 50 6.67 3.05 3.54
N ARG A 51 7.34 2.70 2.49
CA ARG A 51 7.78 3.74 1.53
C ARG A 51 6.61 4.67 1.25
N LEU A 52 5.44 4.12 1.04
CA LEU A 52 4.24 4.97 0.81
C LEU A 52 3.87 5.69 2.10
N GLU A 53 4.22 5.12 3.22
CA GLU A 53 3.91 5.77 4.53
C GLU A 53 4.77 7.01 4.73
N ARG A 54 6.05 6.83 4.88
CA ARG A 54 6.96 8.00 5.07
C ARG A 54 6.80 8.99 3.92
N GLN A 55 6.36 8.52 2.78
CA GLN A 55 6.19 9.44 1.61
C GLN A 55 4.88 10.22 1.76
N GLY A 56 4.20 10.06 2.86
CA GLY A 56 2.93 10.81 3.06
C GLY A 56 1.86 10.28 2.09
N PHE A 57 1.70 8.99 2.02
CA PHE A 57 0.68 8.41 1.09
C PHE A 57 -0.14 7.33 1.81
N ILE A 58 0.04 7.20 3.10
CA ILE A 58 -0.74 6.16 3.85
C ILE A 58 -1.37 6.79 5.09
N GLN A 59 -1.90 7.97 4.97
CA GLN A 59 -2.55 8.62 6.15
C GLN A 59 -3.95 8.04 6.35
N GLY A 60 -4.36 7.16 5.48
CA GLY A 60 -5.71 6.54 5.61
C GLY A 60 -5.65 5.10 5.14
N TYR A 61 -4.89 4.83 4.12
CA TYR A 61 -4.77 3.43 3.60
C TYR A 61 -4.30 2.50 4.73
N THR A 62 -3.15 1.90 4.59
CA THR A 62 -2.67 1.00 5.67
C THR A 62 -1.88 1.80 6.70
N ALA A 63 -2.18 3.07 6.82
CA ALA A 63 -1.46 3.91 7.82
C ALA A 63 -1.13 3.08 9.05
N LEU A 64 -1.99 2.15 9.38
CA LEU A 64 -1.73 1.27 10.54
C LEU A 64 -0.41 0.53 10.33
N LEU A 65 -0.48 -0.76 10.12
CA LEU A 65 0.77 -1.55 9.88
C LEU A 65 1.92 -1.02 10.76
N ASN A 66 1.59 -0.47 11.89
CA ASN A 66 2.66 0.07 12.78
C ASN A 66 2.22 0.00 14.24
N MET A 1 -2.95 0.92 -17.86
CA MET A 1 -4.25 0.47 -18.42
C MET A 1 -5.41 1.24 -17.77
N VAL A 2 -5.25 1.63 -16.53
CA VAL A 2 -6.34 2.38 -15.84
C VAL A 2 -5.77 3.59 -15.10
N ASP A 3 -6.61 4.49 -14.66
CA ASP A 3 -6.11 5.69 -13.92
C ASP A 3 -6.93 5.91 -12.65
N SER A 4 -6.45 5.41 -11.53
CA SER A 4 -7.20 5.59 -10.27
C SER A 4 -6.24 5.65 -9.08
N LYS A 5 -6.75 5.78 -7.89
CA LYS A 5 -5.87 5.85 -6.69
C LYS A 5 -4.76 6.89 -6.91
N LYS A 6 -5.02 8.12 -6.56
CA LYS A 6 -3.98 9.18 -6.76
C LYS A 6 -2.65 8.73 -6.15
N ARG A 7 -2.37 9.11 -4.94
CA ARG A 7 -1.08 8.69 -4.32
C ARG A 7 0.07 9.09 -5.25
N PRO A 8 1.26 8.64 -4.92
CA PRO A 8 2.43 8.96 -5.77
C PRO A 8 2.30 8.24 -7.12
N GLY A 9 1.22 8.48 -7.82
CA GLY A 9 1.03 7.80 -9.14
C GLY A 9 2.33 7.88 -9.95
N LYS A 10 3.03 8.98 -9.85
CA LYS A 10 4.30 9.12 -10.61
C LYS A 10 5.28 8.01 -10.19
N ASP A 11 6.50 8.37 -9.87
CA ASP A 11 7.49 7.33 -9.46
C ASP A 11 6.91 6.46 -8.33
N LEU A 12 6.26 5.38 -8.68
CA LEU A 12 5.67 4.50 -7.64
C LEU A 12 6.09 3.05 -7.87
N ASP A 13 6.20 2.27 -6.82
CA ASP A 13 6.60 0.85 -6.98
C ASP A 13 5.38 -0.02 -7.26
N ARG A 14 5.53 -1.03 -8.06
CA ARG A 14 4.38 -1.91 -8.38
C ARG A 14 3.72 -2.42 -7.09
N ILE A 15 4.50 -2.75 -6.11
CA ILE A 15 3.92 -3.26 -4.83
C ILE A 15 3.24 -2.13 -4.05
N ASP A 16 3.61 -0.90 -4.32
CA ASP A 16 2.98 0.22 -3.57
C ASP A 16 1.68 0.66 -4.24
N ARG A 17 1.73 1.01 -5.49
CA ARG A 17 0.49 1.46 -6.19
C ARG A 17 -0.57 0.37 -6.12
N ASN A 18 -0.18 -0.85 -6.31
CA ASN A 18 -1.17 -1.96 -6.23
C ASN A 18 -1.62 -2.12 -4.78
N ILE A 19 -0.71 -2.03 -3.85
CA ILE A 19 -1.11 -2.14 -2.43
C ILE A 19 -1.98 -0.94 -2.05
N LEU A 20 -1.78 0.19 -2.68
CA LEU A 20 -2.61 1.37 -2.38
C LEU A 20 -4.01 1.18 -2.99
N ASN A 21 -4.06 0.73 -4.22
CA ASN A 21 -5.39 0.50 -4.86
C ASN A 21 -6.13 -0.60 -4.12
N GLU A 22 -5.41 -1.50 -3.51
CA GLU A 22 -6.07 -2.60 -2.76
C GLU A 22 -6.57 -2.07 -1.42
N LEU A 23 -5.83 -1.22 -0.78
CA LEU A 23 -6.29 -0.66 0.51
C LEU A 23 -7.49 0.25 0.28
N GLN A 24 -7.58 0.83 -0.89
CA GLN A 24 -8.74 1.70 -1.20
C GLN A 24 -10.00 0.83 -1.34
N LYS A 25 -9.88 -0.27 -2.03
CA LYS A 25 -11.06 -1.18 -2.17
C LYS A 25 -11.28 -1.94 -0.87
N ASP A 26 -10.24 -2.12 -0.11
CA ASP A 26 -10.38 -2.83 1.19
C ASP A 26 -9.57 -2.11 2.27
N GLY A 27 -10.16 -1.15 2.93
CA GLY A 27 -9.43 -0.41 3.99
C GLY A 27 -9.38 -1.24 5.28
N ARG A 28 -9.83 -2.46 5.21
CA ARG A 28 -9.80 -3.33 6.42
C ARG A 28 -8.84 -4.50 6.22
N ILE A 29 -7.83 -4.31 5.42
CA ILE A 29 -6.85 -5.41 5.20
C ILE A 29 -5.52 -5.08 5.86
N SER A 30 -4.92 -6.05 6.50
CA SER A 30 -3.62 -5.79 7.18
C SER A 30 -2.46 -6.17 6.25
N ASN A 31 -1.29 -5.61 6.49
CA ASN A 31 -0.13 -5.94 5.63
C ASN A 31 -0.09 -7.44 5.33
N VAL A 32 -0.20 -8.27 6.34
CA VAL A 32 -0.18 -9.74 6.08
C VAL A 32 -1.05 -10.05 4.86
N GLU A 33 -2.33 -9.84 4.98
CA GLU A 33 -3.21 -10.07 3.80
C GLU A 33 -2.80 -9.13 2.67
N LEU A 34 -2.25 -8.01 3.02
CA LEU A 34 -1.78 -7.05 1.99
C LEU A 34 -0.51 -7.58 1.33
N SER A 35 0.11 -8.56 1.93
CA SER A 35 1.36 -9.12 1.36
C SER A 35 1.04 -10.22 0.34
N LYS A 36 0.10 -11.08 0.66
CA LYS A 36 -0.25 -12.20 -0.28
C LYS A 36 -1.22 -11.72 -1.37
N ARG A 37 -1.86 -10.61 -1.17
CA ARG A 37 -2.84 -10.12 -2.18
C ARG A 37 -2.12 -9.41 -3.33
N VAL A 38 -0.89 -9.05 -3.14
CA VAL A 38 -0.14 -8.36 -4.23
C VAL A 38 0.91 -9.31 -4.81
N GLY A 39 1.11 -10.44 -4.18
CA GLY A 39 2.09 -11.42 -4.71
C GLY A 39 3.46 -11.21 -4.05
N LEU A 40 3.49 -10.94 -2.78
CA LEU A 40 4.80 -10.74 -2.09
C LEU A 40 4.71 -11.12 -0.62
N SER A 41 5.82 -11.27 0.03
CA SER A 41 5.78 -11.58 1.48
C SER A 41 5.42 -10.32 2.23
N PRO A 42 4.91 -10.51 3.40
CA PRO A 42 4.50 -9.36 4.21
C PRO A 42 5.72 -8.62 4.74
N THR A 43 6.70 -9.32 5.24
CA THR A 43 7.93 -8.64 5.75
C THR A 43 8.30 -7.50 4.79
N PRO A 44 8.49 -7.86 3.54
CA PRO A 44 8.82 -6.85 2.52
C PRO A 44 7.57 -6.04 2.14
N CYS A 45 6.44 -6.68 2.01
CA CYS A 45 5.20 -5.91 1.68
C CYS A 45 5.20 -4.63 2.48
N LEU A 46 5.40 -4.73 3.76
CA LEU A 46 5.48 -3.52 4.60
C LEU A 46 6.61 -2.65 4.07
N GLU A 47 7.74 -3.22 3.80
CA GLU A 47 8.86 -2.43 3.23
C GLU A 47 8.33 -1.59 2.06
N ARG A 48 7.52 -2.18 1.23
CA ARG A 48 6.94 -1.44 0.08
C ARG A 48 5.94 -0.39 0.61
N VAL A 49 4.98 -0.82 1.37
CA VAL A 49 3.99 0.13 1.92
C VAL A 49 4.70 1.18 2.78
N ARG A 50 5.45 0.75 3.76
CA ARG A 50 6.17 1.73 4.62
C ARG A 50 6.70 2.87 3.77
N ARG A 51 7.38 2.56 2.71
CA ARG A 51 7.88 3.63 1.82
C ARG A 51 6.75 4.60 1.53
N LEU A 52 5.60 4.09 1.19
CA LEU A 52 4.43 4.98 0.94
C LEU A 52 4.12 5.78 2.20
N GLU A 53 4.47 5.26 3.35
CA GLU A 53 4.21 6.00 4.62
C GLU A 53 5.08 7.25 4.70
N ARG A 54 6.38 7.09 4.63
CA ARG A 54 7.28 8.28 4.70
C ARG A 54 6.78 9.39 3.78
N GLN A 55 6.24 9.04 2.64
CA GLN A 55 5.72 10.08 1.71
C GLN A 55 4.32 10.52 2.14
N GLY A 56 3.87 10.08 3.29
CA GLY A 56 2.53 10.48 3.77
C GLY A 56 1.46 9.92 2.83
N PHE A 57 1.40 8.63 2.68
CA PHE A 57 0.37 8.02 1.77
C PHE A 57 -0.29 6.82 2.46
N ILE A 58 -0.07 6.65 3.73
CA ILE A 58 -0.70 5.49 4.44
C ILE A 58 -1.25 5.94 5.79
N GLN A 59 -2.05 6.97 5.79
CA GLN A 59 -2.65 7.44 7.08
C GLN A 59 -3.95 6.68 7.35
N GLY A 60 -4.43 5.97 6.37
CA GLY A 60 -5.69 5.19 6.55
C GLY A 60 -5.51 3.81 5.91
N TYR A 61 -4.84 3.74 4.80
CA TYR A 61 -4.61 2.43 4.13
C TYR A 61 -3.76 1.53 5.02
N THR A 62 -2.51 1.39 4.74
CA THR A 62 -1.65 0.54 5.58
C THR A 62 -1.24 1.29 6.84
N ALA A 63 -1.78 2.46 7.04
CA ALA A 63 -1.42 3.25 8.25
C ALA A 63 -1.32 2.32 9.46
N LEU A 64 -2.04 1.23 9.45
CA LEU A 64 -2.00 0.28 10.60
C LEU A 64 -0.57 -0.21 10.85
N LEU A 65 0.14 -0.49 9.80
CA LEU A 65 1.55 -0.98 9.97
C LEU A 65 2.26 -0.18 11.06
N ASN A 66 2.29 -0.70 12.26
CA ASN A 66 2.98 0.03 13.37
C ASN A 66 2.71 -0.66 14.71
N MET A 1 -8.64 6.13 -15.03
CA MET A 1 -7.66 5.16 -14.48
C MET A 1 -6.24 5.73 -14.58
N VAL A 2 -6.11 6.96 -14.99
CA VAL A 2 -4.75 7.57 -15.10
C VAL A 2 -4.51 8.56 -13.95
N ASP A 3 -5.47 8.71 -13.08
CA ASP A 3 -5.31 9.66 -11.93
C ASP A 3 -6.12 9.17 -10.73
N SER A 4 -5.55 8.32 -9.92
CA SER A 4 -6.29 7.81 -8.72
C SER A 4 -5.34 7.07 -7.79
N LYS A 5 -5.45 7.29 -6.51
CA LYS A 5 -4.56 6.61 -5.54
C LYS A 5 -3.11 6.60 -6.06
N LYS A 6 -2.41 7.69 -5.89
CA LYS A 6 -0.99 7.74 -6.37
C LYS A 6 -0.32 9.05 -5.93
N ARG A 7 0.17 9.09 -4.72
CA ARG A 7 0.84 10.34 -4.23
C ARG A 7 2.23 10.48 -4.85
N PRO A 8 3.05 9.50 -4.60
CA PRO A 8 4.43 9.51 -5.14
C PRO A 8 4.42 9.26 -6.65
N GLY A 9 3.67 8.29 -7.10
CA GLY A 9 3.62 7.99 -8.57
C GLY A 9 5.01 7.56 -9.05
N LYS A 10 5.92 8.49 -9.17
CA LYS A 10 7.28 8.12 -9.65
C LYS A 10 8.16 7.69 -8.46
N ASP A 11 7.56 7.52 -7.31
CA ASP A 11 8.35 7.10 -6.12
C ASP A 11 7.66 5.94 -5.41
N LEU A 12 7.68 4.77 -5.98
CA LEU A 12 7.04 3.60 -5.34
C LEU A 12 7.19 2.35 -6.20
N ASP A 13 7.43 1.22 -5.59
CA ASP A 13 7.59 -0.04 -6.37
C ASP A 13 6.23 -0.60 -6.77
N ARG A 14 6.17 -1.37 -7.81
CA ARG A 14 4.88 -1.94 -8.25
C ARG A 14 4.10 -2.49 -7.04
N ILE A 15 4.81 -2.94 -6.03
CA ILE A 15 4.13 -3.50 -4.84
C ILE A 15 3.51 -2.38 -4.00
N ASP A 16 3.96 -1.17 -4.19
CA ASP A 16 3.38 -0.04 -3.41
C ASP A 16 2.10 0.47 -4.07
N ARG A 17 2.14 0.71 -5.36
CA ARG A 17 0.92 1.22 -6.06
C ARG A 17 -0.22 0.22 -5.95
N ASN A 18 0.04 -1.03 -6.22
CA ASN A 18 -1.04 -2.04 -6.09
C ASN A 18 -1.45 -2.18 -4.64
N ILE A 19 -0.50 -2.09 -3.74
CA ILE A 19 -0.85 -2.18 -2.30
C ILE A 19 -1.72 -0.98 -1.93
N LEU A 20 -1.53 0.14 -2.59
CA LEU A 20 -2.35 1.33 -2.29
C LEU A 20 -3.77 1.13 -2.81
N ASN A 21 -3.92 0.66 -4.01
CA ASN A 21 -5.28 0.40 -4.56
C ASN A 21 -5.97 -0.64 -3.70
N GLU A 22 -5.22 -1.53 -3.10
CA GLU A 22 -5.84 -2.57 -2.23
C GLU A 22 -6.27 -1.95 -0.91
N LEU A 23 -5.49 -1.01 -0.40
CA LEU A 23 -5.88 -0.35 0.87
C LEU A 23 -7.15 0.48 0.67
N GLN A 24 -7.28 1.10 -0.47
CA GLN A 24 -8.51 1.90 -0.74
C GLN A 24 -9.69 0.96 -0.99
N LYS A 25 -9.45 -0.15 -1.63
CA LYS A 25 -10.55 -1.11 -1.90
C LYS A 25 -10.81 -1.96 -0.65
N ASP A 26 -9.82 -2.12 0.19
CA ASP A 26 -10.03 -2.93 1.41
C ASP A 26 -9.67 -2.11 2.65
N GLY A 27 -10.47 -1.11 2.97
CA GLY A 27 -10.17 -0.27 4.18
C GLY A 27 -10.30 -1.12 5.44
N ARG A 28 -9.50 -2.15 5.56
CA ARG A 28 -9.57 -3.03 6.75
C ARG A 28 -8.50 -4.11 6.66
N ILE A 29 -7.39 -3.81 6.06
CA ILE A 29 -6.32 -4.82 5.92
C ILE A 29 -5.01 -4.30 6.50
N SER A 30 -4.17 -5.18 6.97
CA SER A 30 -2.88 -4.71 7.56
C SER A 30 -1.73 -4.95 6.57
N ASN A 31 -1.07 -6.07 6.67
CA ASN A 31 0.06 -6.35 5.74
C ASN A 31 0.03 -7.82 5.31
N VAL A 32 -0.13 -8.73 6.22
CA VAL A 32 -0.19 -10.16 5.83
C VAL A 32 -1.12 -10.31 4.63
N GLU A 33 -2.38 -10.05 4.80
CA GLU A 33 -3.31 -10.13 3.64
C GLU A 33 -2.88 -9.13 2.59
N LEU A 34 -2.24 -8.06 3.02
CA LEU A 34 -1.74 -7.05 2.05
C LEU A 34 -0.54 -7.61 1.29
N SER A 35 0.05 -8.65 1.80
CA SER A 35 1.23 -9.25 1.14
C SER A 35 0.82 -10.30 0.09
N LYS A 36 -0.19 -11.08 0.40
CA LYS A 36 -0.64 -12.13 -0.56
C LYS A 36 -1.57 -11.55 -1.62
N ARG A 37 -2.27 -10.49 -1.30
CA ARG A 37 -3.20 -9.90 -2.29
C ARG A 37 -2.43 -9.25 -3.43
N VAL A 38 -1.18 -9.00 -3.22
CA VAL A 38 -0.35 -8.39 -4.30
C VAL A 38 0.65 -9.41 -4.84
N GLY A 39 0.71 -10.56 -4.21
CA GLY A 39 1.64 -11.62 -4.70
C GLY A 39 3.04 -11.43 -4.12
N LEU A 40 3.14 -11.16 -2.85
CA LEU A 40 4.50 -10.99 -2.24
C LEU A 40 4.45 -11.26 -0.74
N SER A 41 5.60 -11.40 -0.13
CA SER A 41 5.63 -11.60 1.34
C SER A 41 5.27 -10.32 2.04
N PRO A 42 4.76 -10.45 3.21
CA PRO A 42 4.34 -9.27 3.98
C PRO A 42 5.55 -8.51 4.51
N THR A 43 6.47 -9.19 5.13
CA THR A 43 7.69 -8.48 5.65
C THR A 43 8.09 -7.38 4.68
N PRO A 44 8.26 -7.75 3.43
CA PRO A 44 8.61 -6.78 2.39
C PRO A 44 7.37 -5.95 2.01
N CYS A 45 6.24 -6.59 1.82
CA CYS A 45 5.01 -5.83 1.48
C CYS A 45 4.99 -4.54 2.28
N LEU A 46 5.16 -4.65 3.55
CA LEU A 46 5.22 -3.45 4.39
C LEU A 46 6.36 -2.57 3.89
N GLU A 47 7.51 -3.14 3.71
CA GLU A 47 8.64 -2.35 3.18
C GLU A 47 8.15 -1.48 2.02
N ARG A 48 7.35 -2.06 1.16
CA ARG A 48 6.79 -1.27 0.03
C ARG A 48 5.71 -0.32 0.54
N VAL A 49 4.88 -0.77 1.44
CA VAL A 49 3.84 0.12 2.01
C VAL A 49 4.48 1.21 2.85
N ARG A 50 5.40 0.85 3.71
CA ARG A 50 6.09 1.87 4.54
C ARG A 50 6.53 3.03 3.65
N ARG A 51 7.22 2.72 2.59
CA ARG A 51 7.63 3.79 1.65
C ARG A 51 6.44 4.67 1.33
N LEU A 52 5.32 4.06 1.04
CA LEU A 52 4.10 4.85 0.74
C LEU A 52 3.69 5.65 2.00
N GLU A 53 4.21 5.26 3.13
CA GLU A 53 3.87 5.99 4.40
C GLU A 53 4.65 7.31 4.46
N ARG A 54 5.93 7.27 4.29
CA ARG A 54 6.74 8.53 4.36
C ARG A 54 6.20 9.54 3.35
N GLN A 55 5.71 9.08 2.23
CA GLN A 55 5.16 10.02 1.21
C GLN A 55 3.79 10.54 1.65
N GLY A 56 3.32 10.10 2.77
CA GLY A 56 1.99 10.57 3.27
C GLY A 56 0.88 9.85 2.50
N PHE A 57 1.03 8.58 2.24
CA PHE A 57 -0.02 7.83 1.50
C PHE A 57 -0.56 6.69 2.36
N ILE A 58 -0.04 6.54 3.55
CA ILE A 58 -0.53 5.45 4.44
C ILE A 58 -0.76 5.98 5.86
N GLN A 59 -1.42 7.10 5.97
CA GLN A 59 -1.70 7.67 7.32
C GLN A 59 -2.95 7.00 7.91
N GLY A 60 -3.61 6.19 7.12
CA GLY A 60 -4.82 5.48 7.61
C GLY A 60 -4.86 4.08 7.01
N TYR A 61 -4.59 3.96 5.74
CA TYR A 61 -4.58 2.63 5.09
C TYR A 61 -3.65 1.69 5.84
N THR A 62 -2.47 1.47 5.32
CA THR A 62 -1.54 0.58 6.02
C THR A 62 -0.81 1.34 7.12
N ALA A 63 -1.22 2.56 7.37
CA ALA A 63 -0.56 3.36 8.44
C ALA A 63 -0.22 2.46 9.63
N LEU A 64 -0.99 1.44 9.84
CA LEU A 64 -0.71 0.51 10.97
C LEU A 64 0.69 -0.05 10.88
N LEU A 65 1.16 -0.29 9.68
CA LEU A 65 2.53 -0.85 9.51
C LEU A 65 3.51 -0.19 10.49
N ASN A 66 3.67 -0.76 11.65
CA ASN A 66 4.59 -0.16 12.64
C ASN A 66 4.57 -0.97 13.95
N MET A 1 -13.58 6.83 -6.42
CA MET A 1 -13.43 8.18 -5.82
C MET A 1 -12.00 8.70 -6.01
N VAL A 2 -11.02 7.86 -5.72
CA VAL A 2 -9.60 8.29 -5.89
C VAL A 2 -8.90 7.41 -6.92
N ASP A 3 -8.69 7.91 -8.10
CA ASP A 3 -8.00 7.09 -9.15
C ASP A 3 -6.52 7.50 -9.25
N SER A 4 -5.73 7.14 -8.28
CA SER A 4 -4.29 7.50 -8.34
C SER A 4 -3.45 6.43 -7.63
N LYS A 5 -3.42 6.45 -6.32
CA LYS A 5 -2.61 5.45 -5.58
C LYS A 5 -1.15 5.47 -6.07
N LYS A 6 -0.68 6.63 -6.45
CA LYS A 6 0.73 6.73 -6.95
C LYS A 6 1.07 8.19 -7.26
N ARG A 7 1.05 9.05 -6.28
CA ARG A 7 1.35 10.48 -6.53
C ARG A 7 2.86 10.74 -6.46
N PRO A 8 3.46 10.27 -5.40
CA PRO A 8 4.90 10.45 -5.20
C PRO A 8 5.69 9.35 -5.93
N GLY A 9 5.10 8.75 -6.93
CA GLY A 9 5.81 7.67 -7.65
C GLY A 9 5.11 7.37 -8.99
N LYS A 10 5.36 8.17 -9.99
CA LYS A 10 4.71 7.91 -11.31
C LYS A 10 4.76 6.41 -11.61
N ASP A 11 3.64 5.81 -11.88
CA ASP A 11 3.63 4.35 -12.15
C ASP A 11 4.29 3.62 -10.98
N LEU A 12 4.04 4.08 -9.79
CA LEU A 12 4.65 3.43 -8.58
C LEU A 12 4.82 1.93 -8.80
N ASP A 13 5.82 1.34 -8.19
CA ASP A 13 6.04 -0.12 -8.36
C ASP A 13 4.72 -0.87 -8.22
N ARG A 14 4.61 -2.01 -8.83
CA ARG A 14 3.34 -2.78 -8.74
C ARG A 14 3.06 -3.17 -7.29
N ILE A 15 4.06 -3.10 -6.44
CA ILE A 15 3.83 -3.46 -5.01
C ILE A 15 3.30 -2.24 -4.25
N ASP A 16 3.95 -1.12 -4.39
CA ASP A 16 3.48 0.11 -3.69
C ASP A 16 2.19 0.62 -4.33
N ARG A 17 2.10 0.57 -5.63
CA ARG A 17 0.86 1.06 -6.31
C ARG A 17 -0.28 0.08 -6.07
N ASN A 18 -0.03 -1.19 -6.23
CA ASN A 18 -1.10 -2.18 -5.98
C ASN A 18 -1.43 -2.20 -4.50
N ILE A 19 -0.44 -1.99 -3.67
CA ILE A 19 -0.71 -1.95 -2.20
C ILE A 19 -1.63 -0.77 -1.89
N LEU A 20 -1.44 0.34 -2.54
CA LEU A 20 -2.33 1.50 -2.30
C LEU A 20 -3.71 1.19 -2.85
N ASN A 21 -3.78 0.65 -4.05
CA ASN A 21 -5.10 0.29 -4.62
C ASN A 21 -5.78 -0.74 -3.73
N GLU A 22 -5.01 -1.64 -3.17
CA GLU A 22 -5.60 -2.65 -2.25
C GLU A 22 -6.04 -1.97 -0.96
N LEU A 23 -5.25 -1.07 -0.46
CA LEU A 23 -5.65 -0.34 0.77
C LEU A 23 -6.90 0.48 0.50
N GLN A 24 -6.99 1.06 -0.67
CA GLN A 24 -8.20 1.85 -1.02
C GLN A 24 -9.39 0.91 -1.18
N LYS A 25 -9.20 -0.19 -1.88
CA LYS A 25 -10.32 -1.15 -2.05
C LYS A 25 -10.57 -1.92 -0.77
N ASP A 26 -9.59 -1.94 0.10
CA ASP A 26 -9.78 -2.66 1.39
C ASP A 26 -8.96 -1.98 2.49
N GLY A 27 -9.26 -0.75 2.79
CA GLY A 27 -8.50 -0.03 3.85
C GLY A 27 -8.51 -0.86 5.13
N ARG A 28 -9.52 -1.65 5.34
CA ARG A 28 -9.58 -2.48 6.57
C ARG A 28 -8.65 -3.69 6.44
N ILE A 29 -7.41 -3.47 6.10
CA ILE A 29 -6.45 -4.60 5.95
C ILE A 29 -5.10 -4.22 6.55
N SER A 30 -4.34 -5.20 6.97
CA SER A 30 -3.01 -4.89 7.57
C SER A 30 -1.91 -5.13 6.54
N ASN A 31 -1.03 -6.07 6.78
CA ASN A 31 0.07 -6.34 5.81
C ASN A 31 0.01 -7.78 5.32
N VAL A 32 -0.17 -8.73 6.21
CA VAL A 32 -0.26 -10.14 5.77
C VAL A 32 -1.16 -10.24 4.54
N GLU A 33 -2.41 -9.89 4.68
CA GLU A 33 -3.33 -9.91 3.51
C GLU A 33 -2.84 -8.89 2.49
N LEU A 34 -2.12 -7.89 2.94
CA LEU A 34 -1.58 -6.87 2.01
C LEU A 34 -0.36 -7.44 1.29
N SER A 35 0.18 -8.52 1.79
CA SER A 35 1.37 -9.13 1.16
C SER A 35 0.95 -10.13 0.07
N LYS A 36 -0.09 -10.88 0.31
CA LYS A 36 -0.53 -11.89 -0.70
C LYS A 36 -1.43 -11.25 -1.76
N ARG A 37 -2.18 -10.25 -1.40
CA ARG A 37 -3.10 -9.60 -2.38
C ARG A 37 -2.28 -8.92 -3.48
N VAL A 38 -1.03 -8.72 -3.24
CA VAL A 38 -0.17 -8.07 -4.28
C VAL A 38 0.81 -9.09 -4.86
N GLY A 39 0.92 -10.22 -4.23
CA GLY A 39 1.83 -11.28 -4.76
C GLY A 39 3.23 -11.13 -4.16
N LEU A 40 3.33 -10.88 -2.88
CA LEU A 40 4.68 -10.75 -2.25
C LEU A 40 4.62 -11.11 -0.78
N SER A 41 5.75 -11.31 -0.16
CA SER A 41 5.76 -11.61 1.29
C SER A 41 5.37 -10.36 2.04
N PRO A 42 4.86 -10.56 3.22
CA PRO A 42 4.42 -9.42 4.01
C PRO A 42 5.62 -8.67 4.59
N THR A 43 6.60 -9.37 5.08
CA THR A 43 7.80 -8.68 5.63
C THR A 43 8.14 -7.46 4.75
N PRO A 44 8.38 -7.72 3.49
CA PRO A 44 8.69 -6.64 2.54
C PRO A 44 7.42 -5.87 2.18
N CYS A 45 6.33 -6.56 1.95
CA CYS A 45 5.06 -5.85 1.62
C CYS A 45 4.96 -4.59 2.46
N LEU A 46 5.25 -4.71 3.72
CA LEU A 46 5.25 -3.52 4.60
C LEU A 46 6.36 -2.59 4.15
N GLU A 47 7.54 -3.12 3.94
CA GLU A 47 8.65 -2.27 3.45
C GLU A 47 8.13 -1.45 2.25
N ARG A 48 7.33 -2.08 1.41
CA ARG A 48 6.76 -1.35 0.25
C ARG A 48 5.72 -0.35 0.75
N VAL A 49 4.85 -0.77 1.62
CA VAL A 49 3.83 0.15 2.18
C VAL A 49 4.51 1.26 2.99
N ARG A 50 5.46 0.90 3.81
CA ARG A 50 6.16 1.92 4.62
C ARG A 50 6.58 3.08 3.72
N ARG A 51 7.20 2.77 2.61
CA ARG A 51 7.59 3.86 1.68
C ARG A 51 6.37 4.73 1.40
N LEU A 52 5.24 4.12 1.18
CA LEU A 52 4.00 4.91 0.93
C LEU A 52 3.62 5.68 2.18
N GLU A 53 4.15 5.30 3.32
CA GLU A 53 3.82 6.00 4.59
C GLU A 53 4.58 7.33 4.69
N ARG A 54 5.88 7.28 4.70
CA ARG A 54 6.69 8.53 4.81
C ARG A 54 6.21 9.57 3.79
N GLN A 55 5.70 9.12 2.67
CA GLN A 55 5.22 10.09 1.63
C GLN A 55 3.81 10.58 1.97
N GLY A 56 3.34 10.30 3.15
CA GLY A 56 1.98 10.75 3.55
C GLY A 56 0.93 10.08 2.65
N PHE A 57 0.98 8.78 2.55
CA PHE A 57 -0.02 8.06 1.70
C PHE A 57 -0.63 6.89 2.48
N ILE A 58 -0.36 6.80 3.75
CA ILE A 58 -0.93 5.70 4.56
C ILE A 58 -1.34 6.20 5.94
N GLN A 59 -2.10 7.26 5.99
CA GLN A 59 -2.55 7.79 7.32
C GLN A 59 -3.77 7.01 7.80
N GLY A 60 -4.35 6.22 6.95
CA GLY A 60 -5.55 5.43 7.35
C GLY A 60 -5.43 4.03 6.75
N TYR A 61 -4.97 3.94 5.53
CA TYR A 61 -4.83 2.60 4.89
C TYR A 61 -3.88 1.73 5.71
N THR A 62 -2.67 1.59 5.28
CA THR A 62 -1.72 0.75 6.06
C THR A 62 -1.10 1.57 7.18
N ALA A 63 -1.62 2.74 7.44
CA ALA A 63 -1.06 3.58 8.53
C ALA A 63 -0.64 2.71 9.70
N LEU A 64 -1.31 1.61 9.90
CA LEU A 64 -0.95 0.70 11.01
C LEU A 64 0.48 0.16 10.81
N LEU A 65 0.62 -1.12 10.61
CA LEU A 65 1.98 -1.71 10.42
C LEU A 65 3.00 -1.01 11.32
N ASN A 66 2.56 -0.50 12.44
CA ASN A 66 3.49 0.20 13.36
C ASN A 66 3.27 -0.26 14.80
N MET A 1 -9.45 15.81 -6.16
CA MET A 1 -9.82 14.51 -6.79
C MET A 1 -10.14 13.47 -5.71
N VAL A 2 -11.36 13.45 -5.24
CA VAL A 2 -11.73 12.46 -4.19
C VAL A 2 -11.94 11.07 -4.81
N ASP A 3 -11.84 10.04 -4.02
CA ASP A 3 -12.03 8.67 -4.56
C ASP A 3 -11.11 8.43 -5.76
N SER A 4 -9.84 8.62 -5.59
CA SER A 4 -8.89 8.40 -6.73
C SER A 4 -7.63 7.69 -6.23
N LYS A 5 -7.09 6.80 -7.03
CA LYS A 5 -5.85 6.08 -6.62
C LYS A 5 -4.65 6.58 -7.41
N LYS A 6 -4.17 7.75 -7.09
CA LYS A 6 -3.00 8.31 -7.83
C LYS A 6 -1.74 8.18 -6.98
N ARG A 7 -1.72 8.79 -5.84
CA ARG A 7 -0.50 8.70 -4.98
C ARG A 7 0.74 8.94 -5.86
N PRO A 8 1.90 8.67 -5.30
CA PRO A 8 3.14 8.87 -6.08
C PRO A 8 3.25 7.78 -7.15
N GLY A 9 2.27 7.66 -8.00
CA GLY A 9 2.31 6.61 -9.06
C GLY A 9 3.53 6.84 -9.96
N LYS A 10 3.35 6.76 -11.25
CA LYS A 10 4.50 6.97 -12.18
C LYS A 10 5.74 6.25 -11.63
N ASP A 11 6.68 6.98 -11.10
CA ASP A 11 7.90 6.33 -10.55
C ASP A 11 7.56 5.63 -9.23
N LEU A 12 6.99 4.45 -9.31
CA LEU A 12 6.63 3.72 -8.06
C LEU A 12 6.64 2.21 -8.31
N ASP A 13 7.11 1.46 -7.37
CA ASP A 13 7.15 -0.02 -7.55
C ASP A 13 5.72 -0.57 -7.65
N ARG A 14 5.49 -1.44 -8.60
CA ARG A 14 4.12 -2.01 -8.75
C ARG A 14 3.59 -2.50 -7.40
N ILE A 15 4.47 -2.75 -6.46
CA ILE A 15 4.01 -3.23 -5.13
C ILE A 15 3.40 -2.09 -4.33
N ASP A 16 3.77 -0.87 -4.62
CA ASP A 16 3.20 0.29 -3.87
C ASP A 16 1.85 0.70 -4.47
N ARG A 17 1.82 1.01 -5.74
CA ARG A 17 0.53 1.41 -6.38
C ARG A 17 -0.51 0.32 -6.17
N ASN A 18 -0.13 -0.90 -6.38
CA ASN A 18 -1.10 -2.01 -6.17
C ASN A 18 -1.48 -2.07 -4.70
N ILE A 19 -0.53 -1.89 -3.83
CA ILE A 19 -0.83 -1.90 -2.39
C ILE A 19 -1.80 -0.75 -2.07
N LEU A 20 -1.60 0.39 -2.69
CA LEU A 20 -2.52 1.53 -2.44
C LEU A 20 -3.91 1.19 -2.99
N ASN A 21 -3.96 0.58 -4.15
CA ASN A 21 -5.28 0.19 -4.71
C ASN A 21 -5.91 -0.88 -3.83
N GLU A 22 -5.10 -1.72 -3.23
CA GLU A 22 -5.65 -2.78 -2.33
C GLU A 22 -6.02 -2.16 -0.98
N LEU A 23 -5.31 -1.16 -0.57
CA LEU A 23 -5.62 -0.50 0.72
C LEU A 23 -6.89 0.33 0.58
N GLN A 24 -7.12 0.87 -0.60
CA GLN A 24 -8.35 1.67 -0.82
C GLN A 24 -9.54 0.75 -1.02
N LYS A 25 -9.34 -0.36 -1.67
CA LYS A 25 -10.47 -1.33 -1.88
C LYS A 25 -10.77 -2.05 -0.58
N ASP A 26 -9.77 -2.30 0.20
CA ASP A 26 -9.99 -3.01 1.48
C ASP A 26 -9.52 -2.13 2.65
N GLY A 27 -10.20 -1.04 2.89
CA GLY A 27 -9.79 -0.13 4.01
C GLY A 27 -9.93 -0.87 5.34
N ARG A 28 -9.23 -1.96 5.51
CA ARG A 28 -9.33 -2.73 6.77
C ARG A 28 -8.32 -3.88 6.75
N ILE A 29 -7.23 -3.71 6.05
CA ILE A 29 -6.22 -4.78 5.97
C ILE A 29 -4.91 -4.32 6.59
N SER A 30 -4.18 -5.21 7.20
CA SER A 30 -2.88 -4.80 7.83
C SER A 30 -1.73 -4.97 6.84
N ASN A 31 -1.09 -6.12 6.85
CA ASN A 31 0.03 -6.35 5.90
C ASN A 31 0.02 -7.80 5.41
N VAL A 32 -0.10 -8.74 6.30
CA VAL A 32 -0.14 -10.17 5.86
C VAL A 32 -1.04 -10.29 4.63
N GLU A 33 -2.29 -9.98 4.78
CA GLU A 33 -3.21 -10.02 3.61
C GLU A 33 -2.73 -9.01 2.57
N LEU A 34 -2.15 -7.92 3.02
CA LEU A 34 -1.63 -6.91 2.08
C LEU A 34 -0.39 -7.46 1.37
N SER A 35 0.15 -8.53 1.89
CA SER A 35 1.37 -9.12 1.26
C SER A 35 0.98 -10.13 0.17
N LYS A 36 -0.07 -10.88 0.38
CA LYS A 36 -0.48 -11.91 -0.62
C LYS A 36 -1.34 -11.28 -1.73
N ARG A 37 -2.12 -10.29 -1.40
CA ARG A 37 -3.00 -9.67 -2.44
C ARG A 37 -2.18 -8.98 -3.51
N VAL A 38 -0.94 -8.71 -3.22
CA VAL A 38 -0.07 -8.04 -4.23
C VAL A 38 0.97 -9.03 -4.78
N GLY A 39 1.05 -10.19 -4.19
CA GLY A 39 2.01 -11.21 -4.69
C GLY A 39 3.39 -11.01 -4.06
N LEU A 40 3.45 -10.78 -2.78
CA LEU A 40 4.78 -10.60 -2.12
C LEU A 40 4.71 -11.00 -0.65
N SER A 41 5.85 -11.18 -0.03
CA SER A 41 5.85 -11.51 1.42
C SER A 41 5.39 -10.30 2.19
N PRO A 42 4.91 -10.55 3.36
CA PRO A 42 4.40 -9.46 4.19
C PRO A 42 5.55 -8.65 4.77
N THR A 43 6.53 -9.32 5.34
CA THR A 43 7.69 -8.57 5.90
C THR A 43 8.05 -7.40 4.96
N PRO A 44 8.27 -7.74 3.71
CA PRO A 44 8.59 -6.72 2.70
C PRO A 44 7.32 -5.95 2.31
N CYS A 45 6.21 -6.64 2.16
CA CYS A 45 4.96 -5.92 1.80
C CYS A 45 4.90 -4.61 2.58
N LEU A 46 5.20 -4.67 3.85
CA LEU A 46 5.24 -3.44 4.66
C LEU A 46 6.35 -2.55 4.14
N GLU A 47 7.50 -3.12 3.88
CA GLU A 47 8.60 -2.30 3.31
C GLU A 47 8.06 -1.54 2.09
N ARG A 48 7.16 -2.15 1.35
CA ARG A 48 6.56 -1.46 0.19
C ARG A 48 5.55 -0.41 0.69
N VAL A 49 4.69 -0.79 1.59
CA VAL A 49 3.70 0.17 2.13
C VAL A 49 4.44 1.26 2.93
N ARG A 50 5.20 0.86 3.91
CA ARG A 50 5.95 1.87 4.71
C ARG A 50 6.57 2.90 3.79
N ARG A 51 7.13 2.45 2.70
CA ARG A 51 7.70 3.42 1.72
C ARG A 51 6.62 4.43 1.36
N LEU A 52 5.42 3.97 1.13
CA LEU A 52 4.32 4.90 0.80
C LEU A 52 3.95 5.72 2.04
N GLU A 53 4.37 5.28 3.20
CA GLU A 53 4.04 6.04 4.43
C GLU A 53 4.92 7.30 4.54
N ARG A 54 6.22 7.13 4.50
CA ARG A 54 7.13 8.29 4.61
C ARG A 54 6.77 9.34 3.55
N GLN A 55 6.21 8.93 2.45
CA GLN A 55 5.84 9.89 1.39
C GLN A 55 4.45 10.48 1.67
N GLY A 56 3.98 10.36 2.87
CA GLY A 56 2.64 10.91 3.22
C GLY A 56 1.59 10.35 2.27
N PHE A 57 1.47 9.05 2.20
CA PHE A 57 0.43 8.44 1.30
C PHE A 57 -0.28 7.29 2.00
N ILE A 58 -0.02 7.10 3.27
CA ILE A 58 -0.69 6.01 4.01
C ILE A 58 -1.23 6.54 5.35
N GLN A 59 -1.65 7.78 5.37
CA GLN A 59 -2.20 8.35 6.63
C GLN A 59 -3.66 7.95 6.78
N GLY A 60 -4.16 7.14 5.89
CA GLY A 60 -5.57 6.70 5.98
C GLY A 60 -5.68 5.24 5.53
N TYR A 61 -5.02 4.89 4.45
CA TYR A 61 -5.08 3.48 3.97
C TYR A 61 -4.61 2.54 5.07
N THR A 62 -3.49 1.89 4.89
CA THR A 62 -3.01 0.97 5.94
C THR A 62 -2.15 1.70 6.94
N ALA A 63 -2.34 2.98 7.06
CA ALA A 63 -1.51 3.78 8.03
C ALA A 63 -1.17 2.91 9.24
N LEU A 64 -2.08 2.05 9.62
CA LEU A 64 -1.80 1.13 10.76
C LEU A 64 -0.54 0.33 10.47
N LEU A 65 -0.66 -0.94 10.23
CA LEU A 65 0.55 -1.77 9.92
C LEU A 65 1.75 -1.30 10.76
N ASN A 66 1.51 -0.77 11.92
CA ASN A 66 2.64 -0.28 12.77
C ASN A 66 2.32 -0.50 14.24
N MET A 1 -13.05 7.15 -11.84
CA MET A 1 -13.31 5.95 -12.68
C MET A 1 -12.01 5.35 -13.18
N VAL A 2 -11.84 4.06 -13.05
CA VAL A 2 -10.58 3.40 -13.52
C VAL A 2 -9.38 4.30 -13.23
N ASP A 3 -9.41 5.00 -12.14
CA ASP A 3 -8.26 5.89 -11.80
C ASP A 3 -7.06 5.07 -11.30
N SER A 4 -6.10 5.70 -10.69
CA SER A 4 -4.91 4.94 -10.20
C SER A 4 -4.45 5.50 -8.84
N LYS A 5 -3.81 4.68 -8.05
CA LYS A 5 -3.33 5.16 -6.72
C LYS A 5 -1.80 5.29 -6.71
N LYS A 6 -1.30 6.45 -6.99
CA LYS A 6 0.18 6.64 -7.01
C LYS A 6 0.53 8.13 -7.02
N ARG A 7 0.65 8.73 -5.87
CA ARG A 7 0.98 10.18 -5.81
C ARG A 7 2.36 10.43 -6.46
N PRO A 8 3.35 9.74 -5.95
CA PRO A 8 4.71 9.89 -6.49
C PRO A 8 4.82 9.25 -7.88
N GLY A 9 4.31 8.06 -8.04
CA GLY A 9 4.37 7.39 -9.37
C GLY A 9 5.83 7.03 -9.69
N LYS A 10 6.70 8.01 -9.69
CA LYS A 10 8.12 7.72 -9.99
C LYS A 10 8.88 7.42 -8.70
N ASP A 11 8.19 7.42 -7.59
CA ASP A 11 8.86 7.13 -6.29
C ASP A 11 8.13 6.00 -5.56
N LEU A 12 7.93 4.89 -6.21
CA LEU A 12 7.21 3.76 -5.57
C LEU A 12 7.19 2.54 -6.50
N ASP A 13 7.56 1.40 -6.01
CA ASP A 13 7.57 0.18 -6.86
C ASP A 13 6.15 -0.29 -7.14
N ARG A 14 5.98 -1.09 -8.14
CA ARG A 14 4.61 -1.58 -8.47
C ARG A 14 3.94 -2.17 -7.24
N ILE A 15 4.71 -2.59 -6.28
CA ILE A 15 4.13 -3.19 -5.05
C ILE A 15 3.46 -2.11 -4.19
N ASP A 16 3.95 -0.91 -4.24
CA ASP A 16 3.35 0.18 -3.43
C ASP A 16 2.04 0.66 -4.07
N ARG A 17 2.10 1.17 -5.26
CA ARG A 17 0.87 1.67 -5.92
C ARG A 17 -0.21 0.60 -5.91
N ASN A 18 0.15 -0.62 -6.14
CA ASN A 18 -0.86 -1.72 -6.11
C ASN A 18 -1.36 -1.89 -4.68
N ILE A 19 -0.51 -1.72 -3.72
CA ILE A 19 -0.96 -1.84 -2.31
C ILE A 19 -1.99 -0.74 -2.02
N LEU A 20 -1.74 0.46 -2.51
CA LEU A 20 -2.73 1.55 -2.29
C LEU A 20 -4.08 1.10 -2.84
N ASN A 21 -4.10 0.48 -3.99
CA ASN A 21 -5.38 -0.02 -4.55
C ASN A 21 -6.01 -1.00 -3.58
N GLU A 22 -5.24 -1.95 -3.11
CA GLU A 22 -5.78 -2.92 -2.12
C GLU A 22 -6.19 -2.17 -0.86
N LEU A 23 -5.43 -1.18 -0.47
CA LEU A 23 -5.78 -0.39 0.75
C LEU A 23 -7.07 0.39 0.48
N GLN A 24 -7.23 0.86 -0.73
CA GLN A 24 -8.48 1.62 -1.06
C GLN A 24 -9.63 0.64 -1.28
N LYS A 25 -9.36 -0.47 -1.92
CA LYS A 25 -10.44 -1.48 -2.16
C LYS A 25 -10.69 -2.27 -0.88
N ASP A 26 -9.69 -2.44 -0.08
CA ASP A 26 -9.87 -3.19 1.19
C ASP A 26 -9.09 -2.52 2.32
N GLY A 27 -9.39 -1.30 2.63
CA GLY A 27 -8.67 -0.60 3.72
C GLY A 27 -8.77 -1.43 5.00
N ARG A 28 -8.49 -0.83 6.14
CA ARG A 28 -8.58 -1.59 7.41
C ARG A 28 -7.89 -2.94 7.28
N ILE A 29 -6.95 -3.06 6.39
CA ILE A 29 -6.24 -4.35 6.22
C ILE A 29 -4.80 -4.25 6.75
N SER A 30 -4.34 -5.25 7.44
CA SER A 30 -2.96 -5.20 8.00
C SER A 30 -1.93 -5.36 6.87
N ASN A 31 -0.90 -6.13 7.09
CA ASN A 31 0.13 -6.34 6.03
C ASN A 31 0.05 -7.78 5.52
N VAL A 32 -0.09 -8.74 6.39
CA VAL A 32 -0.18 -10.15 5.93
C VAL A 32 -1.15 -10.21 4.74
N GLU A 33 -2.35 -9.76 4.92
CA GLU A 33 -3.31 -9.74 3.79
C GLU A 33 -2.81 -8.77 2.73
N LEU A 34 -2.18 -7.70 3.15
CA LEU A 34 -1.64 -6.71 2.18
C LEU A 34 -0.44 -7.31 1.46
N SER A 35 0.08 -8.39 1.97
CA SER A 35 1.26 -9.03 1.32
C SER A 35 0.82 -9.99 0.21
N LYS A 36 -0.12 -10.86 0.49
CA LYS A 36 -0.58 -11.83 -0.54
C LYS A 36 -1.55 -11.16 -1.51
N ARG A 37 -2.17 -10.08 -1.11
CA ARG A 37 -3.14 -9.41 -2.03
C ARG A 37 -2.39 -8.75 -3.17
N VAL A 38 -1.13 -8.56 -3.02
CA VAL A 38 -0.33 -7.94 -4.12
C VAL A 38 0.64 -8.97 -4.69
N GLY A 39 0.76 -10.10 -4.06
CA GLY A 39 1.64 -11.16 -4.58
C GLY A 39 3.04 -11.04 -3.96
N LEU A 40 3.14 -10.76 -2.69
CA LEU A 40 4.49 -10.66 -2.06
C LEU A 40 4.41 -11.01 -0.58
N SER A 41 5.53 -11.32 0.01
CA SER A 41 5.53 -11.61 1.47
C SER A 41 5.20 -10.35 2.22
N PRO A 42 4.71 -10.52 3.40
CA PRO A 42 4.32 -9.38 4.21
C PRO A 42 5.55 -8.63 4.72
N THR A 43 6.53 -9.34 5.20
CA THR A 43 7.76 -8.65 5.70
C THR A 43 8.11 -7.50 4.76
N PRO A 44 8.27 -7.82 3.50
CA PRO A 44 8.58 -6.79 2.50
C PRO A 44 7.33 -5.97 2.19
N CYS A 45 6.20 -6.63 2.02
CA CYS A 45 4.94 -5.87 1.75
C CYS A 45 4.97 -4.58 2.55
N LEU A 46 5.17 -4.71 3.83
CA LEU A 46 5.29 -3.50 4.67
C LEU A 46 6.38 -2.61 4.08
N GLU A 47 7.55 -3.16 3.90
CA GLU A 47 8.64 -2.36 3.28
C GLU A 47 8.08 -1.59 2.09
N ARG A 48 7.28 -2.23 1.28
CA ARG A 48 6.67 -1.52 0.11
C ARG A 48 5.70 -0.46 0.63
N VAL A 49 4.84 -0.82 1.54
CA VAL A 49 3.89 0.17 2.11
C VAL A 49 4.68 1.28 2.81
N ARG A 50 5.68 0.92 3.56
CA ARG A 50 6.50 1.95 4.26
C ARG A 50 6.83 3.07 3.29
N ARG A 51 7.36 2.74 2.15
CA ARG A 51 7.67 3.79 1.14
C ARG A 51 6.41 4.62 0.88
N LEU A 52 5.27 3.96 0.81
CA LEU A 52 4.00 4.71 0.59
C LEU A 52 3.60 5.44 1.87
N GLU A 53 3.95 4.90 3.01
CA GLU A 53 3.60 5.56 4.29
C GLU A 53 4.61 6.65 4.62
N ARG A 54 5.84 6.49 4.20
CA ARG A 54 6.88 7.51 4.48
C ARG A 54 6.66 8.75 3.61
N GLN A 55 5.92 8.61 2.55
CA GLN A 55 5.67 9.77 1.66
C GLN A 55 4.32 10.41 1.99
N GLY A 56 3.76 10.09 3.13
CA GLY A 56 2.44 10.68 3.50
C GLY A 56 1.35 10.11 2.60
N PHE A 57 1.20 8.81 2.60
CA PHE A 57 0.15 8.18 1.75
C PHE A 57 -0.45 6.96 2.44
N ILE A 58 -0.17 6.79 3.70
CA ILE A 58 -0.73 5.62 4.45
C ILE A 58 -1.14 6.04 5.86
N GLN A 59 -1.67 7.22 6.01
CA GLN A 59 -2.10 7.68 7.36
C GLN A 59 -3.47 7.09 7.68
N GLY A 60 -4.14 6.57 6.70
CA GLY A 60 -5.49 5.96 6.95
C GLY A 60 -5.48 4.52 6.43
N TYR A 61 -4.88 4.30 5.29
CA TYR A 61 -4.83 2.91 4.74
C TYR A 61 -4.19 1.97 5.74
N THR A 62 -3.05 1.42 5.43
CA THR A 62 -2.40 0.50 6.40
C THR A 62 -1.53 1.28 7.36
N ALA A 63 -1.83 2.53 7.56
CA ALA A 63 -1.02 3.35 8.51
C ALA A 63 -0.53 2.48 9.65
N LEU A 64 -1.34 1.53 10.05
CA LEU A 64 -0.92 0.60 11.12
C LEU A 64 0.39 -0.07 10.73
N LEU A 65 0.35 -1.34 10.41
CA LEU A 65 1.60 -2.05 10.00
C LEU A 65 2.80 -1.55 10.81
N ASN A 66 2.56 -1.09 12.01
CA ASN A 66 3.68 -0.57 12.84
C ASN A 66 3.26 -0.50 14.31
N MET A 1 -7.80 12.70 3.30
CA MET A 1 -8.65 12.74 2.07
C MET A 1 -8.65 11.39 1.37
N VAL A 2 -9.80 10.77 1.23
CA VAL A 2 -9.86 9.44 0.55
C VAL A 2 -10.64 9.55 -0.75
N ASP A 3 -10.33 10.53 -1.57
CA ASP A 3 -11.06 10.68 -2.86
C ASP A 3 -10.42 9.79 -3.93
N SER A 4 -9.13 9.62 -3.89
CA SER A 4 -8.45 8.77 -4.90
C SER A 4 -7.03 8.44 -4.45
N LYS A 5 -6.29 7.73 -5.26
CA LYS A 5 -4.89 7.39 -4.87
C LYS A 5 -3.90 8.21 -5.70
N LYS A 6 -3.67 9.43 -5.31
CA LYS A 6 -2.71 10.30 -6.07
C LYS A 6 -1.28 10.09 -5.56
N ARG A 7 -0.67 11.12 -5.03
CA ARG A 7 0.73 10.97 -4.52
C ARG A 7 1.63 10.54 -5.69
N PRO A 8 2.78 9.95 -5.38
CA PRO A 8 3.70 9.52 -6.44
C PRO A 8 3.17 8.24 -7.11
N GLY A 9 1.98 8.30 -7.64
CA GLY A 9 1.40 7.10 -8.31
C GLY A 9 1.94 7.00 -9.73
N LYS A 10 2.32 8.11 -10.32
CA LYS A 10 2.86 8.07 -11.71
C LYS A 10 4.29 7.52 -11.70
N ASP A 11 4.78 7.15 -10.56
CA ASP A 11 6.17 6.59 -10.48
C ASP A 11 6.36 5.89 -9.13
N LEU A 12 5.79 4.73 -8.97
CA LEU A 12 5.93 4.01 -7.68
C LEU A 12 6.07 2.51 -7.92
N ASP A 13 6.80 1.83 -7.08
CA ASP A 13 6.96 0.35 -7.26
C ASP A 13 5.60 -0.31 -7.44
N ARG A 14 5.52 -1.29 -8.28
CA ARG A 14 4.22 -1.97 -8.52
C ARG A 14 3.65 -2.49 -7.20
N ILE A 15 4.48 -2.74 -6.23
CA ILE A 15 3.98 -3.24 -4.92
C ILE A 15 3.33 -2.11 -4.13
N ASP A 16 3.85 -0.92 -4.25
CA ASP A 16 3.26 0.24 -3.50
C ASP A 16 1.94 0.68 -4.15
N ARG A 17 1.98 1.02 -5.42
CA ARG A 17 0.73 1.47 -6.09
C ARG A 17 -0.36 0.41 -5.95
N ASN A 18 -0.02 -0.82 -6.17
CA ASN A 18 -1.03 -1.90 -6.01
C ASN A 18 -1.47 -1.97 -4.56
N ILE A 19 -0.57 -1.70 -3.66
CA ILE A 19 -0.92 -1.72 -2.22
C ILE A 19 -1.93 -0.60 -1.94
N LEU A 20 -1.69 0.57 -2.48
CA LEU A 20 -2.65 1.69 -2.27
C LEU A 20 -4.00 1.32 -2.90
N ASN A 21 -3.97 0.73 -4.06
CA ASN A 21 -5.24 0.33 -4.72
C ASN A 21 -5.95 -0.71 -3.84
N GLU A 22 -5.19 -1.50 -3.12
CA GLU A 22 -5.80 -2.52 -2.24
C GLU A 22 -6.32 -1.86 -0.97
N LEU A 23 -5.56 -0.96 -0.40
CA LEU A 23 -6.03 -0.27 0.82
C LEU A 23 -7.28 0.54 0.50
N GLN A 24 -7.34 1.10 -0.68
CA GLN A 24 -8.55 1.88 -1.07
C GLN A 24 -9.74 0.93 -1.24
N LYS A 25 -9.54 -0.18 -1.91
CA LYS A 25 -10.66 -1.14 -2.09
C LYS A 25 -10.98 -1.83 -0.78
N ASP A 26 -9.98 -2.13 0.00
CA ASP A 26 -10.22 -2.79 1.30
C ASP A 26 -9.37 -2.14 2.39
N GLY A 27 -9.90 -1.15 3.07
CA GLY A 27 -9.11 -0.47 4.14
C GLY A 27 -9.08 -1.34 5.39
N ARG A 28 -9.87 -2.37 5.42
CA ARG A 28 -9.90 -3.26 6.63
C ARG A 28 -8.81 -4.33 6.54
N ILE A 29 -7.75 -4.04 5.82
CA ILE A 29 -6.65 -5.04 5.70
C ILE A 29 -5.40 -4.56 6.43
N SER A 30 -4.56 -5.46 6.84
CA SER A 30 -3.32 -5.05 7.57
C SER A 30 -2.09 -5.24 6.67
N ASN A 31 -1.42 -6.36 6.80
CA ASN A 31 -0.21 -6.60 5.97
C ASN A 31 -0.21 -8.04 5.43
N VAL A 32 -0.40 -9.00 6.28
CA VAL A 32 -0.41 -10.41 5.78
C VAL A 32 -1.24 -10.48 4.50
N GLU A 33 -2.49 -10.09 4.57
CA GLU A 33 -3.32 -10.08 3.33
C GLU A 33 -2.75 -9.05 2.37
N LEU A 34 -2.11 -8.04 2.88
CA LEU A 34 -1.49 -7.00 2.01
C LEU A 34 -0.22 -7.56 1.37
N SER A 35 0.29 -8.64 1.89
CA SER A 35 1.54 -9.23 1.34
C SER A 35 1.23 -10.21 0.20
N LYS A 36 0.31 -11.12 0.42
CA LYS A 36 0.00 -12.13 -0.64
C LYS A 36 -0.98 -11.55 -1.68
N ARG A 37 -1.73 -10.55 -1.31
CA ARG A 37 -2.71 -9.98 -2.29
C ARG A 37 -1.99 -9.20 -3.37
N VAL A 38 -0.76 -8.86 -3.15
CA VAL A 38 0.01 -8.09 -4.18
C VAL A 38 1.09 -8.98 -4.80
N GLY A 39 1.29 -10.14 -4.24
CA GLY A 39 2.30 -11.08 -4.82
C GLY A 39 3.66 -10.90 -4.14
N LEU A 40 3.67 -10.72 -2.84
CA LEU A 40 4.99 -10.57 -2.13
C LEU A 40 4.88 -11.02 -0.69
N SER A 41 5.98 -11.22 -0.04
CA SER A 41 5.95 -11.61 1.39
C SER A 41 5.52 -10.41 2.21
N PRO A 42 5.05 -10.69 3.37
CA PRO A 42 4.57 -9.61 4.24
C PRO A 42 5.75 -8.81 4.80
N THR A 43 6.71 -9.47 5.38
CA THR A 43 7.89 -8.73 5.93
C THR A 43 8.24 -7.56 5.00
N PRO A 44 8.45 -7.88 3.75
CA PRO A 44 8.76 -6.84 2.74
C PRO A 44 7.49 -6.08 2.37
N CYS A 45 6.38 -6.76 2.22
CA CYS A 45 5.12 -6.06 1.88
C CYS A 45 5.07 -4.75 2.66
N LEU A 46 5.32 -4.82 3.93
CA LEU A 46 5.36 -3.59 4.73
C LEU A 46 6.41 -2.67 4.15
N GLU A 47 7.61 -3.18 3.97
CA GLU A 47 8.67 -2.35 3.35
C GLU A 47 8.08 -1.59 2.16
N ARG A 48 7.20 -2.22 1.42
CA ARG A 48 6.54 -1.54 0.28
C ARG A 48 5.56 -0.50 0.81
N VAL A 49 4.63 -0.92 1.62
CA VAL A 49 3.65 0.03 2.20
C VAL A 49 4.40 1.14 2.94
N ARG A 50 5.44 0.80 3.63
CA ARG A 50 6.23 1.83 4.36
C ARG A 50 6.62 2.95 3.41
N ARG A 51 7.15 2.61 2.27
CA ARG A 51 7.52 3.65 1.29
C ARG A 51 6.30 4.53 1.03
N LEU A 52 5.13 3.96 1.01
CA LEU A 52 3.91 4.77 0.79
C LEU A 52 3.66 5.68 1.99
N GLU A 53 4.19 5.32 3.13
CA GLU A 53 3.99 6.17 4.34
C GLU A 53 4.94 7.38 4.29
N ARG A 54 6.20 7.15 4.05
CA ARG A 54 7.16 8.28 3.98
C ARG A 54 6.62 9.37 3.06
N GLN A 55 6.01 8.99 1.97
CA GLN A 55 5.44 10.01 1.03
C GLN A 55 4.03 10.40 1.47
N GLY A 56 3.74 10.29 2.74
CA GLY A 56 2.37 10.67 3.22
C GLY A 56 1.32 10.07 2.29
N PHE A 57 1.07 8.79 2.41
CA PHE A 57 0.04 8.15 1.52
C PHE A 57 -0.58 6.95 2.24
N ILE A 58 -0.38 6.81 3.51
CA ILE A 58 -0.97 5.67 4.26
C ILE A 58 -1.52 6.13 5.61
N GLN A 59 -1.86 7.38 5.71
CA GLN A 59 -2.43 7.89 7.00
C GLN A 59 -3.86 7.37 7.16
N GLY A 60 -4.38 6.75 6.15
CA GLY A 60 -5.76 6.20 6.23
C GLY A 60 -5.77 4.79 5.64
N TYR A 61 -5.03 4.58 4.58
CA TYR A 61 -4.97 3.23 3.96
C TYR A 61 -4.51 2.20 4.99
N THR A 62 -3.35 1.63 4.81
CA THR A 62 -2.86 0.64 5.81
C THR A 62 -2.06 1.34 6.88
N ALA A 63 -2.39 2.56 7.18
CA ALA A 63 -1.65 3.31 8.24
C ALA A 63 -1.22 2.32 9.33
N LEU A 64 -2.03 1.33 9.56
CA LEU A 64 -1.68 0.29 10.57
C LEU A 64 -0.60 -0.64 9.99
N LEU A 65 -0.71 -1.91 10.23
CA LEU A 65 0.28 -2.86 9.67
C LEU A 65 1.70 -2.49 10.15
N ASN A 66 1.81 -1.57 11.08
CA ASN A 66 3.15 -1.19 11.59
C ASN A 66 3.28 -1.53 13.08
N MET A 1 -16.41 7.24 -0.13
CA MET A 1 -16.93 7.69 -1.45
C MET A 1 -15.79 8.26 -2.31
N VAL A 2 -16.05 8.51 -3.56
CA VAL A 2 -15.00 9.07 -4.44
C VAL A 2 -13.71 8.24 -4.31
N ASP A 3 -13.59 7.19 -5.06
CA ASP A 3 -12.36 6.34 -4.98
C ASP A 3 -11.20 7.03 -5.72
N SER A 4 -10.57 7.98 -5.10
CA SER A 4 -9.43 8.69 -5.77
C SER A 4 -8.10 8.21 -5.19
N LYS A 5 -7.55 7.16 -5.73
CA LYS A 5 -6.24 6.66 -5.22
C LYS A 5 -5.10 7.52 -5.77
N LYS A 6 -4.96 8.72 -5.28
CA LYS A 6 -3.88 9.61 -5.78
C LYS A 6 -2.51 9.03 -5.46
N ARG A 7 -1.96 9.36 -4.33
CA ARG A 7 -0.61 8.83 -3.99
C ARG A 7 0.38 9.19 -5.12
N PRO A 8 1.52 8.52 -5.15
CA PRO A 8 2.50 8.81 -6.21
C PRO A 8 2.03 8.22 -7.54
N GLY A 9 0.87 8.61 -7.99
CA GLY A 9 0.34 8.09 -9.28
C GLY A 9 1.47 7.96 -10.30
N LYS A 10 2.41 8.88 -10.30
CA LYS A 10 3.54 8.79 -11.26
C LYS A 10 4.34 7.51 -11.03
N ASP A 11 5.64 7.60 -11.03
CA ASP A 11 6.46 6.37 -10.81
C ASP A 11 6.00 5.64 -9.55
N LEU A 12 5.09 4.70 -9.70
CA LEU A 12 4.60 3.94 -8.51
C LEU A 12 5.05 2.48 -8.59
N ASP A 13 5.93 2.06 -7.72
CA ASP A 13 6.38 0.65 -7.75
C ASP A 13 5.18 -0.28 -7.89
N ARG A 14 5.37 -1.43 -8.46
CA ARG A 14 4.24 -2.37 -8.63
C ARG A 14 3.66 -2.77 -7.27
N ILE A 15 4.49 -2.79 -6.25
CA ILE A 15 4.00 -3.18 -4.90
C ILE A 15 3.33 -2.00 -4.21
N ASP A 16 3.70 -0.79 -4.54
CA ASP A 16 3.07 0.38 -3.89
C ASP A 16 1.77 0.75 -4.61
N ARG A 17 1.70 0.53 -5.90
CA ARG A 17 0.46 0.86 -6.64
C ARG A 17 -0.63 -0.16 -6.34
N ASN A 18 -0.30 -1.42 -6.39
CA ASN A 18 -1.32 -2.46 -6.09
C ASN A 18 -1.66 -2.40 -4.59
N ILE A 19 -0.70 -2.05 -3.78
CA ILE A 19 -0.97 -1.93 -2.33
C ILE A 19 -1.88 -0.73 -2.08
N LEU A 20 -1.68 0.34 -2.80
CA LEU A 20 -2.55 1.53 -2.62
C LEU A 20 -3.95 1.22 -3.13
N ASN A 21 -4.05 0.53 -4.24
CA ASN A 21 -5.39 0.16 -4.76
C ASN A 21 -6.06 -0.83 -3.82
N GLU A 22 -5.26 -1.57 -3.09
CA GLU A 22 -5.84 -2.55 -2.13
C GLU A 22 -6.11 -1.88 -0.78
N LEU A 23 -5.21 -1.05 -0.34
CA LEU A 23 -5.43 -0.35 0.96
C LEU A 23 -6.57 0.66 0.81
N GLN A 24 -6.81 1.11 -0.40
CA GLN A 24 -7.91 2.07 -0.62
C GLN A 24 -9.24 1.32 -0.79
N LYS A 25 -9.22 0.20 -1.44
CA LYS A 25 -10.47 -0.59 -1.62
C LYS A 25 -10.74 -1.43 -0.38
N ASP A 26 -9.71 -1.88 0.27
CA ASP A 26 -9.90 -2.70 1.49
C ASP A 26 -9.04 -2.14 2.64
N GLY A 27 -9.21 -0.89 2.95
CA GLY A 27 -8.42 -0.29 4.06
C GLY A 27 -8.42 -1.23 5.26
N ARG A 28 -9.44 -2.04 5.38
CA ARG A 28 -9.51 -2.98 6.54
C ARG A 28 -8.66 -4.22 6.26
N ILE A 29 -7.88 -4.20 5.21
CA ILE A 29 -7.03 -5.38 4.88
C ILE A 29 -5.85 -5.46 5.85
N SER A 30 -5.32 -6.64 6.04
CA SER A 30 -4.18 -6.80 6.97
C SER A 30 -2.88 -6.96 6.18
N ASN A 31 -1.78 -6.47 6.69
CA ASN A 31 -0.48 -6.62 5.97
C ASN A 31 -0.39 -8.02 5.35
N VAL A 32 -0.60 -9.05 6.12
CA VAL A 32 -0.56 -10.41 5.55
C VAL A 32 -1.33 -10.42 4.23
N GLU A 33 -2.58 -10.06 4.27
CA GLU A 33 -3.36 -9.99 3.00
C GLU A 33 -2.77 -8.89 2.13
N LEU A 34 -2.20 -7.88 2.73
CA LEU A 34 -1.55 -6.80 1.95
C LEU A 34 -0.26 -7.31 1.32
N SER A 35 0.23 -8.41 1.82
CA SER A 35 1.50 -8.98 1.28
C SER A 35 1.22 -9.93 0.11
N LYS A 36 0.24 -10.79 0.26
CA LYS A 36 -0.07 -11.77 -0.82
C LYS A 36 -0.95 -11.13 -1.90
N ARG A 37 -1.96 -10.40 -1.52
CA ARG A 37 -2.85 -9.77 -2.54
C ARG A 37 -2.04 -8.90 -3.48
N VAL A 38 -0.85 -8.56 -3.11
CA VAL A 38 0.00 -7.72 -3.99
C VAL A 38 1.02 -8.60 -4.71
N GLY A 39 1.29 -9.75 -4.19
CA GLY A 39 2.26 -10.67 -4.86
C GLY A 39 3.63 -10.61 -4.16
N LEU A 40 3.66 -10.49 -2.86
CA LEU A 40 4.98 -10.45 -2.14
C LEU A 40 4.82 -10.92 -0.71
N SER A 41 5.91 -11.09 -0.02
CA SER A 41 5.83 -11.50 1.40
C SER A 41 5.42 -10.30 2.22
N PRO A 42 4.92 -10.57 3.37
CA PRO A 42 4.45 -9.49 4.24
C PRO A 42 5.63 -8.75 4.86
N THR A 43 6.61 -9.46 5.35
CA THR A 43 7.79 -8.78 5.94
C THR A 43 8.20 -7.59 5.05
N PRO A 44 8.43 -7.88 3.80
CA PRO A 44 8.79 -6.83 2.84
C PRO A 44 7.55 -6.02 2.44
N CYS A 45 6.42 -6.65 2.32
CA CYS A 45 5.19 -5.90 1.96
C CYS A 45 5.15 -4.62 2.78
N LEU A 46 5.39 -4.73 4.06
CA LEU A 46 5.43 -3.54 4.92
C LEU A 46 6.55 -2.63 4.41
N GLU A 47 7.66 -3.21 4.02
CA GLU A 47 8.77 -2.40 3.48
C GLU A 47 8.24 -1.57 2.30
N ARG A 48 7.43 -2.19 1.46
CA ARG A 48 6.85 -1.45 0.32
C ARG A 48 5.81 -0.45 0.82
N VAL A 49 4.94 -0.89 1.68
CA VAL A 49 3.93 0.05 2.26
C VAL A 49 4.65 1.19 2.98
N ARG A 50 5.56 0.87 3.86
CA ARG A 50 6.30 1.95 4.57
C ARG A 50 6.68 3.04 3.58
N ARG A 51 7.32 2.67 2.51
CA ARG A 51 7.68 3.68 1.48
C ARG A 51 6.45 4.54 1.16
N LEU A 52 5.31 3.91 1.04
CA LEU A 52 4.07 4.69 0.76
C LEU A 52 3.65 5.47 2.00
N GLU A 53 4.07 5.02 3.15
CA GLU A 53 3.71 5.73 4.42
C GLU A 53 4.30 7.15 4.42
N ARG A 54 5.59 7.25 4.32
CA ARG A 54 6.23 8.61 4.32
C ARG A 54 5.53 9.53 3.32
N GLN A 55 4.97 8.97 2.28
CA GLN A 55 4.27 9.81 1.27
C GLN A 55 2.92 10.29 1.82
N GLY A 56 2.60 9.93 3.03
CA GLY A 56 1.32 10.37 3.62
C GLY A 56 0.15 9.72 2.88
N PHE A 57 0.17 8.43 2.72
CA PHE A 57 -0.93 7.74 2.00
C PHE A 57 -1.42 6.54 2.81
N ILE A 58 -0.98 6.41 4.02
CA ILE A 58 -1.42 5.27 4.87
C ILE A 58 -1.42 5.67 6.35
N GLN A 59 -2.56 5.64 6.97
CA GLN A 59 -2.63 6.03 8.41
C GLN A 59 -2.01 4.95 9.30
N GLY A 60 -0.71 4.91 9.37
CA GLY A 60 -0.05 3.86 10.21
C GLY A 60 0.69 2.87 9.31
N TYR A 61 1.51 3.36 8.41
CA TYR A 61 2.26 2.44 7.52
C TYR A 61 1.30 1.58 6.70
N THR A 62 0.69 0.61 7.31
CA THR A 62 -0.25 -0.24 6.56
C THR A 62 -1.65 0.33 6.63
N ALA A 63 -1.83 1.33 7.44
CA ALA A 63 -3.18 1.93 7.57
C ALA A 63 -4.18 0.85 7.97
N LEU A 64 -3.74 -0.13 8.71
CA LEU A 64 -4.67 -1.24 9.12
C LEU A 64 -3.95 -2.19 10.08
N LEU A 65 -2.70 -2.44 9.83
CA LEU A 65 -1.95 -3.37 10.72
C LEU A 65 -1.85 -2.81 12.15
N ASN A 66 -2.29 -1.60 12.35
CA ASN A 66 -2.24 -1.02 13.72
C ASN A 66 -3.14 -1.80 14.66
N MET A 1 -4.02 6.72 -20.36
CA MET A 1 -4.15 7.27 -18.99
C MET A 1 -4.08 6.14 -17.95
N VAL A 2 -4.10 6.48 -16.69
CA VAL A 2 -4.04 5.42 -15.63
C VAL A 2 -5.11 5.67 -14.57
N ASP A 3 -6.06 4.78 -14.46
CA ASP A 3 -7.14 4.97 -13.44
C ASP A 3 -6.87 4.08 -12.23
N SER A 4 -5.94 4.47 -11.39
CA SER A 4 -5.64 3.65 -10.18
C SER A 4 -5.13 4.53 -9.05
N LYS A 5 -6.01 5.15 -8.31
CA LYS A 5 -5.56 6.02 -7.19
C LYS A 5 -4.62 7.11 -7.71
N LYS A 6 -4.20 8.01 -6.86
CA LYS A 6 -3.27 9.09 -7.32
C LYS A 6 -1.85 8.79 -6.86
N ARG A 7 -1.36 9.47 -5.87
CA ARG A 7 0.03 9.22 -5.41
C ARG A 7 0.99 9.47 -6.58
N PRO A 8 2.24 9.16 -6.37
CA PRO A 8 3.24 9.35 -7.44
C PRO A 8 2.96 8.37 -8.58
N GLY A 9 1.79 8.44 -9.15
CA GLY A 9 1.44 7.51 -10.27
C GLY A 9 2.48 7.62 -11.37
N LYS A 10 3.15 8.74 -11.47
CA LYS A 10 4.18 8.90 -12.53
C LYS A 10 5.33 7.91 -12.31
N ASP A 11 5.34 7.25 -11.19
CA ASP A 11 6.42 6.27 -10.90
C ASP A 11 6.14 5.55 -9.59
N LEU A 12 5.44 4.45 -9.63
CA LEU A 12 5.12 3.72 -8.38
C LEU A 12 5.36 2.22 -8.56
N ASP A 13 6.21 1.64 -7.76
CA ASP A 13 6.47 0.19 -7.89
C ASP A 13 5.16 -0.59 -7.91
N ARG A 14 5.11 -1.66 -8.65
CA ARG A 14 3.85 -2.46 -8.72
C ARG A 14 3.39 -2.85 -7.32
N ILE A 15 4.28 -2.81 -6.36
CA ILE A 15 3.88 -3.18 -4.97
C ILE A 15 3.26 -1.98 -4.25
N ASP A 16 3.91 -0.85 -4.30
CA ASP A 16 3.34 0.35 -3.63
C ASP A 16 2.06 0.80 -4.32
N ARG A 17 1.97 0.62 -5.61
CA ARG A 17 0.75 1.03 -6.33
C ARG A 17 -0.37 0.03 -6.05
N ASN A 18 -0.14 -1.21 -6.30
CA ASN A 18 -1.18 -2.23 -6.02
C ASN A 18 -1.54 -2.19 -4.54
N ILE A 19 -0.61 -1.80 -3.72
CA ILE A 19 -0.89 -1.70 -2.27
C ILE A 19 -1.87 -0.56 -2.03
N LEU A 20 -1.67 0.56 -2.68
CA LEU A 20 -2.61 1.70 -2.50
C LEU A 20 -3.96 1.31 -3.09
N ASN A 21 -3.96 0.65 -4.21
CA ASN A 21 -5.26 0.22 -4.81
C ASN A 21 -5.90 -0.84 -3.91
N GLU A 22 -5.10 -1.62 -3.24
CA GLU A 22 -5.64 -2.66 -2.33
C GLU A 22 -6.06 -2.01 -1.01
N LEU A 23 -5.31 -1.03 -0.57
CA LEU A 23 -5.67 -0.34 0.70
C LEU A 23 -6.95 0.47 0.49
N GLN A 24 -7.11 1.03 -0.69
CA GLN A 24 -8.35 1.81 -0.97
C GLN A 24 -9.53 0.86 -1.12
N LYS A 25 -9.31 -0.27 -1.75
CA LYS A 25 -10.42 -1.26 -1.92
C LYS A 25 -10.56 -2.09 -0.65
N ASP A 26 -9.53 -2.13 0.14
CA ASP A 26 -9.60 -2.92 1.41
C ASP A 26 -8.81 -2.21 2.51
N GLY A 27 -9.08 -0.95 2.74
CA GLY A 27 -8.34 -0.20 3.78
C GLY A 27 -8.27 -1.04 5.07
N ARG A 28 -9.32 -1.75 5.39
CA ARG A 28 -9.31 -2.58 6.63
C ARG A 28 -8.36 -3.77 6.47
N ILE A 29 -7.11 -3.51 6.19
CA ILE A 29 -6.14 -4.64 6.03
C ILE A 29 -4.79 -4.26 6.63
N SER A 30 -4.18 -5.15 7.36
CA SER A 30 -2.87 -4.83 7.98
C SER A 30 -1.73 -5.04 6.97
N ASN A 31 -1.13 -6.20 6.97
CA ASN A 31 -0.02 -6.46 6.01
C ASN A 31 -0.12 -7.88 5.45
N VAL A 32 -0.28 -8.86 6.30
CA VAL A 32 -0.39 -10.26 5.80
C VAL A 32 -1.26 -10.28 4.55
N GLU A 33 -2.51 -9.95 4.68
CA GLU A 33 -3.40 -9.91 3.48
C GLU A 33 -2.88 -8.85 2.52
N LEU A 34 -2.13 -7.90 3.03
CA LEU A 34 -1.57 -6.84 2.17
C LEU A 34 -0.32 -7.37 1.46
N SER A 35 0.20 -8.47 1.93
CA SER A 35 1.43 -9.04 1.30
C SER A 35 1.07 -9.98 0.14
N LYS A 36 0.11 -10.84 0.34
CA LYS A 36 -0.27 -11.79 -0.75
C LYS A 36 -1.18 -11.12 -1.77
N ARG A 37 -2.07 -10.29 -1.33
CA ARG A 37 -3.01 -9.61 -2.29
C ARG A 37 -2.23 -8.85 -3.34
N VAL A 38 -0.98 -8.61 -3.10
CA VAL A 38 -0.17 -7.86 -4.10
C VAL A 38 0.83 -8.81 -4.76
N GLY A 39 1.04 -9.95 -4.18
CA GLY A 39 1.98 -10.94 -4.78
C GLY A 39 3.37 -10.82 -4.14
N LEU A 40 3.44 -10.56 -2.86
CA LEU A 40 4.77 -10.45 -2.19
C LEU A 40 4.68 -10.90 -0.73
N SER A 41 5.78 -11.23 -0.13
CA SER A 41 5.76 -11.61 1.30
C SER A 41 5.38 -10.40 2.11
N PRO A 42 4.92 -10.66 3.29
CA PRO A 42 4.49 -9.56 4.15
C PRO A 42 5.70 -8.81 4.70
N THR A 43 6.70 -9.51 5.16
CA THR A 43 7.91 -8.83 5.68
C THR A 43 8.23 -7.60 4.81
N PRO A 44 8.49 -7.84 3.56
CA PRO A 44 8.77 -6.73 2.62
C PRO A 44 7.49 -5.97 2.29
N CYS A 45 6.37 -6.66 2.16
CA CYS A 45 5.10 -5.96 1.88
C CYS A 45 5.07 -4.66 2.66
N LEU A 46 5.34 -4.74 3.93
CA LEU A 46 5.40 -3.52 4.74
C LEU A 46 6.47 -2.61 4.16
N GLU A 47 7.66 -3.11 3.98
CA GLU A 47 8.72 -2.29 3.37
C GLU A 47 8.14 -1.51 2.19
N ARG A 48 7.25 -2.15 1.46
CA ARG A 48 6.60 -1.46 0.30
C ARG A 48 5.60 -0.42 0.83
N VAL A 49 4.62 -0.85 1.57
CA VAL A 49 3.64 0.10 2.13
C VAL A 49 4.38 1.18 2.92
N ARG A 50 5.33 0.80 3.72
CA ARG A 50 6.11 1.80 4.50
C ARG A 50 6.56 2.93 3.58
N ARG A 51 7.16 2.57 2.47
CA ARG A 51 7.59 3.62 1.51
C ARG A 51 6.42 4.57 1.23
N LEU A 52 5.23 4.02 1.17
CA LEU A 52 4.04 4.89 0.92
C LEU A 52 3.72 5.71 2.18
N GLU A 53 4.21 5.30 3.31
CA GLU A 53 3.93 6.06 4.57
C GLU A 53 4.77 7.33 4.61
N ARG A 54 6.07 7.21 4.56
CA ARG A 54 6.94 8.42 4.60
C ARG A 54 6.49 9.44 3.54
N GLN A 55 5.79 9.00 2.54
CA GLN A 55 5.32 9.94 1.48
C GLN A 55 3.93 10.48 1.82
N GLY A 56 3.52 10.36 3.06
CA GLY A 56 2.18 10.86 3.45
C GLY A 56 1.12 10.27 2.52
N PHE A 57 1.14 8.98 2.32
CA PHE A 57 0.13 8.35 1.43
C PHE A 57 -0.57 7.19 2.14
N ILE A 58 -0.33 7.05 3.42
CA ILE A 58 -0.98 5.94 4.17
C ILE A 58 -1.49 6.45 5.52
N GLN A 59 -1.91 7.68 5.57
CA GLN A 59 -2.44 8.23 6.85
C GLN A 59 -3.85 7.70 7.11
N GLY A 60 -4.42 7.05 6.14
CA GLY A 60 -5.79 6.50 6.31
C GLY A 60 -5.81 5.04 5.83
N TYR A 61 -5.13 4.75 4.76
CA TYR A 61 -5.10 3.35 4.24
C TYR A 61 -4.55 2.41 5.31
N THR A 62 -3.43 1.78 5.05
CA THR A 62 -2.87 0.87 6.07
C THR A 62 -1.94 1.63 7.00
N ALA A 63 -2.25 2.86 7.28
CA ALA A 63 -1.39 3.66 8.20
C ALA A 63 -0.82 2.73 9.27
N LEU A 64 -1.58 1.75 9.65
CA LEU A 64 -1.09 0.76 10.65
C LEU A 64 -0.03 -0.12 10.01
N LEU A 65 -0.03 -1.40 10.33
CA LEU A 65 0.96 -2.31 9.71
C LEU A 65 2.40 -1.77 9.95
N ASN A 66 2.54 -0.81 10.81
CA ASN A 66 3.90 -0.27 11.08
C ASN A 66 4.28 -0.51 12.55
N MET A 1 -10.94 10.42 -17.61
CA MET A 1 -10.82 9.36 -16.58
C MET A 1 -10.88 9.96 -15.18
N VAL A 2 -11.82 9.53 -14.37
CA VAL A 2 -11.92 10.08 -12.99
C VAL A 2 -10.63 9.83 -12.21
N ASP A 3 -9.95 10.87 -11.80
CA ASP A 3 -8.69 10.68 -11.03
C ASP A 3 -8.99 10.34 -9.57
N SER A 4 -8.47 9.25 -9.08
CA SER A 4 -8.74 8.85 -7.66
C SER A 4 -7.49 8.22 -7.04
N LYS A 5 -7.44 8.15 -5.73
CA LYS A 5 -6.26 7.54 -5.06
C LYS A 5 -5.02 8.44 -5.23
N LYS A 6 -4.63 8.71 -6.45
CA LYS A 6 -3.44 9.59 -6.67
C LYS A 6 -2.18 8.93 -6.12
N ARG A 7 -2.10 8.76 -4.84
CA ARG A 7 -0.88 8.13 -4.25
C ARG A 7 0.36 8.74 -4.89
N PRO A 8 1.50 8.13 -4.68
CA PRO A 8 2.75 8.65 -5.26
C PRO A 8 2.75 8.38 -6.77
N GLY A 9 1.77 8.90 -7.47
CA GLY A 9 1.70 8.68 -8.94
C GLY A 9 3.11 8.79 -9.55
N LYS A 10 3.82 9.82 -9.21
CA LYS A 10 5.20 9.98 -9.77
C LYS A 10 6.14 8.93 -9.17
N ASP A 11 6.79 8.15 -10.00
CA ASP A 11 7.72 7.11 -9.47
C ASP A 11 7.00 6.24 -8.44
N LEU A 12 6.45 5.13 -8.85
CA LEU A 12 5.74 4.24 -7.89
C LEU A 12 6.16 2.79 -8.09
N ASP A 13 6.21 2.03 -7.03
CA ASP A 13 6.60 0.59 -7.16
C ASP A 13 5.37 -0.27 -7.34
N ARG A 14 5.40 -1.18 -8.29
CA ARG A 14 4.23 -2.05 -8.53
C ARG A 14 3.64 -2.54 -7.20
N ILE A 15 4.47 -2.77 -6.22
CA ILE A 15 3.96 -3.25 -4.90
C ILE A 15 3.29 -2.12 -4.13
N ASP A 16 3.61 -0.90 -4.46
CA ASP A 16 2.98 0.24 -3.73
C ASP A 16 1.66 0.64 -4.39
N ARG A 17 1.68 0.95 -5.65
CA ARG A 17 0.42 1.35 -6.34
C ARG A 17 -0.61 0.23 -6.23
N ASN A 18 -0.17 -0.98 -6.31
CA ASN A 18 -1.13 -2.12 -6.18
C ASN A 18 -1.56 -2.23 -4.72
N ILE A 19 -0.64 -2.09 -3.81
CA ILE A 19 -1.00 -2.16 -2.37
C ILE A 19 -1.84 -0.93 -2.01
N LEU A 20 -1.59 0.18 -2.67
CA LEU A 20 -2.38 1.40 -2.38
C LEU A 20 -3.78 1.25 -2.97
N ASN A 21 -3.89 0.69 -4.14
CA ASN A 21 -5.22 0.49 -4.75
C ASN A 21 -5.99 -0.56 -3.96
N GLU A 22 -5.28 -1.47 -3.35
CA GLU A 22 -5.95 -2.52 -2.53
C GLU A 22 -6.32 -1.95 -1.16
N LEU A 23 -5.59 -0.97 -0.70
CA LEU A 23 -5.92 -0.36 0.61
C LEU A 23 -7.19 0.49 0.46
N GLN A 24 -7.37 1.10 -0.68
CA GLN A 24 -8.59 1.92 -0.90
C GLN A 24 -9.80 0.99 -1.11
N LYS A 25 -9.62 -0.08 -1.84
CA LYS A 25 -10.75 -1.02 -2.06
C LYS A 25 -11.01 -1.83 -0.80
N ASP A 26 -10.00 -2.07 -0.03
CA ASP A 26 -10.19 -2.84 1.23
C ASP A 26 -9.64 -2.04 2.42
N GLY A 27 -10.31 -0.99 2.79
CA GLY A 27 -9.83 -0.16 3.95
C GLY A 27 -9.96 -0.97 5.24
N ARG A 28 -9.35 -2.12 5.29
CA ARG A 28 -9.42 -2.96 6.53
C ARG A 28 -8.62 -4.24 6.33
N ILE A 29 -7.49 -4.16 5.69
CA ILE A 29 -6.66 -5.38 5.45
C ILE A 29 -5.29 -5.22 6.11
N SER A 30 -4.83 -6.24 6.78
CA SER A 30 -3.50 -6.14 7.43
C SER A 30 -2.40 -6.44 6.41
N ASN A 31 -1.19 -6.00 6.68
CA ASN A 31 -0.08 -6.25 5.72
C ASN A 31 -0.04 -7.73 5.34
N VAL A 32 -0.10 -8.62 6.30
CA VAL A 32 -0.07 -10.07 5.95
C VAL A 32 -0.94 -10.32 4.72
N GLU A 33 -2.22 -10.07 4.85
CA GLU A 33 -3.12 -10.25 3.67
C GLU A 33 -2.68 -9.27 2.58
N LEU A 34 -2.20 -8.12 2.98
CA LEU A 34 -1.72 -7.12 1.99
C LEU A 34 -0.46 -7.64 1.30
N SER A 35 0.15 -8.65 1.86
CA SER A 35 1.40 -9.20 1.26
C SER A 35 1.08 -10.24 0.17
N LYS A 36 0.25 -11.19 0.48
CA LYS A 36 -0.08 -12.25 -0.51
C LYS A 36 -1.07 -11.74 -1.57
N ARG A 37 -1.73 -10.65 -1.30
CA ARG A 37 -2.72 -10.13 -2.29
C ARG A 37 -2.00 -9.37 -3.42
N VAL A 38 -0.77 -9.01 -3.21
CA VAL A 38 -0.03 -8.28 -4.27
C VAL A 38 1.06 -9.17 -4.86
N GLY A 39 1.24 -10.34 -4.30
CA GLY A 39 2.25 -11.28 -4.84
C GLY A 39 3.61 -11.05 -4.16
N LEU A 40 3.61 -10.85 -2.87
CA LEU A 40 4.90 -10.64 -2.16
C LEU A 40 4.79 -11.05 -0.69
N SER A 41 5.89 -11.23 -0.04
CA SER A 41 5.85 -11.58 1.41
C SER A 41 5.41 -10.35 2.18
N PRO A 42 4.93 -10.59 3.35
CA PRO A 42 4.45 -9.48 4.17
C PRO A 42 5.62 -8.69 4.75
N THR A 43 6.59 -9.36 5.29
CA THR A 43 7.77 -8.63 5.84
C THR A 43 8.14 -7.47 4.89
N PRO A 44 8.35 -7.81 3.65
CA PRO A 44 8.67 -6.78 2.63
C PRO A 44 7.41 -6.01 2.25
N CYS A 45 6.30 -6.69 2.06
CA CYS A 45 5.04 -5.97 1.71
C CYS A 45 4.99 -4.67 2.49
N LEU A 46 5.22 -4.74 3.76
CA LEU A 46 5.26 -3.52 4.58
C LEU A 46 6.37 -2.62 4.06
N GLU A 47 7.55 -3.17 3.91
CA GLU A 47 8.67 -2.35 3.36
C GLU A 47 8.16 -1.56 2.15
N ARG A 48 7.25 -2.16 1.41
CA ARG A 48 6.67 -1.44 0.23
C ARG A 48 5.70 -0.38 0.73
N VAL A 49 4.78 -0.76 1.57
CA VAL A 49 3.81 0.23 2.12
C VAL A 49 4.54 1.27 2.96
N ARG A 50 5.42 0.84 3.83
CA ARG A 50 6.17 1.81 4.67
C ARG A 50 6.75 2.90 3.78
N ARG A 51 7.33 2.54 2.68
CA ARG A 51 7.87 3.56 1.75
C ARG A 51 6.76 4.54 1.41
N LEU A 52 5.57 4.05 1.18
CA LEU A 52 4.43 4.95 0.87
C LEU A 52 4.10 5.80 2.09
N GLU A 53 4.38 5.31 3.27
CA GLU A 53 4.08 6.10 4.50
C GLU A 53 4.89 7.40 4.51
N ARG A 54 6.19 7.29 4.48
CA ARG A 54 7.03 8.53 4.50
C ARG A 54 6.49 9.55 3.49
N GLN A 55 5.78 9.09 2.49
CA GLN A 55 5.22 10.03 1.48
C GLN A 55 3.80 10.46 1.88
N GLY A 56 3.40 10.16 3.09
CA GLY A 56 2.04 10.55 3.54
C GLY A 56 0.99 9.88 2.64
N PHE A 57 1.04 8.58 2.53
CA PHE A 57 0.05 7.87 1.67
C PHE A 57 -0.57 6.70 2.44
N ILE A 58 -0.21 6.53 3.68
CA ILE A 58 -0.77 5.40 4.47
C ILE A 58 -1.24 5.90 5.83
N GLN A 59 -1.75 7.11 5.88
CA GLN A 59 -2.25 7.66 7.17
C GLN A 59 -3.66 7.12 7.45
N GLY A 60 -4.22 6.44 6.50
CA GLY A 60 -5.59 5.88 6.69
C GLY A 60 -5.65 4.48 6.06
N TYR A 61 -4.99 4.29 4.95
CA TYR A 61 -5.01 2.95 4.29
C TYR A 61 -4.51 1.89 5.27
N THR A 62 -3.36 1.31 5.03
CA THR A 62 -2.85 0.29 5.97
C THR A 62 -2.07 0.95 7.08
N ALA A 63 -2.38 2.17 7.40
CA ALA A 63 -1.66 2.87 8.48
C ALA A 63 -1.38 1.88 9.62
N LEU A 64 -2.26 0.92 9.79
CA LEU A 64 -2.05 -0.10 10.86
C LEU A 64 -0.68 -0.74 10.70
N LEU A 65 -0.19 -0.79 9.51
CA LEU A 65 1.14 -1.40 9.25
C LEU A 65 2.14 -1.00 10.34
N ASN A 66 1.91 0.10 11.00
CA ASN A 66 2.84 0.54 12.08
C ASN A 66 2.36 0.05 13.44
N MET A 1 -7.84 0.11 -17.21
CA MET A 1 -8.43 1.48 -17.11
C MET A 1 -8.37 1.98 -15.67
N VAL A 2 -9.16 1.41 -14.80
CA VAL A 2 -9.16 1.85 -13.38
C VAL A 2 -7.85 1.45 -12.71
N ASP A 3 -7.07 0.61 -13.35
CA ASP A 3 -5.78 0.18 -12.76
C ASP A 3 -5.01 1.39 -12.22
N SER A 4 -4.38 1.24 -11.09
CA SER A 4 -3.61 2.38 -10.51
C SER A 4 -4.56 3.51 -10.10
N LYS A 5 -4.70 3.75 -8.82
CA LYS A 5 -5.60 4.84 -8.36
C LYS A 5 -4.93 6.20 -8.54
N LYS A 6 -3.84 6.43 -7.86
CA LYS A 6 -3.13 7.74 -7.99
C LYS A 6 -1.86 7.74 -7.14
N ARG A 7 -1.66 8.75 -6.33
CA ARG A 7 -0.43 8.79 -5.50
C ARG A 7 0.79 8.89 -6.43
N PRO A 8 1.97 8.74 -5.88
CA PRO A 8 3.18 8.81 -6.71
C PRO A 8 3.24 7.60 -7.65
N GLY A 9 2.22 7.40 -8.44
CA GLY A 9 2.19 6.25 -9.37
C GLY A 9 3.52 6.19 -10.14
N LYS A 10 4.00 7.31 -10.60
CA LYS A 10 5.29 7.32 -11.35
C LYS A 10 6.46 7.51 -10.39
N ASP A 11 6.35 6.98 -9.20
CA ASP A 11 7.46 7.13 -8.22
C ASP A 11 7.36 6.05 -7.14
N LEU A 12 7.47 4.81 -7.52
CA LEU A 12 7.38 3.71 -6.53
C LEU A 12 7.43 2.35 -7.24
N ASP A 13 7.31 1.29 -6.49
CA ASP A 13 7.36 -0.06 -7.13
C ASP A 13 5.93 -0.57 -7.39
N ARG A 14 5.79 -1.53 -8.26
CA ARG A 14 4.44 -2.06 -8.56
C ARG A 14 3.77 -2.56 -7.27
N ILE A 15 4.55 -2.91 -6.28
CA ILE A 15 3.95 -3.42 -5.01
C ILE A 15 3.35 -2.27 -4.21
N ASP A 16 3.94 -1.12 -4.29
CA ASP A 16 3.40 0.04 -3.52
C ASP A 16 2.09 0.53 -4.14
N ARG A 17 2.13 0.94 -5.38
CA ARG A 17 0.88 1.44 -6.03
C ARG A 17 -0.22 0.40 -5.95
N ASN A 18 0.10 -0.84 -6.20
CA ASN A 18 -0.93 -1.90 -6.11
C ASN A 18 -1.40 -2.03 -4.67
N ILE A 19 -0.50 -1.88 -3.74
CA ILE A 19 -0.90 -1.96 -2.32
C ILE A 19 -1.86 -0.82 -2.00
N LEU A 20 -1.62 0.35 -2.55
CA LEU A 20 -2.54 1.49 -2.30
C LEU A 20 -3.90 1.18 -2.90
N ASN A 21 -3.93 0.61 -4.07
CA ASN A 21 -5.22 0.26 -4.71
C ASN A 21 -5.95 -0.77 -3.84
N GLU A 22 -5.21 -1.66 -3.23
CA GLU A 22 -5.84 -2.68 -2.35
C GLU A 22 -6.31 -2.02 -1.06
N LEU A 23 -5.53 -1.14 -0.51
CA LEU A 23 -5.95 -0.45 0.73
C LEU A 23 -7.14 0.46 0.41
N GLN A 24 -7.19 0.98 -0.79
CA GLN A 24 -8.34 1.84 -1.17
C GLN A 24 -9.62 1.02 -1.19
N LYS A 25 -9.54 -0.20 -1.68
CA LYS A 25 -10.75 -1.07 -1.70
C LYS A 25 -10.96 -1.70 -0.33
N ASP A 26 -9.95 -1.71 0.48
CA ASP A 26 -10.10 -2.28 1.85
C ASP A 26 -9.33 -1.43 2.86
N GLY A 27 -9.99 -0.51 3.49
CA GLY A 27 -9.30 0.36 4.49
C GLY A 27 -9.22 -0.35 5.84
N ARG A 28 -9.44 -1.64 5.85
CA ARG A 28 -9.37 -2.39 7.13
C ARG A 28 -8.48 -3.63 6.96
N ILE A 29 -7.39 -3.51 6.25
CA ILE A 29 -6.49 -4.67 6.05
C ILE A 29 -5.07 -4.32 6.46
N SER A 30 -4.45 -5.14 7.25
CA SER A 30 -3.06 -4.86 7.68
C SER A 30 -2.09 -5.07 6.51
N ASN A 31 -1.00 -5.75 6.75
CA ASN A 31 -0.03 -6.00 5.65
C ASN A 31 0.00 -7.49 5.31
N VAL A 32 -0.24 -8.33 6.28
CA VAL A 32 -0.25 -9.79 5.99
C VAL A 32 -1.15 -10.06 4.78
N GLU A 33 -2.42 -9.78 4.90
CA GLU A 33 -3.33 -9.96 3.74
C GLU A 33 -2.89 -9.04 2.61
N LEU A 34 -2.29 -7.93 2.97
CA LEU A 34 -1.79 -6.97 1.95
C LEU A 34 -0.54 -7.54 1.28
N SER A 35 0.05 -8.53 1.88
CA SER A 35 1.29 -9.12 1.32
C SER A 35 0.97 -10.22 0.29
N LYS A 36 0.07 -11.11 0.62
CA LYS A 36 -0.26 -12.23 -0.31
C LYS A 36 -1.26 -11.77 -1.39
N ARG A 37 -2.02 -10.74 -1.13
CA ARG A 37 -3.01 -10.28 -2.14
C ARG A 37 -2.32 -9.56 -3.30
N VAL A 38 -1.09 -9.19 -3.11
CA VAL A 38 -0.34 -8.50 -4.20
C VAL A 38 0.69 -9.44 -4.82
N GLY A 39 0.95 -10.54 -4.15
CA GLY A 39 1.93 -11.53 -4.70
C GLY A 39 3.30 -11.32 -4.08
N LEU A 40 3.36 -11.04 -2.79
CA LEU A 40 4.69 -10.84 -2.13
C LEU A 40 4.60 -11.18 -0.65
N SER A 41 5.72 -11.28 0.01
CA SER A 41 5.70 -11.54 1.46
C SER A 41 5.31 -10.27 2.19
N PRO A 42 4.85 -10.44 3.38
CA PRO A 42 4.42 -9.28 4.16
C PRO A 42 5.63 -8.50 4.67
N THR A 43 6.63 -9.18 5.17
CA THR A 43 7.84 -8.46 5.66
C THR A 43 8.17 -7.31 4.69
N PRO A 44 8.34 -7.66 3.44
CA PRO A 44 8.63 -6.64 2.41
C PRO A 44 7.35 -5.87 2.06
N CYS A 45 6.24 -6.55 1.91
CA CYS A 45 4.97 -5.83 1.59
C CYS A 45 4.93 -4.55 2.40
N LEU A 46 5.25 -4.65 3.65
CA LEU A 46 5.32 -3.44 4.49
C LEU A 46 6.42 -2.55 3.98
N GLU A 47 7.59 -3.11 3.78
CA GLU A 47 8.70 -2.31 3.22
C GLU A 47 8.18 -1.50 2.03
N ARG A 48 7.40 -2.11 1.19
CA ARG A 48 6.82 -1.38 0.03
C ARG A 48 5.80 -0.35 0.54
N VAL A 49 4.95 -0.76 1.45
CA VAL A 49 3.96 0.19 2.01
C VAL A 49 4.70 1.30 2.78
N ARG A 50 5.63 0.94 3.62
CA ARG A 50 6.40 1.96 4.38
C ARG A 50 6.76 3.10 3.44
N ARG A 51 7.43 2.80 2.37
CA ARG A 51 7.79 3.86 1.40
C ARG A 51 6.55 4.71 1.13
N LEU A 52 5.42 4.08 0.95
CA LEU A 52 4.17 4.84 0.71
C LEU A 52 3.73 5.55 2.00
N GLU A 53 3.83 4.87 3.11
CA GLU A 53 3.43 5.49 4.40
C GLU A 53 4.34 6.69 4.70
N ARG A 54 5.62 6.47 4.77
CA ARG A 54 6.55 7.60 5.07
C ARG A 54 6.33 8.73 4.07
N GLN A 55 5.70 8.44 2.95
CA GLN A 55 5.45 9.50 1.94
C GLN A 55 4.12 10.20 2.21
N GLY A 56 3.53 9.94 3.34
CA GLY A 56 2.22 10.59 3.66
C GLY A 56 1.12 9.99 2.80
N PHE A 57 1.10 8.69 2.65
CA PHE A 57 0.04 8.04 1.82
C PHE A 57 -0.53 6.82 2.54
N ILE A 58 -0.21 6.66 3.80
CA ILE A 58 -0.74 5.48 4.55
C ILE A 58 -1.10 5.90 5.98
N GLN A 59 -1.82 6.97 6.13
CA GLN A 59 -2.22 7.42 7.49
C GLN A 59 -3.59 6.82 7.86
N GLY A 60 -4.21 6.17 6.93
CA GLY A 60 -5.55 5.56 7.20
C GLY A 60 -5.57 4.13 6.66
N TYR A 61 -5.01 3.93 5.50
CA TYR A 61 -4.99 2.55 4.91
C TYR A 61 -4.30 1.59 5.88
N THR A 62 -3.14 1.11 5.52
CA THR A 62 -2.43 0.18 6.43
C THR A 62 -1.60 0.99 7.41
N ALA A 63 -1.90 2.24 7.57
CA ALA A 63 -1.13 3.08 8.53
C ALA A 63 -0.80 2.25 9.77
N LEU A 64 -1.65 1.31 10.09
CA LEU A 64 -1.40 0.44 11.28
C LEU A 64 -0.04 -0.23 11.15
N LEU A 65 0.35 -0.54 9.96
CA LEU A 65 1.67 -1.20 9.75
C LEU A 65 2.73 -0.60 10.67
N ASN A 66 2.55 0.62 11.08
CA ASN A 66 3.54 1.26 11.98
C ASN A 66 2.86 1.72 13.27
N MET A 1 -6.01 4.41 -16.08
CA MET A 1 -6.76 3.22 -15.59
C MET A 1 -7.19 3.44 -14.13
N VAL A 2 -7.50 4.66 -13.77
CA VAL A 2 -7.94 4.93 -12.37
C VAL A 2 -8.58 6.32 -12.28
N ASP A 3 -9.21 6.62 -11.18
CA ASP A 3 -9.85 7.96 -11.03
C ASP A 3 -9.94 8.35 -9.55
N SER A 4 -9.16 7.74 -8.72
CA SER A 4 -9.21 8.07 -7.26
C SER A 4 -7.79 8.07 -6.68
N LYS A 5 -7.14 6.93 -6.68
CA LYS A 5 -5.76 6.86 -6.12
C LYS A 5 -4.83 7.81 -6.90
N LYS A 6 -3.88 8.40 -6.24
CA LYS A 6 -2.96 9.34 -6.93
C LYS A 6 -1.52 9.08 -6.50
N ARG A 7 -1.08 9.74 -5.45
CA ARG A 7 0.32 9.53 -4.99
C ARG A 7 1.27 9.72 -6.20
N PRO A 8 2.50 9.30 -6.03
CA PRO A 8 3.47 9.42 -7.13
C PRO A 8 3.17 8.39 -8.22
N GLY A 9 1.98 8.43 -8.76
CA GLY A 9 1.60 7.46 -9.83
C GLY A 9 2.61 7.51 -10.97
N LYS A 10 3.11 8.69 -11.28
CA LYS A 10 4.11 8.80 -12.38
C LYS A 10 5.39 8.08 -11.99
N ASP A 11 5.50 7.64 -10.77
CA ASP A 11 6.72 6.91 -10.32
C ASP A 11 6.42 6.18 -9.01
N LEU A 12 5.75 5.07 -9.09
CA LEU A 12 5.43 4.31 -7.85
C LEU A 12 5.82 2.85 -7.99
N ASP A 13 6.26 2.25 -6.92
CA ASP A 13 6.66 0.81 -6.99
C ASP A 13 5.44 -0.05 -7.27
N ARG A 14 5.58 -1.01 -8.13
CA ARG A 14 4.41 -1.88 -8.46
C ARG A 14 3.80 -2.45 -7.18
N ILE A 15 4.59 -2.63 -6.16
CA ILE A 15 4.04 -3.19 -4.89
C ILE A 15 3.34 -2.10 -4.07
N ASP A 16 3.77 -0.88 -4.20
CA ASP A 16 3.13 0.22 -3.43
C ASP A 16 1.86 0.69 -4.16
N ARG A 17 1.89 0.73 -5.47
CA ARG A 17 0.68 1.17 -6.21
C ARG A 17 -0.41 0.11 -6.11
N ASN A 18 -0.06 -1.12 -6.27
CA ASN A 18 -1.07 -2.20 -6.14
C ASN A 18 -1.55 -2.29 -4.70
N ILE A 19 -0.66 -2.06 -3.76
CA ILE A 19 -1.06 -2.10 -2.34
C ILE A 19 -1.95 -0.90 -2.05
N LEU A 20 -1.66 0.23 -2.64
CA LEU A 20 -2.52 1.42 -2.43
C LEU A 20 -3.90 1.16 -3.02
N ASN A 21 -3.95 0.48 -4.14
CA ASN A 21 -5.27 0.16 -4.75
C ASN A 21 -6.01 -0.82 -3.85
N GLU A 22 -5.30 -1.72 -3.23
CA GLU A 22 -5.96 -2.69 -2.31
C GLU A 22 -6.40 -1.99 -1.03
N LEU A 23 -5.58 -1.10 -0.52
CA LEU A 23 -5.97 -0.37 0.70
C LEU A 23 -7.15 0.55 0.39
N GLN A 24 -7.17 1.13 -0.78
CA GLN A 24 -8.32 1.99 -1.16
C GLN A 24 -9.59 1.15 -1.22
N LYS A 25 -9.49 -0.05 -1.74
CA LYS A 25 -10.69 -0.93 -1.80
C LYS A 25 -10.93 -1.57 -0.44
N ASP A 26 -9.91 -1.70 0.36
CA ASP A 26 -10.08 -2.30 1.70
C ASP A 26 -9.39 -1.44 2.75
N GLY A 27 -10.13 -0.58 3.41
CA GLY A 27 -9.52 0.30 4.45
C GLY A 27 -9.50 -0.43 5.79
N ARG A 28 -9.23 -1.70 5.79
CA ARG A 28 -9.20 -2.47 7.07
C ARG A 28 -8.27 -3.67 6.94
N ILE A 29 -7.36 -3.63 6.00
CA ILE A 29 -6.42 -4.78 5.81
C ILE A 29 -5.07 -4.45 6.43
N SER A 30 -4.45 -5.40 7.06
CA SER A 30 -3.12 -5.15 7.68
C SER A 30 -2.01 -5.33 6.64
N ASN A 31 -1.09 -6.23 6.88
CA ASN A 31 0.01 -6.45 5.90
C ASN A 31 0.01 -7.90 5.40
N VAL A 32 -0.11 -8.85 6.29
CA VAL A 32 -0.14 -10.27 5.84
C VAL A 32 -1.07 -10.40 4.64
N GLU A 33 -2.32 -10.08 4.81
CA GLU A 33 -3.27 -10.14 3.68
C GLU A 33 -2.82 -9.14 2.60
N LEU A 34 -2.18 -8.08 3.01
CA LEU A 34 -1.69 -7.08 2.04
C LEU A 34 -0.45 -7.61 1.32
N SER A 35 0.16 -8.63 1.87
CA SER A 35 1.38 -9.19 1.23
C SER A 35 0.99 -10.19 0.14
N LYS A 36 -0.03 -10.97 0.36
CA LYS A 36 -0.46 -11.96 -0.66
C LYS A 36 -1.41 -11.31 -1.68
N ARG A 37 -2.00 -10.20 -1.34
CA ARG A 37 -2.94 -9.53 -2.27
C ARG A 37 -2.19 -8.86 -3.42
N VAL A 38 -0.93 -8.63 -3.23
CA VAL A 38 -0.12 -7.99 -4.30
C VAL A 38 0.88 -9.00 -4.88
N GLY A 39 1.03 -10.11 -4.23
CA GLY A 39 1.95 -11.16 -4.75
C GLY A 39 3.35 -10.99 -4.15
N LEU A 40 3.44 -10.70 -2.87
CA LEU A 40 4.79 -10.55 -2.24
C LEU A 40 4.74 -10.99 -0.78
N SER A 41 5.87 -11.13 -0.16
CA SER A 41 5.89 -11.50 1.28
C SER A 41 5.46 -10.30 2.08
N PRO A 42 4.94 -10.58 3.24
CA PRO A 42 4.46 -9.50 4.10
C PRO A 42 5.63 -8.72 4.70
N THR A 43 6.61 -9.39 5.25
CA THR A 43 7.77 -8.67 5.82
C THR A 43 8.15 -7.50 4.90
N PRO A 44 8.37 -7.82 3.65
CA PRO A 44 8.70 -6.78 2.66
C PRO A 44 7.45 -6.00 2.27
N CYS A 45 6.33 -6.67 2.09
CA CYS A 45 5.08 -5.94 1.74
C CYS A 45 5.02 -4.65 2.54
N LEU A 46 5.29 -4.73 3.80
CA LEU A 46 5.33 -3.52 4.63
C LEU A 46 6.44 -2.61 4.12
N GLU A 47 7.61 -3.16 3.93
CA GLU A 47 8.72 -2.34 3.38
C GLU A 47 8.21 -1.54 2.19
N ARG A 48 7.42 -2.18 1.35
CA ARG A 48 6.84 -1.45 0.18
C ARG A 48 5.85 -0.39 0.66
N VAL A 49 4.86 -0.81 1.41
CA VAL A 49 3.89 0.17 1.96
C VAL A 49 4.61 1.25 2.75
N ARG A 50 5.46 0.86 3.66
CA ARG A 50 6.22 1.86 4.45
C ARG A 50 6.67 2.99 3.54
N ARG A 51 7.28 2.65 2.45
CA ARG A 51 7.71 3.70 1.49
C ARG A 51 6.53 4.64 1.22
N LEU A 52 5.37 4.08 1.01
CA LEU A 52 4.17 4.93 0.77
C LEU A 52 3.82 5.71 2.04
N GLU A 53 4.29 5.25 3.17
CA GLU A 53 3.99 5.96 4.45
C GLU A 53 4.74 7.29 4.51
N ARG A 54 6.06 7.24 4.53
CA ARG A 54 6.85 8.51 4.59
C ARG A 54 6.32 9.51 3.57
N GLN A 55 5.66 9.05 2.55
CA GLN A 55 5.11 9.99 1.52
C GLN A 55 3.73 10.49 1.96
N GLY A 56 3.35 10.23 3.17
CA GLY A 56 2.02 10.69 3.66
C GLY A 56 0.92 10.09 2.78
N PHE A 57 0.91 8.79 2.65
CA PHE A 57 -0.14 8.14 1.82
C PHE A 57 -0.64 6.85 2.48
N ILE A 58 -0.26 6.63 3.72
CA ILE A 58 -0.72 5.40 4.42
C ILE A 58 -1.13 5.75 5.86
N GLN A 59 -1.59 6.94 6.07
CA GLN A 59 -2.04 7.32 7.44
C GLN A 59 -3.47 6.84 7.67
N GLY A 60 -4.11 6.37 6.63
CA GLY A 60 -5.50 5.87 6.78
C GLY A 60 -5.58 4.44 6.24
N TYR A 61 -4.93 4.17 5.14
CA TYR A 61 -4.95 2.79 4.58
C TYR A 61 -4.42 1.80 5.61
N THR A 62 -3.29 1.20 5.37
CA THR A 62 -2.74 0.25 6.36
C THR A 62 -1.85 0.99 7.35
N ALA A 63 -2.11 2.26 7.55
CA ALA A 63 -1.28 3.04 8.50
C ALA A 63 -0.93 2.17 9.71
N LEU A 64 -1.79 1.24 10.03
CA LEU A 64 -1.52 0.33 11.18
C LEU A 64 -0.15 -0.32 11.02
N LEU A 65 0.22 -0.60 9.81
CA LEU A 65 1.54 -1.25 9.56
C LEU A 65 2.69 -0.30 9.92
N ASN A 66 2.37 0.92 10.26
CA ASN A 66 3.44 1.88 10.64
C ASN A 66 3.61 1.91 12.17
N MET A 1 -15.44 7.55 -12.35
CA MET A 1 -14.67 8.63 -13.02
C MET A 1 -13.51 9.11 -12.14
N VAL A 2 -13.81 9.52 -10.94
CA VAL A 2 -12.73 10.00 -10.03
C VAL A 2 -11.69 8.89 -9.82
N ASP A 3 -10.44 9.25 -9.72
CA ASP A 3 -9.38 8.22 -9.50
C ASP A 3 -8.25 8.78 -8.65
N SER A 4 -8.16 8.36 -7.42
CA SER A 4 -7.06 8.88 -6.53
C SER A 4 -6.34 7.71 -5.84
N LYS A 5 -5.18 7.37 -6.32
CA LYS A 5 -4.41 6.24 -5.70
C LYS A 5 -3.00 6.16 -6.28
N LYS A 6 -2.25 7.22 -6.18
CA LYS A 6 -0.86 7.21 -6.73
C LYS A 6 -0.15 8.52 -6.41
N ARG A 7 -0.02 8.86 -5.16
CA ARG A 7 0.67 10.13 -4.80
C ARG A 7 2.06 10.16 -5.45
N PRO A 8 2.87 9.21 -5.08
CA PRO A 8 4.23 9.11 -5.64
C PRO A 8 4.17 8.60 -7.08
N GLY A 9 3.39 9.22 -7.92
CA GLY A 9 3.27 8.76 -9.32
C GLY A 9 4.66 8.63 -9.94
N LYS A 10 4.73 8.46 -11.23
CA LYS A 10 6.07 8.32 -11.88
C LYS A 10 6.75 7.02 -11.43
N ASP A 11 7.98 7.11 -10.99
CA ASP A 11 8.69 5.89 -10.54
C ASP A 11 8.05 5.36 -9.25
N LEU A 12 7.07 4.51 -9.36
CA LEU A 12 6.41 3.95 -8.15
C LEU A 12 6.62 2.44 -8.07
N ASP A 13 7.01 1.93 -6.93
CA ASP A 13 7.22 0.46 -6.80
C ASP A 13 5.92 -0.28 -7.12
N ARG A 14 5.98 -1.23 -7.99
CA ARG A 14 4.75 -1.99 -8.35
C ARG A 14 3.99 -2.40 -7.09
N ILE A 15 4.69 -2.92 -6.12
CA ILE A 15 4.01 -3.35 -4.87
C ILE A 15 3.44 -2.15 -4.12
N ASP A 16 3.87 -0.97 -4.44
CA ASP A 16 3.35 0.23 -3.74
C ASP A 16 2.04 0.68 -4.39
N ARG A 17 2.07 1.08 -5.63
CA ARG A 17 0.82 1.54 -6.30
C ARG A 17 -0.27 0.49 -6.16
N ASN A 18 0.06 -0.75 -6.37
CA ASN A 18 -0.94 -1.82 -6.21
C ASN A 18 -1.37 -1.89 -4.75
N ILE A 19 -0.43 -1.80 -3.85
CA ILE A 19 -0.80 -1.83 -2.41
C ILE A 19 -1.78 -0.69 -2.11
N LEU A 20 -1.61 0.44 -2.76
CA LEU A 20 -2.53 1.57 -2.52
C LEU A 20 -3.93 1.20 -3.03
N ASN A 21 -4.01 0.65 -4.21
CA ASN A 21 -5.34 0.24 -4.73
C ASN A 21 -5.91 -0.85 -3.84
N GLU A 22 -5.07 -1.61 -3.20
CA GLU A 22 -5.56 -2.69 -2.30
C GLU A 22 -5.86 -2.13 -0.92
N LEU A 23 -4.99 -1.30 -0.40
CA LEU A 23 -5.25 -0.71 0.95
C LEU A 23 -6.48 0.19 0.89
N GLN A 24 -6.83 0.64 -0.29
CA GLN A 24 -8.03 1.51 -0.43
C GLN A 24 -9.28 0.64 -0.56
N LYS A 25 -9.19 -0.42 -1.32
CA LYS A 25 -10.38 -1.32 -1.48
C LYS A 25 -10.79 -1.86 -0.11
N ASP A 26 -9.85 -2.04 0.77
CA ASP A 26 -10.19 -2.57 2.10
C ASP A 26 -9.20 -2.05 3.15
N GLY A 27 -9.27 -0.78 3.47
CA GLY A 27 -8.33 -0.22 4.48
C GLY A 27 -8.28 -1.14 5.71
N ARG A 28 -9.29 -1.93 5.92
CA ARG A 28 -9.30 -2.86 7.08
C ARG A 28 -8.45 -4.09 6.79
N ILE A 29 -7.72 -4.08 5.70
CA ILE A 29 -6.87 -5.26 5.36
C ILE A 29 -5.62 -5.28 6.23
N SER A 30 -5.06 -6.45 6.45
CA SER A 30 -3.84 -6.54 7.29
C SER A 30 -2.61 -6.77 6.42
N ASN A 31 -1.45 -6.41 6.88
CA ASN A 31 -0.21 -6.61 6.08
C ASN A 31 -0.20 -8.02 5.49
N VAL A 32 -0.48 -9.02 6.29
CA VAL A 32 -0.50 -10.40 5.74
C VAL A 32 -1.37 -10.42 4.48
N GLU A 33 -2.59 -9.98 4.59
CA GLU A 33 -3.44 -9.91 3.38
C GLU A 33 -2.89 -8.86 2.43
N LEU A 34 -2.29 -7.83 2.99
CA LEU A 34 -1.69 -6.76 2.13
C LEU A 34 -0.48 -7.33 1.40
N SER A 35 0.06 -8.40 1.90
CA SER A 35 1.25 -9.02 1.27
C SER A 35 0.82 -9.94 0.12
N LYS A 36 -0.17 -10.76 0.34
CA LYS A 36 -0.64 -11.67 -0.73
C LYS A 36 -1.61 -10.95 -1.66
N ARG A 37 -2.29 -9.93 -1.17
CA ARG A 37 -3.23 -9.18 -2.03
C ARG A 37 -2.48 -8.62 -3.23
N VAL A 38 -1.22 -8.42 -3.08
CA VAL A 38 -0.41 -7.89 -4.21
C VAL A 38 0.53 -8.99 -4.71
N GLY A 39 0.54 -10.11 -4.05
CA GLY A 39 1.40 -11.24 -4.51
C GLY A 39 2.81 -11.07 -3.94
N LEU A 40 2.94 -10.79 -2.67
CA LEU A 40 4.30 -10.64 -2.07
C LEU A 40 4.30 -11.02 -0.61
N SER A 41 5.44 -11.39 -0.08
CA SER A 41 5.51 -11.71 1.36
C SER A 41 5.17 -10.46 2.14
N PRO A 42 4.67 -10.64 3.30
CA PRO A 42 4.28 -9.50 4.12
C PRO A 42 5.50 -8.76 4.65
N THR A 43 6.49 -9.49 5.09
CA THR A 43 7.71 -8.81 5.60
C THR A 43 8.05 -7.59 4.73
N PRO A 44 8.19 -7.84 3.45
CA PRO A 44 8.48 -6.76 2.50
C PRO A 44 7.21 -5.94 2.24
N CYS A 45 6.06 -6.58 2.18
CA CYS A 45 4.81 -5.80 1.96
C CYS A 45 4.86 -4.55 2.82
N LEU A 46 5.24 -4.70 4.05
CA LEU A 46 5.38 -3.51 4.91
C LEU A 46 6.50 -2.64 4.36
N GLU A 47 7.59 -3.25 3.97
CA GLU A 47 8.69 -2.47 3.36
C GLU A 47 8.14 -1.66 2.19
N ARG A 48 7.33 -2.29 1.38
CA ARG A 48 6.71 -1.56 0.22
C ARG A 48 5.74 -0.52 0.75
N VAL A 49 4.93 -0.88 1.71
CA VAL A 49 3.98 0.10 2.30
C VAL A 49 4.75 1.23 2.96
N ARG A 50 5.71 0.92 3.80
CA ARG A 50 6.51 1.98 4.46
C ARG A 50 6.83 3.06 3.45
N ARG A 51 7.37 2.68 2.33
CA ARG A 51 7.69 3.68 1.27
C ARG A 51 6.45 4.54 1.01
N LEU A 52 5.30 3.91 0.89
CA LEU A 52 4.05 4.68 0.66
C LEU A 52 3.66 5.43 1.93
N GLU A 53 4.10 4.95 3.06
CA GLU A 53 3.75 5.62 4.34
C GLU A 53 4.23 7.09 4.31
N ARG A 54 5.46 7.30 3.94
CA ARG A 54 5.99 8.69 3.88
C ARG A 54 5.24 9.51 2.83
N GLN A 55 4.56 8.85 1.92
CA GLN A 55 3.82 9.59 0.86
C GLN A 55 2.49 10.11 1.42
N GLY A 56 2.29 9.99 2.70
CA GLY A 56 1.01 10.48 3.31
C GLY A 56 -0.16 9.73 2.68
N PHE A 57 0.04 8.50 2.29
CA PHE A 57 -1.07 7.72 1.68
C PHE A 57 -1.48 6.58 2.61
N ILE A 58 -0.88 6.50 3.77
CA ILE A 58 -1.23 5.41 4.73
C ILE A 58 -1.03 5.89 6.16
N GLN A 59 -2.05 5.80 6.97
CA GLN A 59 -1.92 6.25 8.39
C GLN A 59 -1.40 5.10 9.25
N GLY A 60 -0.10 4.94 9.30
CA GLY A 60 0.48 3.85 10.11
C GLY A 60 1.09 2.80 9.19
N TYR A 61 1.95 3.22 8.29
CA TYR A 61 2.58 2.25 7.36
C TYR A 61 1.53 1.53 6.56
N THR A 62 0.96 0.50 7.12
CA THR A 62 -0.09 -0.25 6.38
C THR A 62 -1.44 0.34 6.71
N ALA A 63 -1.46 1.36 7.53
CA ALA A 63 -2.73 2.00 7.91
C ALA A 63 -3.52 1.07 8.83
N LEU A 64 -2.85 0.26 9.58
CA LEU A 64 -3.54 -0.68 10.51
C LEU A 64 -2.53 -1.58 11.19
N LEU A 65 -1.45 -1.87 10.53
CA LEU A 65 -0.40 -2.74 11.13
C LEU A 65 -0.03 -2.24 12.53
N ASN A 66 -0.34 -1.02 12.83
CA ASN A 66 0.00 -0.47 14.18
C ASN A 66 -0.82 -1.18 15.26
N MET A 1 -17.58 5.61 -6.85
CA MET A 1 -17.25 7.01 -6.45
C MET A 1 -16.04 7.52 -7.23
N VAL A 2 -15.90 8.81 -7.35
CA VAL A 2 -14.73 9.37 -8.09
C VAL A 2 -13.46 8.60 -7.72
N ASP A 3 -13.26 8.33 -6.46
CA ASP A 3 -12.04 7.59 -6.04
C ASP A 3 -10.78 8.40 -6.37
N SER A 4 -10.16 8.99 -5.39
CA SER A 4 -8.94 9.80 -5.66
C SER A 4 -7.69 8.90 -5.61
N LYS A 5 -7.84 7.66 -5.95
CA LYS A 5 -6.66 6.73 -5.91
C LYS A 5 -5.58 7.21 -6.90
N LYS A 6 -4.78 8.17 -6.50
CA LYS A 6 -3.71 8.67 -7.41
C LYS A 6 -2.34 8.45 -6.78
N ARG A 7 -2.22 8.65 -5.51
CA ARG A 7 -0.90 8.46 -4.84
C ARG A 7 0.21 9.02 -5.74
N PRO A 8 1.44 8.61 -5.49
CA PRO A 8 2.55 9.10 -6.32
C PRO A 8 2.53 8.40 -7.68
N GLY A 9 1.43 8.53 -8.39
CA GLY A 9 1.32 7.87 -9.73
C GLY A 9 2.66 7.96 -10.46
N LYS A 10 3.43 8.99 -10.20
CA LYS A 10 4.75 9.12 -10.88
C LYS A 10 5.63 7.91 -10.54
N ASP A 11 6.86 8.15 -10.16
CA ASP A 11 7.75 7.00 -9.81
C ASP A 11 7.15 6.19 -8.66
N LEU A 12 6.32 5.24 -8.97
CA LEU A 12 5.70 4.43 -7.90
C LEU A 12 6.24 2.99 -7.92
N ASP A 13 6.30 2.36 -6.78
CA ASP A 13 6.80 0.96 -6.74
C ASP A 13 5.66 -0.02 -7.04
N ARG A 14 5.89 -0.95 -7.93
CA ARG A 14 4.82 -1.92 -8.28
C ARG A 14 4.06 -2.36 -7.02
N ILE A 15 4.77 -2.68 -5.97
CA ILE A 15 4.10 -3.13 -4.73
C ILE A 15 3.36 -1.97 -4.05
N ASP A 16 3.80 -0.77 -4.27
CA ASP A 16 3.12 0.39 -3.62
C ASP A 16 1.76 0.64 -4.29
N ARG A 17 1.75 0.91 -5.56
CA ARG A 17 0.45 1.15 -6.25
C ARG A 17 -0.48 -0.04 -6.05
N ASN A 18 0.05 -1.22 -6.03
CA ASN A 18 -0.80 -2.42 -5.80
C ASN A 18 -1.25 -2.42 -4.34
N ILE A 19 -0.36 -2.13 -3.44
CA ILE A 19 -0.74 -2.09 -2.01
C ILE A 19 -1.72 -0.93 -1.80
N LEU A 20 -1.54 0.15 -2.51
CA LEU A 20 -2.48 1.29 -2.37
C LEU A 20 -3.83 0.94 -2.99
N ASN A 21 -3.82 0.26 -4.11
CA ASN A 21 -5.09 -0.14 -4.74
C ASN A 21 -5.80 -1.17 -3.86
N GLU A 22 -5.04 -2.04 -3.24
CA GLU A 22 -5.64 -3.05 -2.34
C GLU A 22 -6.09 -2.36 -1.04
N LEU A 23 -5.37 -1.36 -0.62
CA LEU A 23 -5.76 -0.63 0.62
C LEU A 23 -7.01 0.20 0.33
N GLN A 24 -7.20 0.57 -0.91
CA GLN A 24 -8.40 1.36 -1.27
C GLN A 24 -9.64 0.47 -1.24
N LYS A 25 -9.55 -0.71 -1.80
CA LYS A 25 -10.72 -1.63 -1.78
C LYS A 25 -10.96 -2.13 -0.36
N ASP A 26 -9.92 -2.28 0.40
CA ASP A 26 -10.08 -2.74 1.80
C ASP A 26 -9.31 -1.82 2.75
N GLY A 27 -9.93 -0.75 3.18
CA GLY A 27 -9.24 0.20 4.11
C GLY A 27 -9.15 -0.42 5.50
N ARG A 28 -9.65 -1.61 5.67
CA ARG A 28 -9.58 -2.27 7.00
C ARG A 28 -8.62 -3.46 6.97
N ILE A 29 -7.59 -3.37 6.17
CA ILE A 29 -6.62 -4.49 6.08
C ILE A 29 -5.24 -4.04 6.57
N SER A 30 -4.52 -4.90 7.22
CA SER A 30 -3.18 -4.52 7.73
C SER A 30 -2.11 -4.76 6.65
N ASN A 31 -1.24 -5.72 6.85
CA ASN A 31 -0.18 -6.00 5.84
C ASN A 31 -0.22 -7.46 5.40
N VAL A 32 -0.24 -8.37 6.33
CA VAL A 32 -0.30 -9.81 5.94
C VAL A 32 -1.26 -9.98 4.77
N GLU A 33 -2.53 -9.72 4.98
CA GLU A 33 -3.50 -9.83 3.86
C GLU A 33 -3.11 -8.83 2.78
N LEU A 34 -2.53 -7.72 3.17
CA LEU A 34 -2.09 -6.71 2.18
C LEU A 34 -0.93 -7.27 1.36
N SER A 35 -0.22 -8.22 1.91
CA SER A 35 0.92 -8.81 1.18
C SER A 35 0.43 -9.80 0.13
N LYS A 36 -0.53 -10.61 0.47
CA LYS A 36 -1.06 -11.60 -0.50
C LYS A 36 -1.76 -10.88 -1.66
N ARG A 37 -2.30 -9.72 -1.40
CA ARG A 37 -3.01 -8.97 -2.48
C ARG A 37 -1.99 -8.40 -3.46
N VAL A 38 -0.76 -8.31 -3.06
CA VAL A 38 0.30 -7.78 -3.97
C VAL A 38 1.18 -8.90 -4.46
N GLY A 39 0.80 -10.12 -4.23
CA GLY A 39 1.64 -11.27 -4.67
C GLY A 39 3.03 -11.13 -4.05
N LEU A 40 3.14 -10.32 -3.03
CA LEU A 40 4.47 -10.12 -2.38
C LEU A 40 4.38 -10.46 -0.89
N SER A 41 5.33 -11.18 -0.38
CA SER A 41 5.30 -11.49 1.07
C SER A 41 5.01 -10.21 1.83
N PRO A 42 4.54 -10.36 3.02
CA PRO A 42 4.21 -9.19 3.82
C PRO A 42 5.48 -8.50 4.33
N THR A 43 6.45 -9.27 4.77
CA THR A 43 7.72 -8.64 5.24
C THR A 43 8.09 -7.48 4.32
N PRO A 44 8.18 -7.78 3.05
CA PRO A 44 8.50 -6.75 2.05
C PRO A 44 7.28 -5.86 1.82
N CYS A 45 6.13 -6.44 1.56
CA CYS A 45 4.90 -5.62 1.35
C CYS A 45 4.93 -4.44 2.29
N LEU A 46 5.23 -4.70 3.53
CA LEU A 46 5.35 -3.61 4.50
C LEU A 46 6.51 -2.72 4.08
N GLU A 47 7.66 -3.29 3.88
CA GLU A 47 8.81 -2.49 3.41
C GLU A 47 8.36 -1.58 2.26
N ARG A 48 7.63 -2.13 1.34
CA ARG A 48 7.11 -1.32 0.21
C ARG A 48 6.07 -0.34 0.73
N VAL A 49 5.19 -0.80 1.58
CA VAL A 49 4.15 0.09 2.15
C VAL A 49 4.82 1.20 2.97
N ARG A 50 5.79 0.85 3.77
CA ARG A 50 6.48 1.88 4.58
C ARG A 50 6.93 3.02 3.69
N ARG A 51 7.52 2.70 2.57
CA ARG A 51 7.94 3.77 1.63
C ARG A 51 6.73 4.63 1.28
N LEU A 52 5.57 4.02 1.21
CA LEU A 52 4.33 4.81 0.91
C LEU A 52 3.90 5.57 2.15
N GLU A 53 4.36 5.16 3.30
CA GLU A 53 3.98 5.88 4.57
C GLU A 53 4.64 7.25 4.62
N ARG A 54 5.94 7.29 4.59
CA ARG A 54 6.66 8.60 4.63
C ARG A 54 6.14 9.52 3.52
N GLN A 55 5.58 8.96 2.49
CA GLN A 55 5.06 9.80 1.38
C GLN A 55 3.65 10.30 1.71
N GLY A 56 3.22 10.13 2.93
CA GLY A 56 1.86 10.59 3.31
C GLY A 56 0.82 9.88 2.46
N PHE A 57 0.88 8.58 2.39
CA PHE A 57 -0.11 7.82 1.58
C PHE A 57 -0.64 6.62 2.36
N ILE A 58 -0.29 6.52 3.60
CA ILE A 58 -0.77 5.36 4.42
C ILE A 58 -1.19 5.84 5.81
N GLN A 59 -1.80 6.99 5.89
CA GLN A 59 -2.27 7.51 7.21
C GLN A 59 -3.65 6.95 7.52
N GLY A 60 -4.19 6.18 6.62
CA GLY A 60 -5.55 5.58 6.84
C GLY A 60 -5.53 4.13 6.36
N TYR A 61 -4.88 3.86 5.26
CA TYR A 61 -4.83 2.46 4.74
C TYR A 61 -4.19 1.55 5.79
N THR A 62 -3.04 1.00 5.51
CA THR A 62 -2.39 0.13 6.50
C THR A 62 -1.54 0.95 7.44
N ALA A 63 -1.85 2.22 7.57
CA ALA A 63 -1.05 3.09 8.48
C ALA A 63 -0.61 2.29 9.69
N LEU A 64 -1.42 1.34 10.11
CA LEU A 64 -1.03 0.48 11.26
C LEU A 64 0.28 -0.24 10.93
N LEU A 65 0.23 -1.53 10.74
CA LEU A 65 1.47 -2.30 10.41
C LEU A 65 2.68 -1.70 11.13
N ASN A 66 2.47 -1.13 12.28
CA ASN A 66 3.61 -0.52 13.02
C ASN A 66 3.20 -0.23 14.47
N MET A 1 -13.87 14.65 -5.69
CA MET A 1 -12.69 14.55 -4.78
C MET A 1 -11.63 13.63 -5.40
N VAL A 2 -10.40 14.06 -5.41
CA VAL A 2 -9.32 13.20 -5.98
C VAL A 2 -9.14 11.94 -5.14
N ASP A 3 -8.93 10.82 -5.78
CA ASP A 3 -8.73 9.55 -5.01
C ASP A 3 -7.40 9.58 -4.26
N SER A 4 -6.40 10.21 -4.83
CA SER A 4 -5.08 10.27 -4.14
C SER A 4 -4.58 8.86 -3.82
N LYS A 5 -4.07 8.16 -4.80
CA LYS A 5 -3.57 6.78 -4.55
C LYS A 5 -2.20 6.59 -5.23
N LYS A 6 -1.42 7.63 -5.32
CA LYS A 6 -0.09 7.50 -5.97
C LYS A 6 0.68 8.83 -5.89
N ARG A 7 1.01 9.28 -4.70
CA ARG A 7 1.76 10.55 -4.57
C ARG A 7 3.15 10.40 -5.21
N PRO A 8 3.88 9.44 -4.73
CA PRO A 8 5.23 9.17 -5.26
C PRO A 8 5.14 8.47 -6.63
N GLY A 9 4.28 8.94 -7.49
CA GLY A 9 4.13 8.30 -8.83
C GLY A 9 5.52 8.15 -9.47
N LYS A 10 6.38 9.10 -9.28
CA LYS A 10 7.74 9.00 -9.88
C LYS A 10 8.52 7.86 -9.23
N ASP A 11 7.98 7.28 -8.20
CA ASP A 11 8.68 6.15 -7.53
C ASP A 11 7.67 5.29 -6.78
N LEU A 12 7.06 4.36 -7.45
CA LEU A 12 6.04 3.48 -6.79
C LEU A 12 6.18 2.05 -7.29
N ASP A 13 7.05 1.27 -6.69
CA ASP A 13 7.21 -0.14 -7.14
C ASP A 13 5.84 -0.77 -7.40
N ARG A 14 5.77 -1.65 -8.36
CA ARG A 14 4.46 -2.29 -8.67
C ARG A 14 3.79 -2.78 -7.38
N ILE A 15 4.55 -3.00 -6.35
CA ILE A 15 3.96 -3.48 -5.07
C ILE A 15 3.37 -2.30 -4.30
N ASP A 16 4.07 -1.20 -4.23
CA ASP A 16 3.53 -0.03 -3.49
C ASP A 16 2.20 0.41 -4.11
N ARG A 17 2.13 0.46 -5.41
CA ARG A 17 0.86 0.86 -6.07
C ARG A 17 -0.21 -0.19 -5.81
N ASN A 18 0.13 -1.43 -6.01
CA ASN A 18 -0.86 -2.51 -5.73
C ASN A 18 -1.23 -2.48 -4.26
N ILE A 19 -0.24 -2.30 -3.42
CA ILE A 19 -0.53 -2.22 -1.97
C ILE A 19 -1.44 -1.03 -1.69
N LEU A 20 -1.21 0.08 -2.33
CA LEU A 20 -2.08 1.26 -2.11
C LEU A 20 -3.44 0.99 -2.74
N ASN A 21 -3.48 0.39 -3.90
CA ASN A 21 -4.78 0.08 -4.54
C ASN A 21 -5.53 -0.96 -3.71
N GLU A 22 -4.80 -1.86 -3.11
CA GLU A 22 -5.46 -2.89 -2.26
C GLU A 22 -5.86 -2.28 -0.93
N LEU A 23 -5.15 -1.28 -0.48
CA LEU A 23 -5.52 -0.63 0.80
C LEU A 23 -6.77 0.22 0.59
N GLN A 24 -6.93 0.77 -0.58
CA GLN A 24 -8.14 1.59 -0.87
C GLN A 24 -9.31 0.66 -1.18
N LYS A 25 -9.08 -0.37 -1.94
CA LYS A 25 -10.19 -1.32 -2.26
C LYS A 25 -10.61 -2.06 -1.00
N ASP A 26 -9.68 -2.32 -0.13
CA ASP A 26 -10.02 -3.01 1.13
C ASP A 26 -9.22 -2.43 2.29
N GLY A 27 -9.42 -1.18 2.59
CA GLY A 27 -8.66 -0.54 3.70
C GLY A 27 -8.83 -1.35 4.98
N ARG A 28 -8.56 -0.76 6.11
CA ARG A 28 -8.70 -1.50 7.39
C ARG A 28 -8.12 -2.91 7.25
N ILE A 29 -7.13 -3.07 6.41
CA ILE A 29 -6.52 -4.42 6.22
C ILE A 29 -5.06 -4.40 6.65
N SER A 30 -4.66 -5.36 7.43
CA SER A 30 -3.24 -5.40 7.88
C SER A 30 -2.33 -5.71 6.68
N ASN A 31 -1.05 -5.56 6.84
CA ASN A 31 -0.12 -5.83 5.72
C ASN A 31 -0.15 -7.31 5.35
N VAL A 32 -0.23 -8.19 6.32
CA VAL A 32 -0.29 -9.64 5.99
C VAL A 32 -1.28 -9.86 4.85
N GLU A 33 -2.52 -9.51 5.05
CA GLU A 33 -3.52 -9.65 3.96
C GLU A 33 -3.09 -8.75 2.80
N LEU A 34 -2.50 -7.63 3.11
CA LEU A 34 -2.03 -6.72 2.04
C LEU A 34 -0.87 -7.36 1.28
N SER A 35 -0.23 -8.32 1.89
CA SER A 35 0.92 -9.00 1.22
C SER A 35 0.41 -10.17 0.35
N LYS A 36 -0.73 -10.70 0.69
CA LYS A 36 -1.26 -11.85 -0.10
C LYS A 36 -1.91 -11.37 -1.40
N ARG A 37 -2.50 -10.21 -1.39
CA ARG A 37 -3.16 -9.70 -2.63
C ARG A 37 -2.13 -9.06 -3.57
N VAL A 38 -0.97 -8.76 -3.07
CA VAL A 38 0.08 -8.14 -3.95
C VAL A 38 1.05 -9.21 -4.43
N GLY A 39 0.72 -10.46 -4.26
CA GLY A 39 1.65 -11.53 -4.71
C GLY A 39 3.02 -11.27 -4.13
N LEU A 40 3.09 -10.51 -3.07
CA LEU A 40 4.39 -10.19 -2.44
C LEU A 40 4.35 -10.51 -0.95
N SER A 41 5.35 -11.17 -0.43
CA SER A 41 5.36 -11.44 1.01
C SER A 41 5.06 -10.15 1.74
N PRO A 42 4.65 -10.27 2.96
CA PRO A 42 4.30 -9.09 3.74
C PRO A 42 5.56 -8.33 4.16
N THR A 43 6.56 -9.02 4.64
CA THR A 43 7.81 -8.32 5.04
C THR A 43 8.12 -7.21 4.03
N PRO A 44 8.15 -7.58 2.78
CA PRO A 44 8.40 -6.59 1.71
C PRO A 44 7.12 -5.76 1.48
N CYS A 45 5.99 -6.41 1.33
CA CYS A 45 4.74 -5.62 1.15
C CYS A 45 4.74 -4.47 2.12
N LEU A 46 5.23 -4.70 3.30
CA LEU A 46 5.34 -3.60 4.28
C LEU A 46 6.43 -2.67 3.82
N GLU A 47 7.55 -3.21 3.43
CA GLU A 47 8.64 -2.36 2.92
C GLU A 47 8.08 -1.40 1.86
N ARG A 48 7.30 -1.93 0.95
CA ARG A 48 6.70 -1.05 -0.09
C ARG A 48 5.65 -0.14 0.54
N VAL A 49 4.93 -0.64 1.51
CA VAL A 49 3.91 0.21 2.19
C VAL A 49 4.59 1.26 3.07
N ARG A 50 5.55 0.85 3.85
CA ARG A 50 6.26 1.84 4.72
C ARG A 50 6.67 3.04 3.88
N ARG A 51 7.26 2.80 2.76
CA ARG A 51 7.64 3.92 1.86
C ARG A 51 6.41 4.79 1.61
N LEU A 52 5.30 4.18 1.31
CA LEU A 52 4.05 4.97 1.08
C LEU A 52 3.60 5.61 2.39
N GLU A 53 4.11 5.14 3.50
CA GLU A 53 3.71 5.72 4.81
C GLU A 53 4.29 7.12 4.97
N ARG A 54 5.59 7.24 4.90
CA ARG A 54 6.23 8.58 5.05
C ARG A 54 6.01 9.43 3.79
N GLN A 55 5.75 8.79 2.69
CA GLN A 55 5.54 9.55 1.42
C GLN A 55 4.54 8.81 0.52
N GLY A 56 3.38 8.50 1.02
CA GLY A 56 2.37 7.78 0.20
C GLY A 56 0.99 7.93 0.83
N PHE A 57 0.34 6.82 1.11
CA PHE A 57 -1.01 6.90 1.72
C PHE A 57 -1.23 5.72 2.67
N ILE A 58 -0.65 5.77 3.84
CA ILE A 58 -0.82 4.64 4.81
C ILE A 58 -1.06 5.18 6.21
N GLN A 59 -1.55 6.36 6.33
CA GLN A 59 -1.85 6.93 7.67
C GLN A 59 -3.21 6.42 8.16
N GLY A 60 -3.84 5.59 7.37
CA GLY A 60 -5.17 5.05 7.77
C GLY A 60 -5.31 3.61 7.26
N TYR A 61 -4.85 3.36 6.06
CA TYR A 61 -4.93 1.98 5.51
C TYR A 61 -4.25 0.99 6.45
N THR A 62 -3.13 0.44 6.06
CA THR A 62 -2.43 -0.50 6.98
C THR A 62 -1.55 0.27 7.94
N ALA A 63 -1.83 1.53 8.14
CA ALA A 63 -1.01 2.34 9.08
C ALA A 63 -0.66 1.48 10.30
N LEU A 64 -1.51 0.54 10.62
CA LEU A 64 -1.24 -0.35 11.79
C LEU A 64 0.12 -1.00 11.63
N LEU A 65 0.50 -1.29 10.42
CA LEU A 65 1.82 -1.94 10.19
C LEU A 65 2.97 -1.00 10.58
N ASN A 66 2.66 0.22 10.95
CA ASN A 66 3.72 1.18 11.35
C ASN A 66 4.45 0.66 12.59
N MET A 1 -14.71 9.44 -15.85
CA MET A 1 -14.60 8.45 -14.75
C MET A 1 -13.70 8.98 -13.64
N VAL A 2 -13.76 8.39 -12.48
CA VAL A 2 -12.91 8.88 -11.35
C VAL A 2 -11.79 7.87 -11.06
N ASP A 3 -10.64 8.34 -10.65
CA ASP A 3 -9.52 7.41 -10.36
C ASP A 3 -8.33 8.18 -9.77
N SER A 4 -8.09 8.02 -8.50
CA SER A 4 -6.94 8.75 -7.87
C SER A 4 -5.97 7.75 -7.23
N LYS A 5 -5.71 6.66 -7.89
CA LYS A 5 -4.76 5.65 -7.33
C LYS A 5 -3.43 5.68 -8.09
N LYS A 6 -3.12 6.78 -8.72
CA LYS A 6 -1.84 6.88 -9.47
C LYS A 6 -0.73 7.41 -8.56
N ARG A 7 -1.08 7.90 -7.41
CA ARG A 7 -0.04 8.41 -6.47
C ARG A 7 0.97 9.27 -7.28
N PRO A 8 2.18 9.40 -6.76
CA PRO A 8 3.19 10.19 -7.48
C PRO A 8 3.79 9.37 -8.63
N GLY A 9 3.08 8.35 -9.08
CA GLY A 9 3.58 7.53 -10.21
C GLY A 9 5.08 7.27 -10.04
N LYS A 10 5.90 8.04 -10.71
CA LYS A 10 7.37 7.84 -10.59
C LYS A 10 7.83 8.11 -9.15
N ASP A 11 7.64 7.16 -8.26
CA ASP A 11 8.07 7.37 -6.86
C ASP A 11 7.63 6.18 -6.00
N LEU A 12 7.61 5.01 -6.56
CA LEU A 12 7.19 3.82 -5.78
C LEU A 12 7.24 2.57 -6.66
N ASP A 13 7.35 1.41 -6.06
CA ASP A 13 7.41 0.16 -6.86
C ASP A 13 6.01 -0.40 -7.08
N ARG A 14 5.83 -1.17 -8.11
CA ARG A 14 4.48 -1.73 -8.40
C ARG A 14 3.89 -2.34 -7.13
N ILE A 15 4.72 -2.76 -6.21
CA ILE A 15 4.21 -3.36 -4.94
C ILE A 15 3.54 -2.30 -4.09
N ASP A 16 4.04 -1.09 -4.14
CA ASP A 16 3.43 0.00 -3.32
C ASP A 16 2.10 0.43 -3.94
N ARG A 17 2.12 0.89 -5.16
CA ARG A 17 0.85 1.32 -5.82
C ARG A 17 -0.18 0.19 -5.74
N ASN A 18 0.28 -1.02 -5.80
CA ASN A 18 -0.66 -2.16 -5.69
C ASN A 18 -1.19 -2.25 -4.27
N ILE A 19 -0.33 -2.09 -3.30
CA ILE A 19 -0.79 -2.12 -1.90
C ILE A 19 -1.78 -0.98 -1.67
N LEU A 20 -1.56 0.15 -2.31
CA LEU A 20 -2.52 1.28 -2.15
C LEU A 20 -3.85 0.90 -2.79
N ASN A 21 -3.80 0.31 -3.96
CA ASN A 21 -5.07 -0.11 -4.61
C ASN A 21 -5.81 -1.07 -3.70
N GLU A 22 -5.08 -1.86 -2.95
CA GLU A 22 -5.74 -2.81 -2.02
C GLU A 22 -6.27 -2.06 -0.80
N LEU A 23 -5.49 -1.16 -0.25
CA LEU A 23 -5.97 -0.39 0.93
C LEU A 23 -7.25 0.37 0.56
N GLN A 24 -7.28 0.97 -0.59
CA GLN A 24 -8.50 1.70 -1.01
C GLN A 24 -9.64 0.71 -1.28
N LYS A 25 -9.32 -0.40 -1.89
CA LYS A 25 -10.39 -1.41 -2.16
C LYS A 25 -10.85 -2.03 -0.85
N ASP A 26 -10.07 -1.93 0.18
CA ASP A 26 -10.48 -2.51 1.48
C ASP A 26 -9.92 -1.66 2.64
N GLY A 27 -10.54 -0.54 2.92
CA GLY A 27 -10.04 0.32 4.03
C GLY A 27 -10.20 -0.39 5.37
N ARG A 28 -9.61 -1.55 5.52
CA ARG A 28 -9.73 -2.30 6.80
C ARG A 28 -8.92 -3.59 6.73
N ILE A 29 -7.84 -3.58 6.00
CA ILE A 29 -7.01 -4.81 5.88
C ILE A 29 -5.57 -4.54 6.33
N SER A 30 -4.93 -5.52 6.89
CA SER A 30 -3.53 -5.32 7.36
C SER A 30 -2.56 -5.63 6.22
N ASN A 31 -1.29 -5.75 6.53
CA ASN A 31 -0.29 -6.06 5.47
C ASN A 31 -0.33 -7.55 5.12
N VAL A 32 -0.27 -8.41 6.10
CA VAL A 32 -0.32 -9.87 5.79
C VAL A 32 -1.33 -10.14 4.67
N GLU A 33 -2.56 -9.75 4.88
CA GLU A 33 -3.58 -9.94 3.81
C GLU A 33 -3.15 -9.12 2.58
N LEU A 34 -2.52 -8.00 2.81
CA LEU A 34 -2.03 -7.17 1.68
C LEU A 34 -0.91 -7.92 0.95
N SER A 35 0.14 -8.25 1.67
CA SER A 35 1.26 -8.99 1.05
C SER A 35 0.73 -10.03 0.05
N LYS A 36 -0.29 -10.75 0.42
CA LYS A 36 -0.85 -11.79 -0.49
C LYS A 36 -1.76 -11.13 -1.53
N ARG A 37 -2.28 -9.97 -1.23
CA ARG A 37 -3.19 -9.29 -2.20
C ARG A 37 -2.38 -8.61 -3.30
N VAL A 38 -1.12 -8.42 -3.07
CA VAL A 38 -0.27 -7.78 -4.11
C VAL A 38 0.63 -8.82 -4.76
N GLY A 39 0.72 -9.99 -4.18
CA GLY A 39 1.55 -11.07 -4.77
C GLY A 39 2.97 -11.02 -4.20
N LEU A 40 3.11 -10.75 -2.93
CA LEU A 40 4.48 -10.71 -2.33
C LEU A 40 4.42 -11.04 -0.84
N SER A 41 5.56 -11.25 -0.23
CA SER A 41 5.58 -11.51 1.22
C SER A 41 5.24 -10.24 1.96
N PRO A 42 4.72 -10.40 3.13
CA PRO A 42 4.32 -9.23 3.92
C PRO A 42 5.55 -8.52 4.48
N THR A 43 6.50 -9.25 4.99
CA THR A 43 7.72 -8.58 5.54
C THR A 43 8.10 -7.39 4.66
N PRO A 44 8.30 -7.66 3.40
CA PRO A 44 8.63 -6.60 2.44
C PRO A 44 7.39 -5.80 2.07
N CYS A 45 6.28 -6.47 1.84
CA CYS A 45 5.02 -5.74 1.50
C CYS A 45 4.97 -4.46 2.31
N LEU A 46 5.17 -4.57 3.60
CA LEU A 46 5.20 -3.37 4.45
C LEU A 46 6.33 -2.48 3.98
N GLU A 47 7.51 -3.02 3.85
CA GLU A 47 8.65 -2.21 3.35
C GLU A 47 8.18 -1.40 2.14
N ARG A 48 7.40 -2.02 1.28
CA ARG A 48 6.86 -1.29 0.11
C ARG A 48 5.83 -0.26 0.58
N VAL A 49 4.95 -0.68 1.46
CA VAL A 49 3.94 0.27 1.99
C VAL A 49 4.65 1.40 2.75
N ARG A 50 5.62 1.07 3.56
CA ARG A 50 6.36 2.12 4.30
C ARG A 50 6.79 3.20 3.33
N ARG A 51 7.34 2.82 2.21
CA ARG A 51 7.72 3.82 1.19
C ARG A 51 6.52 4.73 0.93
N LEU A 52 5.35 4.16 0.87
CA LEU A 52 4.13 4.97 0.66
C LEU A 52 3.76 5.70 1.95
N GLU A 53 3.95 5.06 3.07
CA GLU A 53 3.62 5.70 4.38
C GLU A 53 4.67 6.77 4.71
N ARG A 54 5.86 6.62 4.21
CA ARG A 54 6.92 7.63 4.51
C ARG A 54 6.59 8.96 3.81
N GLN A 55 6.14 8.90 2.59
CA GLN A 55 5.81 10.16 1.87
C GLN A 55 4.47 10.71 2.36
N GLY A 56 3.86 10.06 3.32
CA GLY A 56 2.57 10.56 3.84
C GLY A 56 1.42 10.06 2.96
N PHE A 57 1.49 8.83 2.52
CA PHE A 57 0.41 8.29 1.65
C PHE A 57 -0.25 7.08 2.33
N ILE A 58 0.05 6.85 3.58
CA ILE A 58 -0.56 5.70 4.29
C ILE A 58 -1.01 6.13 5.69
N GLN A 59 -1.32 7.38 5.86
CA GLN A 59 -1.78 7.87 7.20
C GLN A 59 -3.24 7.44 7.42
N GLY A 60 -3.82 6.77 6.47
CA GLY A 60 -5.23 6.32 6.63
C GLY A 60 -5.38 4.92 6.04
N TYR A 61 -4.78 4.68 4.91
CA TYR A 61 -4.87 3.32 4.29
C TYR A 61 -4.34 2.26 5.26
N THR A 62 -3.21 1.68 4.97
CA THR A 62 -2.66 0.66 5.90
C THR A 62 -1.80 1.34 6.95
N ALA A 63 -2.08 2.58 7.24
CA ALA A 63 -1.27 3.30 8.26
C ALA A 63 -0.93 2.35 9.41
N LEU A 64 -1.81 1.42 9.68
CA LEU A 64 -1.57 0.43 10.77
C LEU A 64 -0.22 -0.25 10.54
N LEU A 65 0.18 -0.33 9.32
CA LEU A 65 1.48 -0.98 8.98
C LEU A 65 2.55 -0.61 10.02
N ASN A 66 2.39 0.50 10.67
CA ASN A 66 3.40 0.92 11.69
C ASN A 66 2.94 0.49 13.09
N MET A 1 -2.00 10.46 -15.54
CA MET A 1 -3.00 9.35 -15.67
C MET A 1 -4.35 9.80 -15.12
N VAL A 2 -4.36 10.79 -14.26
CA VAL A 2 -5.65 11.28 -13.69
C VAL A 2 -6.34 10.15 -12.90
N ASP A 3 -7.63 10.04 -13.03
CA ASP A 3 -8.36 8.96 -12.29
C ASP A 3 -8.09 9.09 -10.79
N SER A 4 -8.25 8.02 -10.05
CA SER A 4 -8.01 8.08 -8.58
C SER A 4 -6.77 7.25 -8.22
N LYS A 5 -6.37 7.28 -6.98
CA LYS A 5 -5.17 6.49 -6.57
C LYS A 5 -3.96 6.90 -7.39
N LYS A 6 -3.09 7.69 -6.82
CA LYS A 6 -1.87 8.13 -7.57
C LYS A 6 -0.63 7.99 -6.70
N ARG A 7 -0.77 7.44 -5.52
CA ARG A 7 0.42 7.27 -4.63
C ARG A 7 1.27 8.55 -4.71
N PRO A 8 2.54 8.45 -4.35
CA PRO A 8 3.42 9.63 -4.43
C PRO A 8 3.76 9.91 -5.90
N GLY A 9 3.17 9.17 -6.80
CA GLY A 9 3.44 9.40 -8.25
C GLY A 9 4.95 9.35 -8.51
N LYS A 10 5.34 9.26 -9.75
CA LYS A 10 6.80 9.22 -10.07
C LYS A 10 7.46 8.02 -9.39
N ASP A 11 8.16 7.20 -10.15
CA ASP A 11 8.84 6.01 -9.55
C ASP A 11 7.93 5.35 -8.51
N LEU A 12 7.18 4.37 -8.91
CA LEU A 12 6.27 3.67 -7.95
C LEU A 12 6.34 2.15 -8.15
N ASP A 13 6.86 1.45 -7.18
CA ASP A 13 6.94 -0.04 -7.32
C ASP A 13 5.54 -0.63 -7.40
N ARG A 14 5.29 -1.47 -8.37
CA ARG A 14 3.95 -2.06 -8.52
C ARG A 14 3.44 -2.56 -7.15
N ILE A 15 4.33 -2.82 -6.24
CA ILE A 15 3.90 -3.31 -4.89
C ILE A 15 3.27 -2.17 -4.09
N ASP A 16 3.75 -0.97 -4.25
CA ASP A 16 3.17 0.16 -3.48
C ASP A 16 1.85 0.61 -4.11
N ARG A 17 1.81 0.75 -5.40
CA ARG A 17 0.56 1.17 -6.07
C ARG A 17 -0.54 0.13 -5.85
N ASN A 18 -0.26 -1.09 -6.14
CA ASN A 18 -1.26 -2.16 -5.91
C ASN A 18 -1.62 -2.21 -4.44
N ILE A 19 -0.64 -2.09 -3.58
CA ILE A 19 -0.94 -2.10 -2.13
C ILE A 19 -1.79 -0.90 -1.77
N LEU A 20 -1.53 0.23 -2.36
CA LEU A 20 -2.35 1.43 -2.06
C LEU A 20 -3.73 1.29 -2.72
N ASN A 21 -3.77 0.67 -3.88
CA ASN A 21 -5.07 0.47 -4.55
C ASN A 21 -5.86 -0.61 -3.82
N GLU A 22 -5.18 -1.56 -3.23
CA GLU A 22 -5.88 -2.63 -2.49
C GLU A 22 -6.45 -2.07 -1.19
N LEU A 23 -5.78 -1.11 -0.60
CA LEU A 23 -6.31 -0.51 0.65
C LEU A 23 -7.55 0.31 0.34
N GLN A 24 -7.56 0.97 -0.79
CA GLN A 24 -8.76 1.76 -1.17
C GLN A 24 -9.96 0.82 -1.36
N LYS A 25 -9.73 -0.29 -2.01
CA LYS A 25 -10.85 -1.26 -2.20
C LYS A 25 -11.21 -1.90 -0.87
N ASP A 26 -10.26 -1.99 0.02
CA ASP A 26 -10.54 -2.59 1.35
C ASP A 26 -9.94 -1.71 2.46
N GLY A 27 -10.56 -0.59 2.74
CA GLY A 27 -10.02 0.30 3.81
C GLY A 27 -10.11 -0.38 5.17
N ARG A 28 -9.49 -1.52 5.31
CA ARG A 28 -9.52 -2.23 6.63
C ARG A 28 -8.69 -3.52 6.55
N ILE A 29 -7.68 -3.53 5.74
CA ILE A 29 -6.83 -4.75 5.63
C ILE A 29 -5.44 -4.49 6.20
N SER A 30 -4.88 -5.44 6.88
CA SER A 30 -3.52 -5.24 7.46
C SER A 30 -2.46 -5.40 6.37
N ASN A 31 -1.37 -6.05 6.68
CA ASN A 31 -0.30 -6.23 5.65
C ASN A 31 -0.25 -7.69 5.21
N VAL A 32 -0.39 -8.61 6.12
CA VAL A 32 -0.38 -10.05 5.72
C VAL A 32 -1.24 -10.23 4.48
N GLU A 33 -2.51 -9.96 4.58
CA GLU A 33 -3.39 -10.08 3.39
C GLU A 33 -2.92 -9.11 2.32
N LEU A 34 -2.28 -8.04 2.75
CA LEU A 34 -1.75 -7.04 1.78
C LEU A 34 -0.45 -7.55 1.14
N SER A 35 0.14 -8.55 1.73
CA SER A 35 1.43 -9.09 1.19
C SER A 35 1.16 -10.16 0.14
N LYS A 36 0.25 -11.06 0.40
CA LYS A 36 -0.03 -12.16 -0.57
C LYS A 36 -0.91 -11.67 -1.72
N ARG A 37 -1.91 -10.89 -1.42
CA ARG A 37 -2.83 -10.41 -2.50
C ARG A 37 -2.07 -9.56 -3.51
N VAL A 38 -0.91 -9.10 -3.15
CA VAL A 38 -0.11 -8.27 -4.10
C VAL A 38 0.93 -9.13 -4.81
N GLY A 39 1.29 -10.22 -4.22
CA GLY A 39 2.29 -11.13 -4.87
C GLY A 39 3.66 -10.99 -4.19
N LEU A 40 3.68 -10.77 -2.89
CA LEU A 40 4.99 -10.64 -2.18
C LEU A 40 4.86 -11.04 -0.73
N SER A 41 5.95 -11.19 -0.05
CA SER A 41 5.88 -11.52 1.40
C SER A 41 5.46 -10.29 2.16
N PRO A 42 4.95 -10.51 3.32
CA PRO A 42 4.48 -9.39 4.14
C PRO A 42 5.65 -8.61 4.72
N THR A 43 6.59 -9.30 5.33
CA THR A 43 7.76 -8.57 5.90
C THR A 43 8.19 -7.45 4.94
N PRO A 44 8.40 -7.81 3.71
CA PRO A 44 8.78 -6.82 2.69
C PRO A 44 7.55 -6.02 2.25
N CYS A 45 6.43 -6.67 2.07
CA CYS A 45 5.19 -5.91 1.67
C CYS A 45 5.15 -4.62 2.45
N LEU A 46 5.29 -4.70 3.73
CA LEU A 46 5.32 -3.48 4.55
C LEU A 46 6.45 -2.59 4.05
N GLU A 47 7.61 -3.15 3.85
CA GLU A 47 8.72 -2.36 3.30
C GLU A 47 8.22 -1.53 2.12
N ARG A 48 7.37 -2.12 1.31
CA ARG A 48 6.79 -1.38 0.16
C ARG A 48 5.79 -0.34 0.66
N VAL A 49 4.92 -0.74 1.56
CA VAL A 49 3.93 0.21 2.12
C VAL A 49 4.65 1.28 2.94
N ARG A 50 5.48 0.87 3.85
CA ARG A 50 6.21 1.86 4.68
C ARG A 50 6.77 2.96 3.78
N ARG A 51 7.34 2.58 2.68
CA ARG A 51 7.86 3.59 1.73
C ARG A 51 6.74 4.57 1.38
N LEU A 52 5.56 4.07 1.11
CA LEU A 52 4.42 4.97 0.79
C LEU A 52 4.07 5.80 2.03
N GLU A 53 4.54 5.40 3.18
CA GLU A 53 4.25 6.16 4.43
C GLU A 53 5.06 7.47 4.44
N ARG A 54 6.36 7.37 4.38
CA ARG A 54 7.20 8.60 4.40
C ARG A 54 6.68 9.62 3.38
N GLN A 55 6.05 9.16 2.34
CA GLN A 55 5.52 10.11 1.31
C GLN A 55 4.18 10.69 1.77
N GLY A 56 3.81 10.45 3.00
CA GLY A 56 2.52 10.99 3.49
C GLY A 56 1.37 10.39 2.68
N PHE A 57 1.40 9.10 2.47
CA PHE A 57 0.31 8.45 1.67
C PHE A 57 -0.25 7.24 2.42
N ILE A 58 0.03 7.13 3.69
CA ILE A 58 -0.49 5.98 4.47
C ILE A 58 -0.97 6.45 5.84
N GLN A 59 -1.74 7.50 5.89
CA GLN A 59 -2.26 8.01 7.20
C GLN A 59 -3.54 7.27 7.55
N GLY A 60 -4.11 6.58 6.61
CA GLY A 60 -5.35 5.81 6.88
C GLY A 60 -5.23 4.43 6.23
N TYR A 61 -4.75 4.37 5.03
CA TYR A 61 -4.59 3.05 4.34
C TYR A 61 -3.74 2.12 5.21
N THR A 62 -2.48 1.97 4.89
CA THR A 62 -1.64 1.09 5.71
C THR A 62 -1.08 1.83 6.91
N ALA A 63 -1.61 2.99 7.19
CA ALA A 63 -1.12 3.77 8.35
C ALA A 63 -0.84 2.83 9.53
N LEU A 64 -1.56 1.75 9.61
CA LEU A 64 -1.34 0.77 10.71
C LEU A 64 0.06 0.17 10.60
N LEU A 65 0.16 -1.12 10.46
CA LEU A 65 1.49 -1.78 10.35
C LEU A 65 2.49 -1.12 11.30
N ASN A 66 2.02 -0.59 12.39
CA ASN A 66 2.94 0.08 13.37
C ASN A 66 2.29 0.13 14.76
N MET A 1 -14.30 8.03 -2.25
CA MET A 1 -12.83 8.33 -2.32
C MET A 1 -12.41 9.21 -1.14
N VAL A 2 -11.27 8.94 -0.58
CA VAL A 2 -10.80 9.77 0.58
C VAL A 2 -9.93 10.93 0.08
N ASP A 3 -9.29 10.76 -1.04
CA ASP A 3 -8.42 11.85 -1.57
C ASP A 3 -8.07 11.58 -3.03
N SER A 4 -7.15 10.69 -3.28
CA SER A 4 -6.76 10.39 -4.69
C SER A 4 -5.58 9.41 -4.72
N LYS A 5 -5.70 8.34 -5.46
CA LYS A 5 -4.59 7.35 -5.54
C LYS A 5 -3.58 7.78 -6.60
N LYS A 6 -3.13 9.01 -6.54
CA LYS A 6 -2.14 9.49 -7.55
C LYS A 6 -0.73 9.42 -6.99
N ARG A 7 -0.48 10.10 -5.91
CA ARG A 7 0.88 10.08 -5.31
C ARG A 7 1.92 10.23 -6.44
N PRO A 8 3.15 9.86 -6.18
CA PRO A 8 4.19 9.98 -7.21
C PRO A 8 4.07 8.82 -8.21
N GLY A 9 2.89 8.63 -8.75
CA GLY A 9 2.70 7.52 -9.74
C GLY A 9 3.83 7.55 -10.76
N LYS A 10 4.28 8.72 -11.14
CA LYS A 10 5.37 8.82 -12.14
C LYS A 10 6.61 8.07 -11.63
N ASP A 11 6.63 7.76 -10.37
CA ASP A 11 7.80 7.03 -9.80
C ASP A 11 7.34 6.16 -8.63
N LEU A 12 6.78 5.03 -8.92
CA LEU A 12 6.30 4.13 -7.82
C LEU A 12 6.43 2.67 -8.23
N ASP A 13 6.82 1.82 -7.33
CA ASP A 13 6.96 0.37 -7.67
C ASP A 13 5.59 -0.25 -7.90
N ARG A 14 5.56 -1.48 -8.33
CA ARG A 14 4.25 -2.14 -8.58
C ARG A 14 3.65 -2.65 -7.27
N ILE A 15 4.47 -2.86 -6.26
CA ILE A 15 3.95 -3.35 -4.96
C ILE A 15 3.32 -2.20 -4.17
N ASP A 16 3.79 -1.01 -4.35
CA ASP A 16 3.21 0.15 -3.61
C ASP A 16 1.93 0.63 -4.31
N ARG A 17 1.94 0.66 -5.61
CA ARG A 17 0.72 1.12 -6.34
C ARG A 17 -0.41 0.13 -6.12
N ASN A 18 -0.18 -1.11 -6.34
CA ASN A 18 -1.25 -2.12 -6.12
C ASN A 18 -1.63 -2.13 -4.65
N ILE A 19 -0.66 -2.00 -3.78
CA ILE A 19 -0.97 -1.98 -2.34
C ILE A 19 -1.81 -0.75 -2.02
N LEU A 20 -1.52 0.36 -2.64
CA LEU A 20 -2.33 1.58 -2.39
C LEU A 20 -3.73 1.41 -2.98
N ASN A 21 -3.81 0.77 -4.12
CA ASN A 21 -5.15 0.54 -4.73
C ASN A 21 -5.91 -0.50 -3.91
N GLU A 22 -5.21 -1.40 -3.27
CA GLU A 22 -5.88 -2.42 -2.44
C GLU A 22 -6.22 -1.83 -1.07
N LEU A 23 -5.43 -0.90 -0.61
CA LEU A 23 -5.72 -0.27 0.71
C LEU A 23 -7.03 0.52 0.61
N GLN A 24 -7.25 1.16 -0.50
CA GLN A 24 -8.51 1.95 -0.66
C GLN A 24 -9.67 0.99 -0.97
N LYS A 25 -9.45 0.02 -1.82
CA LYS A 25 -10.53 -0.95 -2.15
C LYS A 25 -10.72 -1.93 -1.00
N ASP A 26 -9.69 -2.20 -0.26
CA ASP A 26 -9.83 -3.13 0.88
C ASP A 26 -9.16 -2.55 2.12
N GLY A 27 -9.51 -1.35 2.49
CA GLY A 27 -8.90 -0.72 3.69
C GLY A 27 -9.04 -1.66 4.88
N ARG A 28 -8.76 -1.18 6.07
CA ARG A 28 -8.89 -2.05 7.27
C ARG A 28 -8.09 -3.35 7.07
N ILE A 29 -7.19 -3.37 6.13
CA ILE A 29 -6.38 -4.60 5.90
C ILE A 29 -4.98 -4.43 6.49
N SER A 30 -4.51 -5.41 7.20
CA SER A 30 -3.16 -5.31 7.82
C SER A 30 -2.07 -5.47 6.76
N ASN A 31 -1.09 -6.29 7.03
CA ASN A 31 0.01 -6.49 6.05
C ASN A 31 -0.06 -7.91 5.47
N VAL A 32 -0.20 -8.91 6.30
CA VAL A 32 -0.29 -10.30 5.76
C VAL A 32 -1.19 -10.32 4.54
N GLU A 33 -2.46 -10.08 4.71
CA GLU A 33 -3.36 -10.03 3.53
C GLU A 33 -2.83 -8.99 2.54
N LEU A 34 -2.10 -8.03 3.05
CA LEU A 34 -1.53 -6.99 2.17
C LEU A 34 -0.29 -7.54 1.45
N SER A 35 0.26 -8.61 1.96
CA SER A 35 1.48 -9.20 1.33
C SER A 35 1.09 -10.25 0.29
N LYS A 36 0.20 -11.14 0.64
CA LYS A 36 -0.19 -12.24 -0.30
C LYS A 36 -1.19 -11.73 -1.35
N ARG A 37 -1.92 -10.70 -1.06
CA ARG A 37 -2.91 -10.19 -2.06
C ARG A 37 -2.22 -9.42 -3.18
N VAL A 38 -0.98 -9.07 -2.98
CA VAL A 38 -0.24 -8.33 -4.05
C VAL A 38 0.81 -9.24 -4.68
N GLY A 39 1.04 -10.38 -4.10
CA GLY A 39 2.03 -11.34 -4.69
C GLY A 39 3.41 -11.13 -4.06
N LEU A 40 3.49 -10.94 -2.77
CA LEU A 40 4.81 -10.74 -2.12
C LEU A 40 4.76 -11.12 -0.64
N SER A 41 5.89 -11.25 -0.02
CA SER A 41 5.90 -11.56 1.43
C SER A 41 5.49 -10.33 2.21
N PRO A 42 5.01 -10.56 3.38
CA PRO A 42 4.55 -9.44 4.20
C PRO A 42 5.72 -8.65 4.76
N THR A 43 6.69 -9.31 5.34
CA THR A 43 7.86 -8.57 5.88
C THR A 43 8.24 -7.44 4.92
N PRO A 44 8.44 -7.80 3.68
CA PRO A 44 8.77 -6.81 2.64
C PRO A 44 7.52 -6.04 2.21
N CYS A 45 6.41 -6.72 2.03
CA CYS A 45 5.15 -6.00 1.64
C CYS A 45 5.09 -4.68 2.39
N LEU A 46 5.22 -4.73 3.68
CA LEU A 46 5.24 -3.49 4.46
C LEU A 46 6.34 -2.60 3.92
N GLU A 47 7.51 -3.14 3.76
CA GLU A 47 8.61 -2.33 3.17
C GLU A 47 8.06 -1.53 1.99
N ARG A 48 7.18 -2.12 1.23
CA ARG A 48 6.56 -1.39 0.10
C ARG A 48 5.56 -0.36 0.64
N VAL A 49 4.70 -0.78 1.52
CA VAL A 49 3.71 0.15 2.11
C VAL A 49 4.44 1.24 2.91
N ARG A 50 5.45 0.86 3.64
CA ARG A 50 6.22 1.86 4.43
C ARG A 50 6.66 2.98 3.50
N ARG A 51 7.20 2.64 2.36
CA ARG A 51 7.59 3.69 1.39
C ARG A 51 6.41 4.63 1.17
N LEU A 52 5.24 4.07 1.04
CA LEU A 52 4.03 4.92 0.86
C LEU A 52 3.71 5.67 2.16
N GLU A 53 4.18 5.15 3.27
CA GLU A 53 3.90 5.81 4.58
C GLU A 53 4.64 7.15 4.67
N ARG A 54 5.94 7.12 4.76
CA ARG A 54 6.72 8.38 4.88
C ARG A 54 6.36 9.34 3.73
N GLN A 55 5.79 8.84 2.68
CA GLN A 55 5.42 9.72 1.53
C GLN A 55 4.03 10.33 1.74
N GLY A 56 3.51 10.23 2.94
CA GLY A 56 2.16 10.82 3.22
C GLY A 56 1.11 10.12 2.35
N PHE A 57 1.08 8.82 2.36
CA PHE A 57 0.07 8.08 1.53
C PHE A 57 -0.48 6.90 2.31
N ILE A 58 -0.17 6.80 3.58
CA ILE A 58 -0.68 5.66 4.39
C ILE A 58 -1.07 6.14 5.79
N GLN A 59 -1.52 7.36 5.89
CA GLN A 59 -1.95 7.88 7.22
C GLN A 59 -3.39 7.47 7.50
N GLY A 60 -4.02 6.83 6.56
CA GLY A 60 -5.43 6.38 6.74
C GLY A 60 -5.58 4.97 6.17
N TYR A 61 -5.00 4.73 5.02
CA TYR A 61 -5.11 3.37 4.42
C TYR A 61 -4.61 2.33 5.40
N THR A 62 -3.47 1.74 5.15
CA THR A 62 -2.94 0.73 6.10
C THR A 62 -2.12 1.41 7.17
N ALA A 63 -2.34 2.67 7.39
CA ALA A 63 -1.57 3.40 8.43
C ALA A 63 -1.34 2.48 9.63
N LEU A 64 -2.26 1.58 9.87
CA LEU A 64 -2.11 0.63 11.01
C LEU A 64 -0.78 -0.11 10.89
N LEU A 65 -0.33 -0.31 9.70
CA LEU A 65 0.97 -1.02 9.50
C LEU A 65 2.13 -0.18 10.05
N ASN A 66 1.85 1.00 10.53
CA ASN A 66 2.94 1.86 11.08
C ASN A 66 3.53 1.23 12.34
N MET A 1 -3.28 0.40 -17.13
CA MET A 1 -4.56 -0.32 -17.37
C MET A 1 -5.20 -0.74 -16.05
N VAL A 2 -4.40 -1.06 -15.06
CA VAL A 2 -4.95 -1.48 -13.74
C VAL A 2 -5.45 -0.25 -12.98
N ASP A 3 -4.88 0.89 -13.23
CA ASP A 3 -5.32 2.13 -12.52
C ASP A 3 -4.99 2.04 -11.03
N SER A 4 -4.16 2.92 -10.55
CA SER A 4 -3.78 2.89 -9.11
C SER A 4 -4.32 4.15 -8.40
N LYS A 5 -3.81 4.44 -7.24
CA LYS A 5 -4.29 5.65 -6.51
C LYS A 5 -3.46 6.88 -6.91
N LYS A 6 -3.17 7.01 -8.19
CA LYS A 6 -2.38 8.19 -8.64
C LYS A 6 -1.02 8.23 -7.94
N ARG A 7 -0.80 9.23 -7.13
CA ARG A 7 0.52 9.33 -6.44
C ARG A 7 1.63 9.54 -7.49
N PRO A 8 2.86 9.47 -7.06
CA PRO A 8 3.98 9.64 -8.01
C PRO A 8 4.06 8.43 -8.93
N GLY A 9 2.99 8.11 -9.60
CA GLY A 9 2.99 6.95 -10.52
C GLY A 9 4.24 6.97 -11.40
N LYS A 10 4.71 8.14 -11.74
CA LYS A 10 5.93 8.23 -12.60
C LYS A 10 7.11 7.55 -11.89
N ASP A 11 6.99 7.33 -10.62
CA ASP A 11 8.09 6.67 -9.86
C ASP A 11 7.51 5.87 -8.69
N LEU A 12 7.02 4.69 -8.95
CA LEU A 12 6.43 3.88 -7.87
C LEU A 12 6.68 2.39 -8.13
N ASP A 13 6.90 1.63 -7.10
CA ASP A 13 7.12 0.17 -7.30
C ASP A 13 5.78 -0.54 -7.46
N ARG A 14 5.63 -1.31 -8.50
CA ARG A 14 4.34 -2.00 -8.73
C ARG A 14 3.78 -2.53 -7.41
N ILE A 15 4.63 -2.82 -6.47
CA ILE A 15 4.15 -3.34 -5.16
C ILE A 15 3.49 -2.22 -4.36
N ASP A 16 4.12 -1.07 -4.27
CA ASP A 16 3.52 0.05 -3.50
C ASP A 16 2.27 0.58 -4.23
N ARG A 17 2.21 0.41 -5.51
CA ARG A 17 1.02 0.90 -6.27
C ARG A 17 -0.16 -0.02 -6.05
N ASN A 18 -0.08 -1.22 -6.52
CA ASN A 18 -1.20 -2.17 -6.31
C ASN A 18 -1.52 -2.25 -4.83
N ILE A 19 -0.54 -2.01 -4.01
CA ILE A 19 -0.79 -2.02 -2.54
C ILE A 19 -1.74 -0.89 -2.19
N LEU A 20 -1.44 0.31 -2.63
CA LEU A 20 -2.34 1.45 -2.34
C LEU A 20 -3.75 1.12 -2.83
N ASN A 21 -3.87 0.54 -3.99
CA ASN A 21 -5.22 0.17 -4.51
C ASN A 21 -5.89 -0.78 -3.52
N GLU A 22 -5.13 -1.68 -2.95
CA GLU A 22 -5.71 -2.63 -1.97
C GLU A 22 -6.23 -1.86 -0.76
N LEU A 23 -5.50 -0.86 -0.33
CA LEU A 23 -5.96 -0.07 0.84
C LEU A 23 -7.23 0.70 0.47
N GLN A 24 -7.27 1.23 -0.72
CA GLN A 24 -8.49 1.96 -1.16
C GLN A 24 -9.65 0.98 -1.27
N LYS A 25 -9.37 -0.23 -1.71
CA LYS A 25 -10.45 -1.26 -1.82
C LYS A 25 -10.74 -1.85 -0.45
N ASP A 26 -9.76 -1.88 0.40
CA ASP A 26 -9.98 -2.43 1.77
C ASP A 26 -9.31 -1.54 2.81
N GLY A 27 -10.04 -0.63 3.39
CA GLY A 27 -9.44 0.29 4.40
C GLY A 27 -9.40 -0.40 5.77
N ARG A 28 -9.62 -1.68 5.81
CA ARG A 28 -9.59 -2.41 7.11
C ARG A 28 -8.72 -3.66 7.02
N ILE A 29 -7.66 -3.59 6.26
CA ILE A 29 -6.77 -4.78 6.12
C ILE A 29 -5.39 -4.49 6.68
N SER A 30 -4.80 -5.43 7.36
CA SER A 30 -3.44 -5.22 7.92
C SER A 30 -2.39 -5.32 6.80
N ASN A 31 -1.36 -6.10 7.01
CA ASN A 31 -0.31 -6.24 5.95
C ASN A 31 -0.24 -7.69 5.47
N VAL A 32 -0.39 -8.63 6.37
CA VAL A 32 -0.35 -10.06 5.93
C VAL A 32 -1.21 -10.22 4.69
N GLU A 33 -2.46 -9.86 4.77
CA GLU A 33 -3.33 -9.94 3.56
C GLU A 33 -2.85 -8.93 2.53
N LEU A 34 -2.33 -7.82 2.99
CA LEU A 34 -1.80 -6.79 2.05
C LEU A 34 -0.53 -7.32 1.38
N SER A 35 0.04 -8.35 1.93
CA SER A 35 1.28 -8.93 1.35
C SER A 35 0.93 -9.96 0.25
N LYS A 36 0.02 -10.84 0.53
CA LYS A 36 -0.36 -11.86 -0.50
C LYS A 36 -1.34 -11.26 -1.53
N ARG A 37 -1.95 -10.16 -1.21
CA ARG A 37 -2.91 -9.54 -2.16
C ARG A 37 -2.17 -8.88 -3.32
N VAL A 38 -0.93 -8.59 -3.13
CA VAL A 38 -0.14 -7.95 -4.23
C VAL A 38 0.85 -8.97 -4.80
N GLY A 39 0.94 -10.12 -4.19
CA GLY A 39 1.87 -11.17 -4.71
C GLY A 39 3.25 -11.03 -4.05
N LEU A 40 3.28 -10.76 -2.78
CA LEU A 40 4.61 -10.65 -2.07
C LEU A 40 4.47 -11.01 -0.61
N SER A 41 5.56 -11.33 0.02
CA SER A 41 5.51 -11.63 1.47
C SER A 41 5.24 -10.35 2.22
N PRO A 42 4.77 -10.50 3.40
CA PRO A 42 4.43 -9.32 4.21
C PRO A 42 5.71 -8.63 4.69
N THR A 43 6.67 -9.36 5.18
CA THR A 43 7.93 -8.73 5.64
C THR A 43 8.30 -7.56 4.71
N PRO A 44 8.44 -7.87 3.45
CA PRO A 44 8.77 -6.83 2.44
C PRO A 44 7.52 -6.01 2.12
N CYS A 45 6.38 -6.65 1.98
CA CYS A 45 5.14 -5.86 1.69
C CYS A 45 5.17 -4.59 2.49
N LEU A 46 5.36 -4.70 3.78
CA LEU A 46 5.48 -3.49 4.61
C LEU A 46 6.55 -2.60 3.99
N GLU A 47 7.70 -3.14 3.75
CA GLU A 47 8.78 -2.35 3.10
C GLU A 47 8.16 -1.51 1.97
N ARG A 48 7.30 -2.12 1.19
CA ARG A 48 6.65 -1.36 0.08
C ARG A 48 5.63 -0.39 0.66
N VAL A 49 4.68 -0.87 1.43
CA VAL A 49 3.70 0.04 2.05
C VAL A 49 4.42 1.14 2.84
N ARG A 50 5.36 0.75 3.66
CA ARG A 50 6.13 1.76 4.43
C ARG A 50 6.50 2.93 3.52
N ARG A 51 7.09 2.63 2.39
CA ARG A 51 7.42 3.73 1.44
C ARG A 51 6.21 4.63 1.27
N LEU A 52 5.04 4.05 1.18
CA LEU A 52 3.82 4.86 1.05
C LEU A 52 3.56 5.63 2.34
N GLU A 53 4.00 5.09 3.44
CA GLU A 53 3.80 5.79 4.75
C GLU A 53 4.57 7.11 4.77
N ARG A 54 5.88 7.05 4.69
CA ARG A 54 6.68 8.29 4.69
C ARG A 54 6.14 9.29 3.66
N GLN A 55 5.51 8.79 2.63
CA GLN A 55 4.95 9.70 1.59
C GLN A 55 3.58 10.22 2.02
N GLY A 56 3.17 9.92 3.22
CA GLY A 56 1.83 10.41 3.69
C GLY A 56 0.72 9.76 2.85
N PHE A 57 0.64 8.46 2.87
CA PHE A 57 -0.43 7.77 2.08
C PHE A 57 -0.89 6.51 2.81
N ILE A 58 -0.48 6.33 4.03
CA ILE A 58 -0.90 5.12 4.79
C ILE A 58 -1.22 5.47 6.23
N GLN A 59 -1.72 6.65 6.46
CA GLN A 59 -2.08 7.06 7.85
C GLN A 59 -3.51 6.60 8.17
N GLY A 60 -4.18 6.04 7.21
CA GLY A 60 -5.57 5.56 7.43
C GLY A 60 -5.69 4.12 6.94
N TYR A 61 -5.10 3.82 5.81
CA TYR A 61 -5.16 2.43 5.28
C TYR A 61 -4.49 1.46 6.27
N THR A 62 -3.42 0.85 5.89
CA THR A 62 -2.74 -0.09 6.82
C THR A 62 -1.85 0.69 7.77
N ALA A 63 -2.14 1.94 7.98
CA ALA A 63 -1.32 2.76 8.91
C ALA A 63 -0.91 1.90 10.11
N LEU A 64 -1.74 0.94 10.46
CA LEU A 64 -1.39 0.04 11.60
C LEU A 64 0.00 -0.54 11.39
N LEU A 65 0.36 -0.78 10.18
CA LEU A 65 1.72 -1.34 9.90
C LEU A 65 2.80 -0.31 10.25
N ASN A 66 2.39 0.88 10.60
CA ASN A 66 3.39 1.93 10.97
C ASN A 66 3.54 2.01 12.50
N MET A 1 -16.62 5.61 -9.93
CA MET A 1 -16.23 6.03 -8.55
C MET A 1 -14.75 5.72 -8.30
N VAL A 2 -14.40 4.47 -8.28
CA VAL A 2 -12.97 4.10 -8.04
C VAL A 2 -12.12 4.45 -9.26
N ASP A 3 -11.93 5.71 -9.53
CA ASP A 3 -11.11 6.12 -10.70
C ASP A 3 -9.68 5.63 -10.54
N SER A 4 -8.98 6.12 -9.54
CA SER A 4 -7.56 5.68 -9.33
C SER A 4 -6.97 6.38 -8.11
N LYS A 5 -5.85 5.91 -7.64
CA LYS A 5 -5.21 6.56 -6.45
C LYS A 5 -4.28 7.69 -6.90
N LYS A 6 -4.03 8.65 -6.06
CA LYS A 6 -3.14 9.78 -6.45
C LYS A 6 -1.70 9.52 -6.01
N ARG A 7 -1.09 10.46 -5.32
CA ARG A 7 0.31 10.25 -4.88
C ARG A 7 1.21 10.15 -6.11
N PRO A 8 2.45 9.73 -5.92
CA PRO A 8 3.37 9.61 -7.06
C PRO A 8 2.92 8.47 -7.97
N GLY A 9 1.72 8.55 -8.48
CA GLY A 9 1.21 7.49 -9.38
C GLY A 9 2.24 7.19 -10.46
N LYS A 10 3.09 8.14 -10.77
CA LYS A 10 4.12 7.92 -11.80
C LYS A 10 5.07 6.80 -11.37
N ASP A 11 6.36 6.99 -11.51
CA ASP A 11 7.32 5.94 -11.09
C ASP A 11 6.93 5.38 -9.72
N LEU A 12 6.17 4.32 -9.70
CA LEU A 12 5.76 3.72 -8.39
C LEU A 12 6.07 2.23 -8.37
N ASP A 13 6.54 1.73 -7.26
CA ASP A 13 6.86 0.28 -7.16
C ASP A 13 5.59 -0.55 -7.38
N ARG A 14 5.63 -1.48 -8.28
CA ARG A 14 4.43 -2.31 -8.54
C ARG A 14 3.79 -2.74 -7.22
N ILE A 15 4.59 -2.96 -6.21
CA ILE A 15 4.04 -3.38 -4.90
C ILE A 15 3.35 -2.21 -4.20
N ASP A 16 3.86 -1.02 -4.38
CA ASP A 16 3.25 0.16 -3.72
C ASP A 16 1.96 0.57 -4.44
N ARG A 17 2.00 0.64 -5.75
CA ARG A 17 0.77 1.05 -6.50
C ARG A 17 -0.35 0.05 -6.27
N ASN A 18 -0.03 -1.22 -6.34
CA ASN A 18 -1.06 -2.25 -6.11
C ASN A 18 -1.49 -2.23 -4.64
N ILE A 19 -0.56 -1.95 -3.76
CA ILE A 19 -0.91 -1.88 -2.32
C ILE A 19 -1.76 -0.64 -2.07
N LEU A 20 -1.53 0.41 -2.80
CA LEU A 20 -2.35 1.64 -2.61
C LEU A 20 -3.77 1.39 -3.13
N ASN A 21 -3.88 0.67 -4.22
CA ASN A 21 -5.24 0.37 -4.77
C ASN A 21 -5.95 -0.61 -3.83
N GLU A 22 -5.20 -1.47 -3.18
CA GLU A 22 -5.83 -2.44 -2.25
C GLU A 22 -6.14 -1.73 -0.92
N LEU A 23 -5.34 -0.78 -0.55
CA LEU A 23 -5.61 -0.04 0.70
C LEU A 23 -6.83 0.86 0.52
N GLN A 24 -6.99 1.43 -0.64
CA GLN A 24 -8.18 2.29 -0.89
C GLN A 24 -9.43 1.41 -0.91
N LYS A 25 -9.33 0.23 -1.47
CA LYS A 25 -10.51 -0.67 -1.50
C LYS A 25 -10.66 -1.36 -0.16
N ASP A 26 -9.57 -1.73 0.46
CA ASP A 26 -9.65 -2.40 1.78
C ASP A 26 -8.98 -1.53 2.85
N GLY A 27 -9.74 -0.69 3.50
CA GLY A 27 -9.14 0.19 4.54
C GLY A 27 -9.14 -0.54 5.89
N ARG A 28 -9.18 -1.84 5.86
CA ARG A 28 -9.17 -2.62 7.14
C ARG A 28 -8.13 -3.74 7.06
N ILE A 29 -7.31 -3.73 6.04
CA ILE A 29 -6.29 -4.80 5.91
C ILE A 29 -5.03 -4.43 6.70
N SER A 30 -4.38 -5.41 7.29
CA SER A 30 -3.16 -5.12 8.09
C SER A 30 -1.90 -5.25 7.22
N ASN A 31 -1.52 -6.46 6.89
CA ASN A 31 -0.29 -6.65 6.05
C ASN A 31 -0.24 -8.07 5.49
N VAL A 32 -0.33 -9.06 6.33
CA VAL A 32 -0.30 -10.46 5.80
C VAL A 32 -1.18 -10.55 4.57
N GLU A 33 -2.40 -10.11 4.66
CA GLU A 33 -3.28 -10.11 3.47
C GLU A 33 -2.77 -9.06 2.49
N LEU A 34 -2.15 -8.03 2.99
CA LEU A 34 -1.58 -6.98 2.09
C LEU A 34 -0.33 -7.51 1.40
N SER A 35 0.22 -8.57 1.91
CA SER A 35 1.47 -9.14 1.30
C SER A 35 1.13 -10.13 0.19
N LYS A 36 0.23 -11.04 0.43
CA LYS A 36 -0.12 -12.06 -0.60
C LYS A 36 -1.12 -11.50 -1.62
N ARG A 37 -1.78 -10.42 -1.29
CA ARG A 37 -2.78 -9.86 -2.25
C ARG A 37 -2.07 -9.09 -3.37
N VAL A 38 -0.83 -8.76 -3.18
CA VAL A 38 -0.07 -8.02 -4.23
C VAL A 38 0.99 -8.94 -4.85
N GLY A 39 1.15 -10.11 -4.32
CA GLY A 39 2.14 -11.05 -4.89
C GLY A 39 3.52 -10.86 -4.24
N LEU A 40 3.56 -10.68 -2.95
CA LEU A 40 4.88 -10.51 -2.27
C LEU A 40 4.80 -10.97 -0.82
N SER A 41 5.92 -11.18 -0.21
CA SER A 41 5.91 -11.57 1.23
C SER A 41 5.50 -10.37 2.05
N PRO A 42 5.08 -10.63 3.23
CA PRO A 42 4.63 -9.54 4.11
C PRO A 42 5.82 -8.75 4.64
N THR A 43 6.78 -9.40 5.24
CA THR A 43 7.97 -8.67 5.76
C THR A 43 8.32 -7.51 4.83
N PRO A 44 8.50 -7.83 3.57
CA PRO A 44 8.79 -6.79 2.56
C PRO A 44 7.53 -6.01 2.23
N CYS A 45 6.40 -6.68 2.09
CA CYS A 45 5.14 -5.95 1.81
C CYS A 45 5.13 -4.67 2.63
N LEU A 46 5.40 -4.78 3.90
CA LEU A 46 5.48 -3.56 4.75
C LEU A 46 6.51 -2.63 4.14
N GLU A 47 7.69 -3.13 3.90
CA GLU A 47 8.73 -2.30 3.27
C GLU A 47 8.11 -1.50 2.13
N ARG A 48 7.24 -2.13 1.38
CA ARG A 48 6.56 -1.42 0.26
C ARG A 48 5.52 -0.45 0.82
N VAL A 49 4.63 -0.94 1.65
CA VAL A 49 3.60 -0.05 2.25
C VAL A 49 4.30 1.09 3.00
N ARG A 50 5.31 0.79 3.75
CA ARG A 50 6.03 1.87 4.48
C ARG A 50 6.37 2.98 3.51
N ARG A 51 6.94 2.64 2.39
CA ARG A 51 7.25 3.68 1.37
C ARG A 51 6.01 4.53 1.13
N LEU A 52 4.86 3.91 1.10
CA LEU A 52 3.61 4.68 0.90
C LEU A 52 3.30 5.51 2.14
N GLU A 53 3.88 5.15 3.26
CA GLU A 53 3.63 5.92 4.52
C GLU A 53 4.47 7.20 4.52
N ARG A 54 5.75 7.08 4.35
CA ARG A 54 6.62 8.28 4.33
C ARG A 54 5.99 9.40 3.48
N GLN A 55 5.57 9.06 2.28
CA GLN A 55 4.94 10.10 1.40
C GLN A 55 3.57 10.48 1.94
N GLY A 56 3.14 9.87 3.01
CA GLY A 56 1.81 10.21 3.59
C GLY A 56 0.70 9.61 2.73
N PHE A 57 0.61 8.32 2.68
CA PHE A 57 -0.47 7.68 1.86
C PHE A 57 -1.02 6.45 2.59
N ILE A 58 -0.65 6.26 3.82
CA ILE A 58 -1.15 5.08 4.59
C ILE A 58 -1.58 5.50 5.99
N GLN A 59 -1.68 6.77 6.23
CA GLN A 59 -2.11 7.24 7.58
C GLN A 59 -3.55 6.79 7.84
N GLY A 60 -4.22 6.33 6.82
CA GLY A 60 -5.62 5.86 6.98
C GLY A 60 -5.71 4.41 6.51
N TYR A 61 -5.00 4.08 5.47
CA TYR A 61 -5.03 2.67 4.96
C TYR A 61 -4.46 1.73 6.01
N THR A 62 -3.36 1.08 5.73
CA THR A 62 -2.78 0.17 6.74
C THR A 62 -1.81 0.92 7.63
N ALA A 63 -2.08 2.18 7.86
CA ALA A 63 -1.18 2.99 8.73
C ALA A 63 -0.62 2.08 9.83
N LEU A 64 -1.41 1.15 10.27
CA LEU A 64 -0.94 0.19 11.31
C LEU A 64 0.25 -0.62 10.76
N LEU A 65 0.18 -1.93 10.84
CA LEU A 65 1.28 -2.77 10.30
C LEU A 65 2.66 -2.14 10.65
N ASN A 66 2.71 -1.30 11.65
CA ASN A 66 4.00 -0.68 12.04
C ASN A 66 3.96 -0.23 13.51
N MET A 1 -9.83 13.78 -12.22
CA MET A 1 -11.20 13.26 -11.96
C MET A 1 -11.18 12.19 -10.88
N VAL A 2 -10.38 12.37 -9.86
CA VAL A 2 -10.30 11.36 -8.77
C VAL A 2 -9.27 11.78 -7.73
N ASP A 3 -9.54 11.52 -6.48
CA ASP A 3 -8.57 11.91 -5.41
C ASP A 3 -8.37 10.75 -4.43
N SER A 4 -9.04 9.65 -4.64
CA SER A 4 -8.87 8.49 -3.71
C SER A 4 -7.39 8.16 -3.52
N LYS A 5 -6.72 7.80 -4.57
CA LYS A 5 -5.27 7.46 -4.46
C LYS A 5 -4.42 8.46 -5.24
N LYS A 6 -3.75 9.35 -4.56
CA LYS A 6 -2.91 10.36 -5.26
C LYS A 6 -1.44 10.19 -4.87
N ARG A 7 -0.85 11.17 -4.24
CA ARG A 7 0.59 11.04 -3.87
C ARG A 7 1.43 10.87 -5.14
N PRO A 8 2.68 10.53 -4.98
CA PRO A 8 3.56 10.34 -6.15
C PRO A 8 3.14 9.07 -6.90
N GLY A 9 1.90 9.01 -7.32
CA GLY A 9 1.42 7.80 -8.05
C GLY A 9 2.35 7.52 -9.23
N LYS A 10 2.76 8.54 -9.93
CA LYS A 10 3.68 8.33 -11.09
C LYS A 10 4.79 7.35 -10.71
N ASP A 11 5.19 6.49 -11.61
CA ASP A 11 6.26 5.51 -11.29
C ASP A 11 5.90 4.74 -10.02
N LEU A 12 6.69 4.86 -8.99
CA LEU A 12 6.38 4.12 -7.73
C LEU A 12 6.55 2.62 -7.93
N ASP A 13 7.08 1.92 -6.96
CA ASP A 13 7.27 0.46 -7.10
C ASP A 13 5.94 -0.20 -7.50
N ARG A 14 6.00 -1.38 -8.04
CA ARG A 14 4.75 -2.07 -8.45
C ARG A 14 3.94 -2.49 -7.23
N ILE A 15 4.60 -2.87 -6.17
CA ILE A 15 3.87 -3.30 -4.94
C ILE A 15 3.23 -2.08 -4.28
N ASP A 16 3.88 -0.95 -4.32
CA ASP A 16 3.31 0.27 -3.67
C ASP A 16 1.97 0.64 -4.33
N ARG A 17 2.00 1.06 -5.56
CA ARG A 17 0.73 1.46 -6.24
C ARG A 17 -0.31 0.36 -6.08
N ASN A 18 0.07 -0.87 -6.27
CA ASN A 18 -0.90 -1.98 -6.11
C ASN A 18 -1.30 -2.07 -4.65
N ILE A 19 -0.38 -1.85 -3.75
CA ILE A 19 -0.73 -1.89 -2.31
C ILE A 19 -1.66 -0.73 -1.98
N LEU A 20 -1.48 0.38 -2.64
CA LEU A 20 -2.39 1.54 -2.38
C LEU A 20 -3.78 1.23 -2.91
N ASN A 21 -3.88 0.65 -4.07
CA ASN A 21 -5.20 0.30 -4.63
C ASN A 21 -5.87 -0.74 -3.74
N GLU A 22 -5.09 -1.58 -3.11
CA GLU A 22 -5.67 -2.62 -2.21
C GLU A 22 -6.08 -1.98 -0.89
N LEU A 23 -5.39 -0.95 -0.49
CA LEU A 23 -5.77 -0.27 0.79
C LEU A 23 -7.02 0.57 0.58
N GLN A 24 -7.19 1.08 -0.62
CA GLN A 24 -8.41 1.89 -0.91
C GLN A 24 -9.59 0.97 -1.16
N LYS A 25 -9.35 -0.16 -1.78
CA LYS A 25 -10.48 -1.12 -2.04
C LYS A 25 -10.85 -1.83 -0.75
N ASP A 26 -9.89 -2.21 0.02
CA ASP A 26 -10.19 -2.90 1.30
C ASP A 26 -9.31 -2.34 2.42
N GLY A 27 -9.48 -1.08 2.74
CA GLY A 27 -8.65 -0.48 3.82
C GLY A 27 -8.80 -1.31 5.10
N ARG A 28 -8.41 -0.76 6.22
CA ARG A 28 -8.52 -1.52 7.50
C ARG A 28 -7.94 -2.92 7.33
N ILE A 29 -7.05 -3.10 6.39
CA ILE A 29 -6.44 -4.45 6.18
C ILE A 29 -5.01 -4.47 6.68
N SER A 30 -4.59 -5.56 7.27
CA SER A 30 -3.19 -5.63 7.79
C SER A 30 -2.23 -5.96 6.64
N ASN A 31 -0.96 -6.07 6.93
CA ASN A 31 0.03 -6.39 5.87
C ASN A 31 -0.12 -7.84 5.43
N VAL A 32 -0.12 -8.77 6.36
CA VAL A 32 -0.27 -10.20 5.97
C VAL A 32 -1.31 -10.32 4.85
N GLU A 33 -2.45 -9.70 5.02
CA GLU A 33 -3.47 -9.74 3.95
C GLU A 33 -2.95 -8.95 2.74
N LEU A 34 -2.24 -7.87 3.00
CA LEU A 34 -1.67 -7.08 1.89
C LEU A 34 -0.57 -7.90 1.19
N SER A 35 0.39 -8.36 1.94
CA SER A 35 1.48 -9.20 1.36
C SER A 35 0.90 -10.25 0.40
N LYS A 36 -0.15 -10.91 0.80
CA LYS A 36 -0.76 -11.96 -0.07
C LYS A 36 -1.52 -11.33 -1.24
N ARG A 37 -2.14 -10.21 -1.02
CA ARG A 37 -2.90 -9.55 -2.13
C ARG A 37 -1.94 -9.14 -3.23
N VAL A 38 -0.82 -8.59 -2.87
CA VAL A 38 0.17 -8.18 -3.88
C VAL A 38 1.17 -9.32 -4.14
N GLY A 39 0.81 -10.53 -3.81
CA GLY A 39 1.74 -11.67 -4.02
C GLY A 39 3.10 -11.30 -3.44
N LEU A 40 3.13 -10.39 -2.52
CA LEU A 40 4.42 -9.96 -1.93
C LEU A 40 4.53 -10.43 -0.49
N SER A 41 5.65 -10.99 -0.10
CA SER A 41 5.81 -11.36 1.31
C SER A 41 5.44 -10.17 2.16
N PRO A 42 4.99 -10.44 3.33
CA PRO A 42 4.56 -9.35 4.21
C PRO A 42 5.77 -8.55 4.70
N THR A 43 6.81 -9.21 5.15
CA THR A 43 8.01 -8.46 5.59
C THR A 43 8.28 -7.32 4.61
N PRO A 44 8.40 -7.68 3.35
CA PRO A 44 8.61 -6.68 2.29
C PRO A 44 7.32 -5.90 2.01
N CYS A 45 6.22 -6.59 1.83
CA CYS A 45 4.94 -5.87 1.57
C CYS A 45 4.88 -4.63 2.45
N LEU A 46 5.29 -4.78 3.68
CA LEU A 46 5.33 -3.62 4.58
C LEU A 46 6.42 -2.68 4.09
N GLU A 47 7.57 -3.22 3.80
CA GLU A 47 8.67 -2.38 3.27
C GLU A 47 8.14 -1.53 2.10
N ARG A 48 7.41 -2.15 1.21
CA ARG A 48 6.83 -1.40 0.07
C ARG A 48 5.77 -0.42 0.59
N VAL A 49 4.91 -0.90 1.46
CA VAL A 49 3.87 -0.01 2.05
C VAL A 49 4.54 1.16 2.78
N ARG A 50 5.52 0.87 3.58
CA ARG A 50 6.23 1.97 4.31
C ARG A 50 6.58 3.08 3.34
N ARG A 51 7.19 2.74 2.24
CA ARG A 51 7.51 3.78 1.23
C ARG A 51 6.26 4.60 0.96
N LEU A 52 5.12 3.95 0.90
CA LEU A 52 3.85 4.69 0.68
C LEU A 52 3.46 5.42 1.96
N GLU A 53 3.82 4.87 3.09
CA GLU A 53 3.45 5.53 4.38
C GLU A 53 4.34 6.76 4.62
N ARG A 54 5.62 6.56 4.73
CA ARG A 54 6.53 7.72 4.97
C ARG A 54 6.19 8.87 4.00
N GLN A 55 5.62 8.55 2.87
CA GLN A 55 5.26 9.62 1.90
C GLN A 55 3.91 10.24 2.27
N GLY A 56 3.38 9.88 3.40
CA GLY A 56 2.07 10.45 3.83
C GLY A 56 0.95 9.84 2.99
N PHE A 57 1.02 8.56 2.73
CA PHE A 57 -0.04 7.89 1.93
C PHE A 57 -0.56 6.65 2.66
N ILE A 58 -0.17 6.47 3.89
CA ILE A 58 -0.64 5.27 4.66
C ILE A 58 -0.94 5.66 6.10
N GLN A 59 -1.46 6.84 6.31
CA GLN A 59 -1.80 7.26 7.69
C GLN A 59 -3.20 6.75 8.07
N GLY A 60 -3.88 6.15 7.14
CA GLY A 60 -5.23 5.62 7.42
C GLY A 60 -5.35 4.20 6.85
N TYR A 61 -4.82 3.99 5.67
CA TYR A 61 -4.87 2.63 5.06
C TYR A 61 -4.22 1.61 6.00
N THR A 62 -3.12 1.03 5.60
CA THR A 62 -2.45 0.05 6.48
C THR A 62 -1.52 0.78 7.43
N ALA A 63 -1.78 2.03 7.69
CA ALA A 63 -0.91 2.79 8.64
C ALA A 63 -0.47 1.88 9.77
N LEU A 64 -1.32 0.96 10.16
CA LEU A 64 -0.96 0.00 11.25
C LEU A 64 0.37 -0.66 10.93
N LEU A 65 0.68 -0.77 9.68
CA LEU A 65 1.96 -1.40 9.27
C LEU A 65 3.11 -0.96 10.18
N ASN A 66 2.98 0.17 10.80
CA ASN A 66 4.06 0.65 11.70
C ASN A 66 3.75 0.29 13.15
N MET A 1 -8.47 6.95 -17.72
CA MET A 1 -8.41 7.51 -16.33
C MET A 1 -8.29 6.38 -15.32
N VAL A 2 -7.63 6.63 -14.22
CA VAL A 2 -7.47 5.57 -13.18
C VAL A 2 -8.23 5.94 -11.91
N ASP A 3 -9.48 6.33 -12.05
CA ASP A 3 -10.27 6.71 -10.85
C ASP A 3 -9.43 7.55 -9.89
N SER A 4 -9.80 7.59 -8.64
CA SER A 4 -9.01 8.39 -7.66
C SER A 4 -7.66 7.71 -7.38
N LYS A 5 -7.35 7.45 -6.14
CA LYS A 5 -6.05 6.80 -5.82
C LYS A 5 -4.89 7.55 -6.47
N LYS A 6 -4.71 8.81 -6.12
CA LYS A 6 -3.60 9.60 -6.72
C LYS A 6 -2.25 9.08 -6.22
N ARG A 7 -1.71 9.68 -5.21
CA ARG A 7 -0.38 9.22 -4.72
C ARG A 7 0.66 9.37 -5.83
N PRO A 8 1.84 8.87 -5.58
CA PRO A 8 2.90 8.94 -6.60
C PRO A 8 2.53 8.07 -7.80
N GLY A 9 1.43 8.36 -8.44
CA GLY A 9 0.98 7.54 -9.61
C GLY A 9 2.14 7.41 -10.59
N LYS A 10 1.89 6.82 -11.74
CA LYS A 10 2.97 6.65 -12.74
C LYS A 10 4.19 5.97 -12.09
N ASP A 11 5.36 6.52 -12.26
CA ASP A 11 6.57 5.89 -11.64
C ASP A 11 6.26 5.47 -10.20
N LEU A 12 5.85 4.25 -10.00
CA LEU A 12 5.53 3.79 -8.62
C LEU A 12 5.78 2.28 -8.50
N ASP A 13 6.51 1.87 -7.50
CA ASP A 13 6.78 0.43 -7.32
C ASP A 13 5.52 -0.39 -7.56
N ARG A 14 5.60 -1.42 -8.34
CA ARG A 14 4.39 -2.23 -8.62
C ARG A 14 3.72 -2.68 -7.32
N ILE A 15 4.51 -2.94 -6.30
CA ILE A 15 3.92 -3.38 -5.01
C ILE A 15 3.30 -2.20 -4.26
N ASP A 16 3.75 -1.01 -4.54
CA ASP A 16 3.18 0.18 -3.83
C ASP A 16 1.86 0.59 -4.49
N ARG A 17 1.87 0.85 -5.76
CA ARG A 17 0.60 1.26 -6.45
C ARG A 17 -0.46 0.19 -6.24
N ASN A 18 -0.10 -1.04 -6.38
CA ASN A 18 -1.10 -2.12 -6.17
C ASN A 18 -1.51 -2.15 -4.71
N ILE A 19 -0.57 -1.98 -3.82
CA ILE A 19 -0.90 -1.97 -2.38
C ILE A 19 -1.78 -0.76 -2.07
N LEU A 20 -1.55 0.34 -2.74
CA LEU A 20 -2.39 1.54 -2.50
C LEU A 20 -3.79 1.30 -3.07
N ASN A 21 -3.87 0.66 -4.21
CA ASN A 21 -5.21 0.37 -4.79
C ASN A 21 -5.94 -0.66 -3.93
N GLU A 22 -5.20 -1.54 -3.31
CA GLU A 22 -5.83 -2.56 -2.44
C GLU A 22 -6.21 -1.93 -1.10
N LEU A 23 -5.45 -0.98 -0.65
CA LEU A 23 -5.78 -0.31 0.64
C LEU A 23 -6.99 0.60 0.44
N GLN A 24 -7.12 1.17 -0.72
CA GLN A 24 -8.29 2.05 -1.00
C GLN A 24 -9.55 1.21 -1.18
N LYS A 25 -9.42 0.03 -1.73
CA LYS A 25 -10.62 -0.84 -1.92
C LYS A 25 -11.00 -1.50 -0.61
N ASP A 26 -10.04 -1.82 0.20
CA ASP A 26 -10.35 -2.45 1.51
C ASP A 26 -9.65 -1.69 2.64
N GLY A 27 -10.18 -0.56 3.02
CA GLY A 27 -9.55 0.24 4.11
C GLY A 27 -9.65 -0.53 5.43
N ARG A 28 -9.09 -1.71 5.48
CA ARG A 28 -9.15 -2.51 6.75
C ARG A 28 -8.40 -3.82 6.58
N ILE A 29 -7.38 -3.84 5.75
CA ILE A 29 -6.62 -5.10 5.55
C ILE A 29 -5.26 -5.02 6.25
N SER A 30 -4.83 -6.11 6.82
CA SER A 30 -3.52 -6.10 7.53
C SER A 30 -2.38 -6.44 6.57
N ASN A 31 -1.19 -5.99 6.87
CA ASN A 31 -0.03 -6.29 5.98
C ASN A 31 -0.06 -7.76 5.54
N VAL A 32 -0.09 -8.68 6.47
CA VAL A 32 -0.13 -10.12 6.09
C VAL A 32 -1.02 -10.30 4.86
N GLU A 33 -2.26 -9.92 4.96
CA GLU A 33 -3.14 -10.01 3.78
C GLU A 33 -2.63 -9.06 2.70
N LEU A 34 -2.18 -7.90 3.11
CA LEU A 34 -1.62 -6.93 2.14
C LEU A 34 -0.38 -7.52 1.46
N SER A 35 0.16 -8.57 2.01
CA SER A 35 1.38 -9.18 1.41
C SER A 35 1.03 -10.21 0.33
N LYS A 36 0.16 -11.13 0.64
CA LYS A 36 -0.18 -12.21 -0.34
C LYS A 36 -1.21 -11.73 -1.37
N ARG A 37 -2.00 -10.74 -1.03
CA ARG A 37 -3.04 -10.26 -2.00
C ARG A 37 -2.37 -9.46 -3.14
N VAL A 38 -1.15 -9.07 -2.95
CA VAL A 38 -0.44 -8.31 -4.02
C VAL A 38 0.57 -9.22 -4.72
N GLY A 39 0.90 -10.31 -4.10
CA GLY A 39 1.87 -11.26 -4.74
C GLY A 39 3.27 -11.07 -4.13
N LEU A 40 3.35 -10.85 -2.84
CA LEU A 40 4.69 -10.67 -2.20
C LEU A 40 4.65 -11.08 -0.74
N SER A 41 5.78 -11.16 -0.11
CA SER A 41 5.81 -11.50 1.33
C SER A 41 5.39 -10.28 2.12
N PRO A 42 5.00 -10.53 3.32
CA PRO A 42 4.54 -9.43 4.17
C PRO A 42 5.72 -8.58 4.64
N THR A 43 6.70 -9.19 5.26
CA THR A 43 7.87 -8.40 5.73
C THR A 43 8.20 -7.31 4.71
N PRO A 44 8.35 -7.72 3.48
CA PRO A 44 8.63 -6.77 2.39
C PRO A 44 7.35 -6.00 2.03
N CYS A 45 6.24 -6.68 1.94
CA CYS A 45 4.97 -5.97 1.63
C CYS A 45 4.94 -4.68 2.42
N LEU A 46 5.32 -4.76 3.66
CA LEU A 46 5.39 -3.53 4.48
C LEU A 46 6.48 -2.65 3.92
N GLU A 47 7.66 -3.18 3.72
CA GLU A 47 8.74 -2.38 3.12
C GLU A 47 8.16 -1.57 1.96
N ARG A 48 7.26 -2.19 1.21
CA ARG A 48 6.61 -1.46 0.09
C ARG A 48 5.63 -0.43 0.66
N VAL A 49 4.72 -0.86 1.49
CA VAL A 49 3.76 0.09 2.11
C VAL A 49 4.52 1.15 2.92
N ARG A 50 5.41 0.72 3.76
CA ARG A 50 6.20 1.69 4.57
C ARG A 50 6.60 2.87 3.70
N ARG A 51 7.19 2.59 2.57
CA ARG A 51 7.57 3.70 1.65
C ARG A 51 6.35 4.59 1.42
N LEU A 52 5.21 3.99 1.20
CA LEU A 52 3.97 4.81 1.01
C LEU A 52 3.62 5.53 2.30
N GLU A 53 4.16 5.09 3.41
CA GLU A 53 3.86 5.76 4.71
C GLU A 53 4.58 7.10 4.80
N ARG A 54 5.89 7.09 4.82
CA ARG A 54 6.65 8.36 4.91
C ARG A 54 6.10 9.39 3.91
N GLN A 55 5.51 8.93 2.85
CA GLN A 55 4.95 9.87 1.84
C GLN A 55 3.57 10.36 2.27
N GLY A 56 3.16 10.03 3.47
CA GLY A 56 1.82 10.48 3.96
C GLY A 56 0.73 9.87 3.08
N PHE A 57 0.81 8.59 2.82
CA PHE A 57 -0.24 7.94 1.97
C PHE A 57 -0.78 6.69 2.68
N ILE A 58 -0.45 6.52 3.93
CA ILE A 58 -0.95 5.33 4.69
C ILE A 58 -1.32 5.72 6.12
N GLN A 59 -2.05 6.78 6.28
CA GLN A 59 -2.45 7.21 7.66
C GLN A 59 -3.62 6.36 8.16
N GLY A 60 -4.28 5.67 7.26
CA GLY A 60 -5.43 4.82 7.66
C GLY A 60 -5.30 3.46 6.97
N TYR A 61 -5.01 3.48 5.70
CA TYR A 61 -4.85 2.18 4.95
C TYR A 61 -3.88 1.27 5.69
N THR A 62 -2.68 1.18 5.24
CA THR A 62 -1.72 0.29 5.93
C THR A 62 -1.06 1.05 7.08
N ALA A 63 -1.60 2.19 7.44
CA ALA A 63 -1.02 2.96 8.56
C ALA A 63 -0.63 2.01 9.70
N LEU A 64 -1.30 0.89 9.80
CA LEU A 64 -0.96 -0.09 10.88
C LEU A 64 0.51 -0.46 10.82
N LEU A 65 1.07 -0.48 9.65
CA LEU A 65 2.51 -0.82 9.50
C LEU A 65 3.39 0.16 10.29
N ASN A 66 2.80 1.21 10.81
CA ASN A 66 3.60 2.19 11.59
C ASN A 66 4.50 1.48 12.59
N MET A 1 -14.69 10.93 -11.45
CA MET A 1 -15.34 9.60 -11.64
C MET A 1 -14.35 8.62 -12.29
N VAL A 2 -13.23 8.39 -11.67
CA VAL A 2 -12.24 7.45 -12.26
C VAL A 2 -11.80 6.42 -11.21
N ASP A 3 -10.70 5.74 -11.45
CA ASP A 3 -10.24 4.72 -10.46
C ASP A 3 -8.80 5.02 -10.03
N SER A 4 -8.15 5.93 -10.70
CA SER A 4 -6.75 6.27 -10.32
C SER A 4 -6.69 6.75 -8.86
N LYS A 5 -5.74 6.28 -8.11
CA LYS A 5 -5.63 6.71 -6.68
C LYS A 5 -4.63 7.86 -6.55
N LYS A 6 -4.14 8.36 -7.66
CA LYS A 6 -3.15 9.47 -7.60
C LYS A 6 -1.90 9.03 -6.82
N ARG A 7 -1.57 9.70 -5.76
CA ARG A 7 -0.34 9.31 -5.01
C ARG A 7 0.87 9.39 -5.93
N PRO A 8 2.00 8.91 -5.47
CA PRO A 8 3.20 8.94 -6.31
C PRO A 8 3.04 7.99 -7.50
N GLY A 9 2.02 8.21 -8.29
CA GLY A 9 1.78 7.32 -9.47
C GLY A 9 3.09 7.13 -10.24
N LYS A 10 3.62 8.18 -10.80
CA LYS A 10 4.89 8.05 -11.56
C LYS A 10 5.87 7.14 -10.82
N ASP A 11 6.68 6.40 -11.53
CA ASP A 11 7.64 5.49 -10.85
C ASP A 11 6.93 4.73 -9.73
N LEU A 12 7.47 4.76 -8.53
CA LEU A 12 6.82 4.04 -7.40
C LEU A 12 6.87 2.53 -7.63
N ASP A 13 7.22 1.78 -6.61
CA ASP A 13 7.30 0.31 -6.77
C ASP A 13 5.91 -0.26 -7.07
N ARG A 14 5.81 -1.17 -7.99
CA ARG A 14 4.50 -1.75 -8.33
C ARG A 14 3.82 -2.31 -7.08
N ILE A 15 4.60 -2.76 -6.13
CA ILE A 15 4.00 -3.32 -4.88
C ILE A 15 3.32 -2.21 -4.09
N ASP A 16 3.72 -0.99 -4.29
CA ASP A 16 3.08 0.14 -3.56
C ASP A 16 1.79 0.57 -4.26
N ARG A 17 1.87 0.87 -5.53
CA ARG A 17 0.64 1.30 -6.26
C ARG A 17 -0.47 0.26 -6.07
N ASN A 18 -0.16 -0.97 -6.29
CA ASN A 18 -1.20 -2.02 -6.11
C ASN A 18 -1.61 -2.06 -4.64
N ILE A 19 -0.67 -1.92 -3.75
CA ILE A 19 -1.02 -1.92 -2.31
C ILE A 19 -1.88 -0.70 -2.00
N LEU A 20 -1.63 0.40 -2.68
CA LEU A 20 -2.48 1.61 -2.43
C LEU A 20 -3.88 1.37 -2.97
N ASN A 21 -4.00 0.77 -4.12
CA ASN A 21 -5.35 0.47 -4.68
C ASN A 21 -6.04 -0.57 -3.79
N GLU A 22 -5.29 -1.48 -3.25
CA GLU A 22 -5.90 -2.51 -2.36
C GLU A 22 -6.30 -1.88 -1.04
N LEU A 23 -5.57 -0.88 -0.60
CA LEU A 23 -5.92 -0.21 0.67
C LEU A 23 -7.23 0.56 0.49
N GLN A 24 -7.48 1.05 -0.70
CA GLN A 24 -8.75 1.79 -0.96
C GLN A 24 -9.89 0.80 -1.16
N LYS A 25 -9.67 -0.25 -1.90
CA LYS A 25 -10.74 -1.25 -2.12
C LYS A 25 -10.96 -2.06 -0.85
N ASP A 26 -9.92 -2.55 -0.26
CA ASP A 26 -10.09 -3.35 0.98
C ASP A 26 -9.27 -2.70 2.11
N GLY A 27 -9.70 -1.57 2.59
CA GLY A 27 -8.93 -0.90 3.69
C GLY A 27 -8.85 -1.83 4.90
N ARG A 28 -8.77 -1.26 6.07
CA ARG A 28 -8.69 -2.11 7.31
C ARG A 28 -8.04 -3.47 7.01
N ILE A 29 -7.02 -3.48 6.20
CA ILE A 29 -6.35 -4.77 5.88
C ILE A 29 -4.91 -4.77 6.41
N SER A 30 -4.55 -5.77 7.15
CA SER A 30 -3.18 -5.82 7.72
C SER A 30 -2.17 -6.20 6.62
N ASN A 31 -0.93 -5.84 6.79
CA ASN A 31 0.10 -6.18 5.76
C ASN A 31 -0.03 -7.64 5.36
N VAL A 32 -0.20 -8.53 6.30
CA VAL A 32 -0.34 -9.97 5.93
C VAL A 32 -1.20 -10.12 4.69
N GLU A 33 -2.48 -9.90 4.80
CA GLU A 33 -3.35 -9.98 3.60
C GLU A 33 -2.84 -9.01 2.55
N LEU A 34 -2.16 -7.98 2.98
CA LEU A 34 -1.60 -6.99 2.02
C LEU A 34 -0.35 -7.56 1.36
N SER A 35 0.20 -8.61 1.91
CA SER A 35 1.44 -9.21 1.33
C SER A 35 1.09 -10.25 0.26
N LYS A 36 0.14 -11.09 0.53
CA LYS A 36 -0.22 -12.17 -0.46
C LYS A 36 -1.12 -11.63 -1.58
N ARG A 37 -2.08 -10.81 -1.25
CA ARG A 37 -3.00 -10.28 -2.30
C ARG A 37 -2.21 -9.47 -3.33
N VAL A 38 -1.02 -9.09 -3.00
CA VAL A 38 -0.20 -8.30 -3.98
C VAL A 38 0.81 -9.20 -4.68
N GLY A 39 1.14 -10.31 -4.07
CA GLY A 39 2.10 -11.25 -4.71
C GLY A 39 3.49 -11.12 -4.07
N LEU A 40 3.54 -10.81 -2.80
CA LEU A 40 4.88 -10.70 -2.13
C LEU A 40 4.79 -11.11 -0.67
N SER A 41 5.90 -11.27 -0.02
CA SER A 41 5.88 -11.62 1.42
C SER A 41 5.45 -10.40 2.20
N PRO A 42 4.97 -10.64 3.38
CA PRO A 42 4.50 -9.54 4.21
C PRO A 42 5.68 -8.75 4.78
N THR A 43 6.67 -9.42 5.31
CA THR A 43 7.84 -8.68 5.86
C THR A 43 8.20 -7.51 4.93
N PRO A 44 8.40 -7.83 3.68
CA PRO A 44 8.71 -6.79 2.68
C PRO A 44 7.44 -6.04 2.28
N CYS A 45 6.33 -6.73 2.12
CA CYS A 45 5.07 -6.03 1.76
C CYS A 45 5.01 -4.71 2.50
N LEU A 46 5.31 -4.74 3.77
CA LEU A 46 5.35 -3.50 4.54
C LEU A 46 6.46 -2.62 4.01
N GLU A 47 7.65 -3.17 3.88
CA GLU A 47 8.76 -2.38 3.31
C GLU A 47 8.24 -1.60 2.11
N ARG A 48 7.39 -2.22 1.33
CA ARG A 48 6.79 -1.51 0.17
C ARG A 48 5.83 -0.43 0.68
N VAL A 49 4.87 -0.83 1.48
CA VAL A 49 3.92 0.17 2.05
C VAL A 49 4.71 1.27 2.77
N ARG A 50 5.71 0.89 3.53
CA ARG A 50 6.52 1.91 4.25
C ARG A 50 6.87 3.03 3.30
N ARG A 51 7.49 2.72 2.19
CA ARG A 51 7.81 3.79 1.21
C ARG A 51 6.58 4.65 0.99
N LEU A 52 5.42 4.05 0.93
CA LEU A 52 4.17 4.83 0.75
C LEU A 52 3.77 5.49 2.08
N GLU A 53 4.28 4.98 3.16
CA GLU A 53 3.94 5.57 4.49
C GLU A 53 4.62 6.93 4.67
N ARG A 54 5.92 6.97 4.61
CA ARG A 54 6.64 8.26 4.78
C ARG A 54 6.17 9.28 3.74
N GLN A 55 5.59 8.82 2.66
CA GLN A 55 5.10 9.77 1.62
C GLN A 55 3.77 10.38 2.04
N GLY A 56 3.33 10.13 3.24
CA GLY A 56 2.04 10.69 3.71
C GLY A 56 0.89 10.11 2.88
N PHE A 57 0.85 8.81 2.73
CA PHE A 57 -0.24 8.19 1.93
C PHE A 57 -0.73 6.92 2.62
N ILE A 58 -0.45 6.76 3.88
CA ILE A 58 -0.91 5.54 4.61
C ILE A 58 -1.31 5.89 6.04
N GLN A 59 -1.66 7.12 6.28
CA GLN A 59 -2.08 7.53 7.65
C GLN A 59 -3.49 7.00 7.94
N GLY A 60 -4.10 6.37 6.97
CA GLY A 60 -5.46 5.81 7.19
C GLY A 60 -5.53 4.42 6.56
N TYR A 61 -5.01 4.26 5.37
CA TYR A 61 -5.03 2.92 4.71
C TYR A 61 -4.38 1.88 5.62
N THR A 62 -3.21 1.40 5.30
CA THR A 62 -2.56 0.41 6.18
C THR A 62 -1.78 1.13 7.27
N ALA A 63 -2.15 2.35 7.55
CA ALA A 63 -1.43 3.10 8.61
C ALA A 63 -1.05 2.17 9.75
N LEU A 64 -1.85 1.15 9.97
CA LEU A 64 -1.53 0.17 11.04
C LEU A 64 -0.09 -0.32 10.88
N LEU A 65 0.34 -0.41 9.66
CA LEU A 65 1.73 -0.87 9.40
C LEU A 65 2.74 0.06 10.10
N ASN A 66 3.88 -0.47 10.46
CA ASN A 66 4.91 0.38 11.16
C ASN A 66 4.32 0.96 12.45
N MET A 1 -9.62 7.68 -20.20
CA MET A 1 -8.64 7.50 -19.08
C MET A 1 -9.35 6.98 -17.83
N VAL A 2 -8.81 5.97 -17.20
CA VAL A 2 -9.44 5.41 -15.98
C VAL A 2 -9.08 6.27 -14.76
N ASP A 3 -10.06 6.60 -13.95
CA ASP A 3 -9.77 7.43 -12.74
C ASP A 3 -9.31 6.54 -11.58
N SER A 4 -8.38 5.65 -11.84
CA SER A 4 -7.89 4.75 -10.75
C SER A 4 -7.06 5.55 -9.74
N LYS A 5 -6.60 4.90 -8.70
CA LYS A 5 -5.77 5.61 -7.68
C LYS A 5 -4.53 6.23 -8.34
N LYS A 6 -4.11 7.38 -7.87
CA LYS A 6 -2.91 8.03 -8.47
C LYS A 6 -1.77 8.05 -7.47
N ARG A 7 -2.07 7.86 -6.21
CA ARG A 7 -0.99 7.87 -5.18
C ARG A 7 0.03 8.98 -5.52
N PRO A 8 1.25 8.84 -5.04
CA PRO A 8 2.27 9.87 -5.34
C PRO A 8 2.76 9.69 -6.78
N GLY A 9 2.16 8.80 -7.52
CA GLY A 9 2.58 8.58 -8.93
C GLY A 9 4.10 8.60 -9.03
N LYS A 10 4.64 9.10 -10.11
CA LYS A 10 6.11 9.14 -10.27
C LYS A 10 6.73 7.82 -9.78
N ASP A 11 7.78 7.90 -9.00
CA ASP A 11 8.43 6.65 -8.51
C ASP A 11 7.47 5.88 -7.60
N LEU A 12 6.89 4.82 -8.10
CA LEU A 12 5.95 4.02 -7.25
C LEU A 12 6.09 2.54 -7.57
N ASP A 13 6.86 1.82 -6.82
CA ASP A 13 7.04 0.36 -7.08
C ASP A 13 5.68 -0.30 -7.30
N ARG A 14 5.61 -1.23 -8.22
CA ARG A 14 4.31 -1.91 -8.48
C ARG A 14 3.71 -2.44 -7.17
N ILE A 15 4.53 -2.68 -6.19
CA ILE A 15 4.01 -3.19 -4.90
C ILE A 15 3.33 -2.07 -4.12
N ASP A 16 3.83 -0.87 -4.23
CA ASP A 16 3.21 0.26 -3.49
C ASP A 16 1.90 0.68 -4.18
N ARG A 17 1.87 0.67 -5.48
CA ARG A 17 0.62 1.07 -6.20
C ARG A 17 -0.49 0.04 -5.94
N ASN A 18 -0.26 -1.18 -6.30
CA ASN A 18 -1.30 -2.23 -6.06
C ASN A 18 -1.63 -2.28 -4.58
N ILE A 19 -0.67 -2.00 -3.74
CA ILE A 19 -0.94 -2.01 -2.28
C ILE A 19 -1.86 -0.84 -1.92
N LEU A 20 -1.64 0.30 -2.52
CA LEU A 20 -2.52 1.47 -2.23
C LEU A 20 -3.91 1.21 -2.82
N ASN A 21 -3.96 0.60 -3.97
CA ASN A 21 -5.28 0.29 -4.60
C ASN A 21 -6.00 -0.75 -3.75
N GLU A 22 -5.26 -1.59 -3.09
CA GLU A 22 -5.89 -2.63 -2.23
C GLU A 22 -6.45 -1.98 -0.96
N LEU A 23 -5.74 -1.01 -0.43
CA LEU A 23 -6.25 -0.32 0.78
C LEU A 23 -7.49 0.49 0.41
N GLN A 24 -7.54 1.01 -0.79
CA GLN A 24 -8.73 1.78 -1.23
C GLN A 24 -9.89 0.80 -1.43
N LYS A 25 -9.61 -0.35 -1.97
CA LYS A 25 -10.69 -1.36 -2.18
C LYS A 25 -10.93 -2.12 -0.88
N ASP A 26 -9.93 -2.22 -0.06
CA ASP A 26 -10.10 -2.92 1.24
C ASP A 26 -9.33 -2.19 2.34
N GLY A 27 -9.70 -0.98 2.64
CA GLY A 27 -8.98 -0.20 3.68
C GLY A 27 -8.83 -1.05 4.94
N ARG A 28 -9.70 -1.98 5.15
CA ARG A 28 -9.60 -2.83 6.38
C ARG A 28 -8.81 -4.11 6.08
N ILE A 29 -7.51 -4.02 6.09
CA ILE A 29 -6.68 -5.22 5.81
C ILE A 29 -5.27 -5.02 6.37
N SER A 30 -4.71 -6.05 6.95
CA SER A 30 -3.34 -5.92 7.51
C SER A 30 -2.30 -6.22 6.42
N ASN A 31 -1.08 -5.83 6.62
CA ASN A 31 -0.04 -6.09 5.59
C ASN A 31 0.00 -7.58 5.24
N VAL A 32 -0.32 -8.43 6.16
CA VAL A 32 -0.32 -9.89 5.85
C VAL A 32 -1.15 -10.13 4.59
N GLU A 33 -2.43 -9.90 4.67
CA GLU A 33 -3.28 -10.06 3.47
C GLU A 33 -2.80 -9.08 2.39
N LEU A 34 -2.26 -7.97 2.82
CA LEU A 34 -1.73 -6.98 1.85
C LEU A 34 -0.46 -7.52 1.21
N SER A 35 0.12 -8.55 1.79
CA SER A 35 1.37 -9.13 1.23
C SER A 35 1.05 -10.17 0.15
N LYS A 36 0.08 -11.02 0.40
CA LYS A 36 -0.26 -12.08 -0.61
C LYS A 36 -1.23 -11.53 -1.66
N ARG A 37 -1.87 -10.43 -1.40
CA ARG A 37 -2.83 -9.87 -2.39
C ARG A 37 -2.09 -9.15 -3.52
N VAL A 38 -0.85 -8.84 -3.30
CA VAL A 38 -0.07 -8.15 -4.35
C VAL A 38 0.99 -9.10 -4.93
N GLY A 39 1.13 -10.25 -4.34
CA GLY A 39 2.10 -11.24 -4.86
C GLY A 39 3.47 -11.04 -4.21
N LEU A 40 3.51 -10.82 -2.93
CA LEU A 40 4.83 -10.63 -2.24
C LEU A 40 4.74 -11.05 -0.78
N SER A 41 5.85 -11.18 -0.13
CA SER A 41 5.84 -11.52 1.31
C SER A 41 5.40 -10.30 2.08
N PRO A 42 4.96 -10.52 3.27
CA PRO A 42 4.48 -9.41 4.09
C PRO A 42 5.66 -8.60 4.63
N THR A 43 6.63 -9.25 5.22
CA THR A 43 7.80 -8.49 5.75
C THR A 43 8.17 -7.37 4.78
N PRO A 44 8.32 -7.72 3.54
CA PRO A 44 8.64 -6.73 2.50
C PRO A 44 7.38 -5.94 2.15
N CYS A 45 6.26 -6.61 1.99
CA CYS A 45 5.00 -5.88 1.69
C CYS A 45 4.96 -4.62 2.54
N LEU A 46 5.33 -4.75 3.78
CA LEU A 46 5.38 -3.57 4.66
C LEU A 46 6.51 -2.67 4.17
N GLU A 47 7.66 -3.22 3.94
CA GLU A 47 8.77 -2.41 3.40
C GLU A 47 8.26 -1.59 2.22
N ARG A 48 7.42 -2.19 1.41
CA ARG A 48 6.83 -1.45 0.26
C ARG A 48 5.86 -0.40 0.77
N VAL A 49 4.93 -0.82 1.61
CA VAL A 49 3.96 0.15 2.18
C VAL A 49 4.71 1.23 2.97
N ARG A 50 5.58 0.82 3.85
CA ARG A 50 6.35 1.82 4.63
C ARG A 50 6.87 2.90 3.71
N ARG A 51 7.35 2.53 2.57
CA ARG A 51 7.84 3.53 1.60
C ARG A 51 6.70 4.51 1.28
N LEU A 52 5.50 4.02 1.18
CA LEU A 52 4.34 4.92 0.90
C LEU A 52 3.99 5.71 2.16
N GLU A 53 4.43 5.26 3.30
CA GLU A 53 4.13 6.01 4.55
C GLU A 53 4.87 7.34 4.56
N ARG A 54 6.17 7.30 4.37
CA ARG A 54 6.96 8.56 4.35
C ARG A 54 6.73 9.30 3.03
N GLN A 55 6.45 8.58 1.99
CA GLN A 55 6.21 9.24 0.66
C GLN A 55 5.08 8.55 -0.09
N GLY A 56 3.92 8.45 0.53
CA GLY A 56 2.77 7.78 -0.16
C GLY A 56 1.48 8.09 0.59
N PHE A 57 0.64 7.10 0.77
CA PHE A 57 -0.64 7.33 1.49
C PHE A 57 -0.96 6.15 2.41
N ILE A 58 -0.40 6.13 3.59
CA ILE A 58 -0.66 5.00 4.53
C ILE A 58 -0.94 5.53 5.94
N GLN A 59 -1.25 6.79 6.06
CA GLN A 59 -1.56 7.36 7.40
C GLN A 59 -2.95 6.90 7.84
N GLY A 60 -3.63 6.19 6.99
CA GLY A 60 -4.99 5.70 7.35
C GLY A 60 -5.20 4.31 6.75
N TYR A 61 -4.77 4.11 5.53
CA TYR A 61 -4.92 2.77 4.89
C TYR A 61 -4.34 1.69 5.79
N THR A 62 -3.19 1.16 5.47
CA THR A 62 -2.60 0.12 6.34
C THR A 62 -1.72 0.77 7.39
N ALA A 63 -2.03 2.00 7.75
CA ALA A 63 -1.21 2.69 8.78
C ALA A 63 -0.83 1.68 9.87
N LEU A 64 -1.67 0.71 10.10
CA LEU A 64 -1.37 -0.33 11.12
C LEU A 64 -0.02 -0.97 10.83
N LEU A 65 0.39 -0.93 9.60
CA LEU A 65 1.69 -1.53 9.22
C LEU A 65 2.77 -1.16 10.24
N ASN A 66 2.57 -0.11 10.97
CA ASN A 66 3.59 0.31 11.99
C ASN A 66 3.20 -0.22 13.37
#